data_6D7T
#
_entry.id   6D7T
#
_cell.length_a   1
_cell.length_b   1
_cell.length_c   1
_cell.angle_alpha   90.00
_cell.angle_beta   90.00
_cell.angle_gamma   90.00
#
_symmetry.space_group_name_H-M   'P 1'
#
loop_
_entity.id
_entity.type
_entity.pdbx_description
1 polymer 'Transient receptor potential cation channel subfamily V member 6'
2 non-polymer '2-aminoethyl diphenylborinate'
3 non-polymer 'CALCIUM ION'
#
_entity_poly.entity_id   1
_entity_poly.type   'polypeptide(L)'
_entity_poly.pdbx_seq_one_letter_code
;MGLSLPKEKGLILCLWSKFCRWFQRRESWAQSRDEQNLLQQKRIWESPLLLAAKDNDVQALNKLLKYEDCKVHQRGAMGE
TALHIAALYDNLEAAMVLMEAAPELVFEPMTSELYEGQTALHIAVVNQNMNLVRALLARRASVSARATGTAFRRSPCNLI
YFGEHPLSFAACVNSEEIVRLLIEHGADIRAQDSLGNTVLHILILQPNKTFACQMYNLLLSYDRHGDHLQPLDLVPNHQG
LTPFKLAGVEGNTVMFQHLMQKRKHTQWTYGPLTSTLYDLTEIDSSGDEQSLLELIITTKKREARQILDQTPVKELVSLK
WKRYGRPYFCMLGAIYLLYIICFTMCCIYRPLKPRTNNRTSPRDNTLLQQKLLQEAYMTPKDDIRLVGELVTVIGAIIIL
LVEVPDIFRMGVTRFFGQTILGGPFHVLIITYAFMVLVTMVMRLISASGEVVPMSFALVLGWCNVMAFARGFQMLGPFTI
MIQKMIFGDLMRFCWLMAVVILGFASAFYIIFQTEDPEELGHFYDYPMALFSTFELFLTIIDGPANYNVDLPFMYSITYA
AFAIIATLLMLNLLIAMMGDTHWRVAHERDELWRAQIVATTVMLERKLPRCLWPRSGICGREYGLGDRWFLRVEDRQDLN
RQRIQRYAQAFHTRGSEDLDKDSVEKLELGCPFSPHLSLPMPSVSRSTSRSSANWERLRQGTLRRDLRGIINRGLEDGES
WEYQILVPRGSAAAWSHPQFEK
;
_entity_poly.pdbx_strand_id   A,B,C,D
#
# COMPACT_ATOMS: atom_id res chain seq x y z
N SER A 28 -30.90 17.63 25.31
CA SER A 28 -30.16 18.88 25.27
C SER A 28 -29.67 19.26 26.66
N TRP A 29 -28.85 18.39 27.25
CA TRP A 29 -28.44 18.56 28.63
C TRP A 29 -27.28 19.52 28.78
N ALA A 30 -26.26 19.39 27.91
CA ALA A 30 -24.99 20.08 28.07
C ALA A 30 -25.09 21.59 27.92
N GLN A 31 -26.23 22.09 27.43
CA GLN A 31 -26.47 23.53 27.39
C GLN A 31 -26.48 24.13 28.79
N SER A 32 -27.02 23.39 29.76
CA SER A 32 -27.11 23.90 31.13
C SER A 32 -25.77 24.05 31.81
N ARG A 33 -24.73 23.36 31.31
CA ARG A 33 -23.38 23.56 31.80
C ARG A 33 -22.93 24.99 31.56
N ASP A 34 -23.07 25.43 30.34
CA ASP A 34 -22.60 26.72 29.89
C ASP A 34 -23.48 27.86 30.36
N GLU A 35 -24.79 27.63 30.46
CA GLU A 35 -25.71 28.68 30.92
C GLU A 35 -25.37 29.10 32.33
N GLN A 36 -25.08 28.14 33.19
CA GLN A 36 -24.64 28.41 34.53
C GLN A 36 -23.20 28.91 34.55
N ASN A 37 -22.40 28.56 33.55
CA ASN A 37 -21.02 29.00 33.60
C ASN A 37 -20.88 30.44 33.16
N LEU A 38 -21.78 30.92 32.31
CA LEU A 38 -21.81 32.36 32.12
C LEU A 38 -22.44 33.06 33.31
N LEU A 39 -23.31 32.35 34.04
CA LEU A 39 -23.91 32.93 35.23
C LEU A 39 -22.88 33.13 36.31
N GLN A 40 -21.81 32.32 36.31
CA GLN A 40 -20.61 32.63 37.07
C GLN A 40 -20.07 34.00 36.70
N GLN A 41 -19.93 34.25 35.41
CA GLN A 41 -19.43 35.54 34.99
C GLN A 41 -20.45 36.64 35.15
N LYS A 42 -21.71 36.30 35.37
CA LYS A 42 -22.71 37.30 35.69
C LYS A 42 -22.62 37.76 37.14
N ARG A 43 -22.48 36.82 38.06
CA ARG A 43 -22.53 37.16 39.48
C ARG A 43 -21.26 37.88 39.91
N ILE A 44 -20.12 37.57 39.30
CA ILE A 44 -18.91 38.32 39.61
C ILE A 44 -18.99 39.70 38.99
N TRP A 45 -19.78 39.84 37.93
CA TRP A 45 -19.86 41.13 37.26
C TRP A 45 -20.68 42.11 38.09
N GLU A 46 -21.77 41.65 38.68
CA GLU A 46 -22.57 42.55 39.51
C GLU A 46 -21.92 42.81 40.86
N SER A 47 -21.06 41.93 41.32
CA SER A 47 -20.59 42.08 42.68
C SER A 47 -19.24 42.76 42.70
N PRO A 48 -19.14 43.94 43.32
CA PRO A 48 -17.84 44.61 43.42
C PRO A 48 -16.87 43.90 44.33
N LEU A 49 -17.37 43.13 45.30
CA LEU A 49 -16.49 42.27 46.08
C LEU A 49 -15.93 41.16 45.19
N LEU A 50 -16.78 40.54 44.40
CA LEU A 50 -16.29 39.49 43.52
C LEU A 50 -15.57 40.08 42.32
N LEU A 51 -15.85 41.34 41.98
CA LEU A 51 -15.03 42.00 40.96
C LEU A 51 -13.60 42.14 41.43
N ALA A 52 -13.40 42.44 42.71
CA ALA A 52 -12.06 42.44 43.25
C ALA A 52 -11.56 41.03 43.53
N ALA A 53 -12.44 40.04 43.52
CA ALA A 53 -11.97 38.67 43.59
C ALA A 53 -11.50 38.17 42.25
N LYS A 54 -11.77 38.90 41.18
CA LYS A 54 -11.28 38.50 39.87
C LYS A 54 -9.78 38.70 39.79
N ASP A 55 -9.32 39.93 39.96
CA ASP A 55 -7.89 40.23 39.85
C ASP A 55 -7.37 40.73 41.19
N ASN A 56 -6.16 41.28 41.14
CA ASN A 56 -5.35 41.49 42.34
C ASN A 56 -5.68 42.85 42.95
N ASP A 57 -6.95 43.04 43.28
CA ASP A 57 -7.40 44.33 43.79
C ASP A 57 -7.48 44.31 45.32
N VAL A 58 -6.30 44.09 45.91
CA VAL A 58 -6.18 44.08 47.36
C VAL A 58 -6.33 45.49 47.92
N GLN A 59 -5.83 46.50 47.19
CA GLN A 59 -6.06 47.88 47.62
C GLN A 59 -7.52 48.28 47.41
N ALA A 60 -8.19 47.62 46.47
CA ALA A 60 -9.63 47.75 46.39
C ALA A 60 -10.32 46.78 47.34
N LEU A 61 -9.61 45.76 47.83
CA LEU A 61 -10.19 44.98 48.93
C LEU A 61 -10.14 45.78 50.22
N ASN A 62 -9.14 46.66 50.34
CA ASN A 62 -9.11 47.65 51.41
C ASN A 62 -10.34 48.56 51.32
N LYS A 63 -10.78 48.83 50.09
CA LYS A 63 -12.00 49.56 49.84
C LYS A 63 -13.25 48.71 50.05
N LEU A 64 -13.13 47.47 50.50
CA LEU A 64 -14.29 46.61 50.52
C LEU A 64 -14.64 46.05 51.89
N LEU A 65 -13.68 45.84 52.77
CA LEU A 65 -14.02 45.11 53.98
C LEU A 65 -13.80 45.92 55.24
N LYS A 66 -12.82 46.82 55.25
CA LYS A 66 -12.55 47.55 56.48
C LYS A 66 -13.52 48.70 56.66
N TYR A 67 -14.21 49.08 55.59
CA TYR A 67 -15.01 50.30 55.65
C TYR A 67 -16.42 49.99 56.14
N GLU A 68 -16.92 48.78 55.86
CA GLU A 68 -18.23 48.38 56.35
C GLU A 68 -18.30 46.87 56.52
N ASP A 69 -19.41 46.42 57.08
CA ASP A 69 -19.69 45.00 57.25
C ASP A 69 -20.46 44.51 56.04
N CYS A 70 -19.75 44.02 55.04
CA CYS A 70 -20.34 43.24 53.96
C CYS A 70 -20.52 41.81 54.43
N LYS A 71 -21.59 41.18 53.98
CA LYS A 71 -21.90 39.84 54.47
C LYS A 71 -20.93 38.82 53.87
N VAL A 72 -20.60 37.82 54.69
CA VAL A 72 -19.59 36.83 54.31
C VAL A 72 -20.14 35.74 53.42
N HIS A 73 -21.44 35.74 53.15
CA HIS A 73 -22.11 34.72 52.36
C HIS A 73 -22.56 35.25 51.02
N GLN A 74 -21.73 36.04 50.34
CA GLN A 74 -22.14 36.58 49.05
C GLN A 74 -22.01 35.46 48.03
N ARG A 75 -23.11 34.73 47.79
CA ARG A 75 -23.09 33.51 47.02
C ARG A 75 -23.10 33.83 45.53
N GLY A 76 -22.26 33.15 44.76
CA GLY A 76 -22.20 33.36 43.33
C GLY A 76 -23.29 32.65 42.56
N ALA A 77 -22.97 32.05 41.42
CA ALA A 77 -24.01 31.37 40.64
C ALA A 77 -24.34 30.02 41.26
N MET A 78 -23.34 29.17 41.50
CA MET A 78 -23.52 27.99 42.34
C MET A 78 -22.83 28.13 43.69
N GLY A 79 -22.92 29.31 44.30
CA GLY A 79 -22.64 29.43 45.70
C GLY A 79 -21.17 29.54 46.03
N GLU A 80 -20.56 30.62 45.57
CA GLU A 80 -19.15 30.81 45.79
C GLU A 80 -18.90 31.87 46.85
N THR A 81 -17.69 31.86 47.37
CA THR A 81 -17.18 32.97 48.14
C THR A 81 -15.87 33.42 47.53
N ALA A 82 -15.22 34.37 48.21
CA ALA A 82 -14.08 35.07 47.60
C ALA A 82 -12.88 34.18 47.45
N LEU A 83 -12.51 33.43 48.51
CA LEU A 83 -11.31 32.61 48.44
C LEU A 83 -11.49 31.43 47.49
N HIS A 84 -12.74 31.05 47.22
CA HIS A 84 -12.98 30.19 46.07
C HIS A 84 -12.57 30.89 44.79
N ILE A 85 -13.04 32.11 44.59
CA ILE A 85 -12.77 32.80 43.35
C ILE A 85 -11.32 33.23 43.26
N ALA A 86 -10.74 33.62 44.39
CA ALA A 86 -9.37 34.10 44.39
C ALA A 86 -8.38 33.00 44.09
N ALA A 87 -8.52 31.85 44.73
CA ALA A 87 -7.61 30.75 44.46
C ALA A 87 -7.86 30.15 43.08
N LEU A 88 -9.08 30.26 42.58
CA LEU A 88 -9.38 29.77 41.25
C LEU A 88 -8.73 30.67 40.20
N TYR A 89 -8.76 31.98 40.40
CA TYR A 89 -7.95 32.81 39.52
C TYR A 89 -6.57 33.11 40.10
N ASP A 90 -5.90 32.11 40.69
CA ASP A 90 -4.47 32.11 41.01
C ASP A 90 -4.03 33.32 41.85
N ASN A 91 -4.70 33.54 42.98
CA ASN A 91 -4.45 34.74 43.77
C ASN A 91 -4.38 34.40 45.26
N LEU A 92 -3.17 34.14 45.76
CA LEU A 92 -3.03 34.04 47.21
C LEU A 92 -3.13 35.42 47.86
N GLU A 93 -2.79 36.47 47.09
CA GLU A 93 -2.79 37.82 47.63
C GLU A 93 -4.21 38.30 47.93
N ALA A 94 -5.18 37.80 47.18
CA ALA A 94 -6.57 38.07 47.53
C ALA A 94 -7.06 37.05 48.55
N ALA A 95 -6.32 35.97 48.73
CA ALA A 95 -6.82 34.90 49.60
C ALA A 95 -6.54 35.19 51.07
N MET A 96 -5.42 35.83 51.38
CA MET A 96 -5.09 36.00 52.79
C MET A 96 -5.78 37.20 53.40
N VAL A 97 -6.31 38.10 52.58
CA VAL A 97 -6.87 39.31 53.15
C VAL A 97 -8.30 39.09 53.64
N LEU A 98 -8.94 38.01 53.22
CA LEU A 98 -10.22 37.68 53.80
C LEU A 98 -10.12 36.85 55.07
N MET A 99 -8.90 36.48 55.48
CA MET A 99 -8.75 35.55 56.58
C MET A 99 -9.08 36.20 57.91
N GLU A 100 -8.67 37.45 58.10
CA GLU A 100 -9.11 38.20 59.26
C GLU A 100 -10.54 38.68 59.06
N ALA A 101 -11.02 38.66 57.82
CA ALA A 101 -12.39 39.04 57.56
C ALA A 101 -13.35 37.88 57.82
N ALA A 102 -12.97 36.66 57.44
CA ALA A 102 -13.87 35.52 57.55
C ALA A 102 -13.08 34.23 57.56
N PRO A 103 -12.74 33.72 58.74
CA PRO A 103 -12.04 32.43 58.83
C PRO A 103 -12.94 31.23 58.61
N GLU A 104 -14.27 31.39 58.66
CA GLU A 104 -15.18 30.27 58.53
C GLU A 104 -15.49 29.92 57.09
N LEU A 105 -15.06 30.74 56.15
CA LEU A 105 -15.37 30.52 54.75
C LEU A 105 -14.52 29.42 54.13
N VAL A 106 -13.49 28.95 54.83
CA VAL A 106 -12.86 27.69 54.47
C VAL A 106 -13.84 26.55 54.68
N PHE A 107 -14.60 26.60 55.76
CA PHE A 107 -15.58 25.58 56.08
C PHE A 107 -16.84 25.66 55.22
N GLU A 108 -16.90 26.61 54.30
CA GLU A 108 -18.04 26.78 53.43
C GLU A 108 -17.73 26.16 52.07
N PRO A 109 -18.40 25.08 51.68
CA PRO A 109 -18.17 24.50 50.35
C PRO A 109 -19.05 25.15 49.29
N MET A 110 -18.70 24.88 48.04
CA MET A 110 -19.53 25.33 46.92
C MET A 110 -20.81 24.53 46.88
N THR A 111 -21.88 25.18 46.46
CA THR A 111 -23.20 24.78 46.92
C THR A 111 -23.70 23.48 46.31
N SER A 112 -23.95 23.44 45.00
CA SER A 112 -24.70 22.30 44.50
C SER A 112 -24.57 22.17 42.99
N GLU A 113 -25.14 21.07 42.51
CA GLU A 113 -25.65 20.72 41.18
C GLU A 113 -24.57 20.55 40.12
N LEU A 114 -23.43 21.08 40.34
CA LEU A 114 -22.25 20.70 39.59
C LEU A 114 -21.08 20.43 40.51
N TYR A 115 -20.94 21.22 41.57
CA TYR A 115 -19.77 21.24 42.43
C TYR A 115 -20.31 21.09 43.84
N GLU A 116 -20.58 19.86 44.24
CA GLU A 116 -21.30 19.58 45.47
C GLU A 116 -20.29 19.25 46.54
N GLY A 117 -19.91 20.27 47.31
CA GLY A 117 -18.92 20.07 48.33
C GLY A 117 -17.52 20.48 47.93
N GLN A 118 -17.39 21.35 46.96
CA GLN A 118 -16.06 21.79 46.57
C GLN A 118 -15.62 22.93 47.46
N THR A 119 -14.43 22.80 48.03
CA THR A 119 -13.88 23.88 48.84
C THR A 119 -12.58 24.37 48.24
N ALA A 120 -12.03 25.40 48.86
CA ALA A 120 -10.81 26.02 48.40
C ALA A 120 -9.61 25.10 48.50
N LEU A 121 -9.65 24.14 49.42
CA LEU A 121 -8.59 23.15 49.51
C LEU A 121 -8.51 22.31 48.26
N HIS A 122 -9.65 22.01 47.66
CA HIS A 122 -9.63 21.20 46.46
C HIS A 122 -9.06 21.95 45.28
N ILE A 123 -9.41 23.24 45.13
CA ILE A 123 -8.86 23.97 44.01
C ILE A 123 -7.46 24.47 44.33
N ALA A 124 -7.03 24.34 45.58
CA ALA A 124 -5.67 24.71 45.95
C ALA A 124 -4.65 23.87 45.21
N VAL A 125 -4.89 22.58 45.13
CA VAL A 125 -3.92 21.69 44.50
C VAL A 125 -4.14 21.65 43.00
N VAL A 126 -5.23 22.25 42.52
CA VAL A 126 -5.47 22.30 41.09
C VAL A 126 -4.46 23.19 40.41
N ASN A 127 -4.05 24.26 41.07
CA ASN A 127 -3.13 25.24 40.51
C ASN A 127 -1.68 24.93 40.86
N GLN A 128 -1.40 23.67 41.19
CA GLN A 128 -0.12 23.01 41.47
C GLN A 128 0.53 23.42 42.78
N ASN A 129 0.22 24.63 43.27
CA ASN A 129 0.58 25.23 44.55
C ASN A 129 0.05 26.65 44.49
N MET A 130 0.02 27.32 45.64
CA MET A 130 0.34 28.73 45.68
C MET A 130 1.08 29.12 46.96
N ASN A 131 1.47 28.13 47.79
CA ASN A 131 1.78 28.17 49.21
C ASN A 131 0.56 28.57 50.04
N LEU A 132 -0.61 28.57 49.39
CA LEU A 132 -1.86 28.76 50.10
C LEU A 132 -2.23 27.49 50.82
N VAL A 133 -1.62 26.38 50.41
CA VAL A 133 -1.90 25.07 50.98
C VAL A 133 -1.45 25.02 52.43
N ARG A 134 -0.34 25.66 52.76
CA ARG A 134 -0.03 25.85 54.17
C ARG A 134 -0.92 26.92 54.75
N ALA A 135 -1.29 27.90 53.92
CA ALA A 135 -1.96 29.09 54.44
C ALA A 135 -3.44 28.83 54.72
N LEU A 136 -4.10 27.99 53.93
CA LEU A 136 -5.46 27.67 54.33
C LEU A 136 -5.45 26.57 55.37
N LEU A 137 -4.33 25.84 55.48
CA LEU A 137 -4.19 24.93 56.61
C LEU A 137 -3.83 25.68 57.89
N ALA A 138 -3.46 26.95 57.78
CA ALA A 138 -3.36 27.78 58.96
C ALA A 138 -4.73 28.11 59.54
N ARG A 139 -5.80 27.94 58.76
CA ARG A 139 -7.13 27.90 59.30
C ARG A 139 -7.65 26.48 59.47
N ARG A 140 -6.75 25.50 59.61
CA ARG A 140 -6.99 24.07 59.86
C ARG A 140 -8.13 23.53 58.98
N ALA A 141 -7.87 23.62 57.68
CA ALA A 141 -8.83 23.16 56.67
C ALA A 141 -8.98 21.64 56.74
N SER A 142 -10.14 21.17 56.30
CA SER A 142 -10.49 19.76 56.43
C SER A 142 -10.24 19.04 55.12
N VAL A 143 -9.39 18.01 55.16
CA VAL A 143 -9.23 17.13 54.01
C VAL A 143 -10.33 16.09 53.92
N SER A 144 -11.24 16.06 54.89
CA SER A 144 -12.38 15.17 54.83
C SER A 144 -13.50 15.71 53.97
N ALA A 145 -13.31 16.85 53.34
CA ALA A 145 -14.29 17.39 52.43
C ALA A 145 -14.35 16.55 51.16
N ARG A 146 -15.57 16.19 50.76
CA ARG A 146 -15.79 15.36 49.60
C ARG A 146 -16.63 16.11 48.58
N ALA A 147 -16.04 16.41 47.43
CA ALA A 147 -16.72 17.17 46.38
C ALA A 147 -17.27 16.19 45.34
N THR A 148 -18.45 15.64 45.65
CA THR A 148 -19.06 14.62 44.83
C THR A 148 -19.98 15.18 43.75
N GLY A 149 -19.74 16.41 43.29
CA GLY A 149 -20.62 17.06 42.35
C GLY A 149 -20.63 16.45 40.98
N THR A 150 -21.41 17.10 40.10
CA THR A 150 -21.76 16.53 38.80
C THR A 150 -20.54 16.39 37.92
N ALA A 151 -19.73 17.44 37.87
CA ALA A 151 -18.54 17.43 37.03
C ALA A 151 -17.41 16.59 37.60
N PHE A 152 -17.58 15.96 38.75
CA PHE A 152 -16.45 15.27 39.35
C PHE A 152 -16.47 13.76 39.18
N ARG A 153 -17.58 13.17 38.74
CA ARG A 153 -17.54 11.73 38.53
C ARG A 153 -17.13 11.44 37.09
N ARG A 154 -16.66 10.21 36.88
CA ARG A 154 -16.21 9.71 35.61
C ARG A 154 -17.33 9.67 34.60
N SER A 155 -17.21 10.46 33.53
CA SER A 155 -18.22 10.54 32.49
C SER A 155 -17.56 11.10 31.25
N PRO A 156 -17.98 10.68 30.05
CA PRO A 156 -17.45 11.31 28.84
C PRO A 156 -17.89 12.74 28.64
N CYS A 157 -18.91 13.21 29.35
CA CYS A 157 -19.25 14.62 29.30
C CYS A 157 -18.28 15.49 30.09
N ASN A 158 -17.48 14.91 30.97
CA ASN A 158 -16.45 15.64 31.69
C ASN A 158 -15.09 15.24 31.12
N LEU A 159 -14.29 16.23 30.75
CA LEU A 159 -13.03 15.91 30.09
C LEU A 159 -11.93 15.50 31.06
N ILE A 160 -12.25 15.36 32.34
CA ILE A 160 -11.26 15.06 33.38
C ILE A 160 -11.93 14.22 34.45
N TYR A 161 -11.10 13.58 35.28
CA TYR A 161 -11.62 12.78 36.37
C TYR A 161 -10.62 12.82 37.51
N PHE A 162 -11.11 13.06 38.71
CA PHE A 162 -10.24 13.36 39.82
C PHE A 162 -10.59 12.72 41.14
N GLY A 163 -11.78 12.14 41.29
CA GLY A 163 -12.20 11.73 42.61
C GLY A 163 -12.79 12.89 43.36
N GLU A 164 -12.78 12.86 44.68
CA GLU A 164 -13.29 14.02 45.41
C GLU A 164 -12.49 14.37 46.65
N HIS A 165 -11.59 13.51 47.08
CA HIS A 165 -10.81 13.96 48.22
C HIS A 165 -9.67 14.85 47.73
N PRO A 166 -9.13 15.77 48.55
CA PRO A 166 -8.08 16.65 48.04
C PRO A 166 -6.78 15.94 47.76
N LEU A 167 -6.45 14.92 48.54
CA LEU A 167 -5.26 14.15 48.23
C LEU A 167 -5.45 13.33 46.96
N SER A 168 -6.71 13.01 46.64
CA SER A 168 -6.98 12.38 45.37
C SER A 168 -6.73 13.33 44.22
N PHE A 169 -6.84 14.62 44.46
CA PHE A 169 -6.59 15.54 43.36
C PHE A 169 -5.10 15.73 43.19
N ALA A 170 -4.37 15.72 44.31
CA ALA A 170 -2.95 16.00 44.27
C ALA A 170 -2.17 14.88 43.61
N ALA A 171 -2.70 13.67 43.62
CA ALA A 171 -2.07 12.60 42.87
C ALA A 171 -2.19 12.83 41.38
N CYS A 172 -3.28 13.45 40.96
CA CYS A 172 -3.48 13.67 39.53
C CYS A 172 -2.57 14.76 39.01
N VAL A 173 -2.37 15.81 39.81
CA VAL A 173 -1.63 16.97 39.32
C VAL A 173 -0.14 16.77 39.31
N ASN A 174 0.34 15.67 39.90
CA ASN A 174 1.76 15.32 40.02
C ASN A 174 2.54 16.43 40.73
N SER A 175 2.13 16.72 41.95
CA SER A 175 2.80 17.72 42.78
C SER A 175 3.25 17.04 44.06
N GLU A 176 4.57 16.95 44.25
CA GLU A 176 5.17 15.99 45.16
C GLU A 176 4.94 16.34 46.62
N GLU A 177 5.57 17.41 47.09
CA GLU A 177 5.53 17.76 48.51
C GLU A 177 4.16 18.23 48.95
N ILE A 178 3.31 18.61 48.00
CA ILE A 178 1.91 18.89 48.27
C ILE A 178 1.24 17.66 48.85
N VAL A 179 1.51 16.50 48.25
CA VAL A 179 1.04 15.23 48.80
C VAL A 179 1.66 14.98 50.15
N ARG A 180 2.94 15.32 50.30
CA ARG A 180 3.61 15.17 51.59
C ARG A 180 3.05 16.14 52.63
N LEU A 181 2.50 17.25 52.18
CA LEU A 181 2.08 18.27 53.13
C LEU A 181 0.81 17.88 53.85
N LEU A 182 -0.16 17.35 53.12
CA LEU A 182 -1.46 17.10 53.72
C LEU A 182 -1.50 15.82 54.53
N ILE A 183 -0.66 14.85 54.21
CA ILE A 183 -0.56 13.65 55.03
C ILE A 183 0.12 13.98 56.35
N GLU A 184 0.92 15.04 56.37
CA GLU A 184 1.44 15.62 57.61
C GLU A 184 0.44 16.50 58.30
N HIS A 185 -0.79 16.57 57.80
CA HIS A 185 -1.84 17.31 58.50
C HIS A 185 -3.14 16.54 58.57
N GLY A 186 -3.08 15.21 58.45
CA GLY A 186 -4.21 14.38 58.76
C GLY A 186 -4.93 13.80 57.57
N ALA A 187 -4.27 13.65 56.43
CA ALA A 187 -4.94 13.10 55.26
C ALA A 187 -5.07 11.59 55.39
N ASP A 188 -6.25 11.09 55.04
CA ASP A 188 -6.45 9.65 54.98
C ASP A 188 -6.33 9.14 53.56
N ILE A 189 -5.37 8.26 53.34
CA ILE A 189 -5.16 7.69 52.02
C ILE A 189 -6.18 6.60 51.72
N ARG A 190 -6.66 5.90 52.75
CA ARG A 190 -7.60 4.80 52.55
C ARG A 190 -9.01 5.26 52.21
N ALA A 191 -9.26 6.55 52.09
CA ALA A 191 -10.60 7.04 51.77
C ALA A 191 -11.00 6.67 50.35
N GLN A 192 -12.29 6.49 50.14
CA GLN A 192 -12.82 5.98 48.88
C GLN A 192 -13.82 6.94 48.30
N ASP A 193 -14.04 6.83 46.98
CA ASP A 193 -14.82 7.81 46.24
C ASP A 193 -16.32 7.47 46.36
N SER A 194 -17.12 8.05 45.47
CA SER A 194 -18.52 7.65 45.36
C SER A 194 -18.68 6.21 44.90
N LEU A 195 -17.76 5.71 44.07
CA LEU A 195 -17.83 4.35 43.58
C LEU A 195 -17.06 3.36 44.45
N GLY A 196 -16.44 3.82 45.52
CA GLY A 196 -15.59 2.97 46.34
C GLY A 196 -14.15 2.91 45.91
N ASN A 197 -13.81 3.53 44.79
CA ASN A 197 -12.41 3.63 44.38
C ASN A 197 -11.65 4.54 45.34
N THR A 198 -10.52 4.06 45.82
CA THR A 198 -9.64 4.92 46.59
C THR A 198 -8.81 5.80 45.68
N VAL A 199 -7.90 6.55 46.30
CA VAL A 199 -7.00 7.45 45.59
C VAL A 199 -6.08 6.69 44.65
N LEU A 200 -5.81 5.42 44.94
CA LEU A 200 -4.91 4.65 44.11
C LEU A 200 -5.55 4.34 42.76
N HIS A 201 -6.87 4.16 42.72
CA HIS A 201 -7.55 4.01 41.44
C HIS A 201 -7.48 5.29 40.63
N ILE A 202 -7.46 6.42 41.31
CA ILE A 202 -7.54 7.69 40.62
C ILE A 202 -6.23 7.97 39.91
N LEU A 203 -5.13 7.47 40.46
CA LEU A 203 -3.86 7.59 39.78
C LEU A 203 -3.82 6.73 38.52
N ILE A 204 -4.58 5.63 38.51
CA ILE A 204 -4.58 4.73 37.35
C ILE A 204 -5.25 5.38 36.17
N LEU A 205 -6.34 6.09 36.39
CA LEU A 205 -7.13 6.62 35.30
C LEU A 205 -6.63 7.97 34.81
N GLN A 206 -5.36 8.26 35.00
CA GLN A 206 -4.93 9.50 34.39
C GLN A 206 -4.34 9.24 33.02
N PRO A 207 -4.74 10.05 32.04
CA PRO A 207 -4.25 9.85 30.68
C PRO A 207 -2.81 10.26 30.49
N ASN A 208 -2.26 11.06 31.39
CA ASN A 208 -0.82 11.22 31.44
C ASN A 208 -0.26 10.12 32.33
N LYS A 209 0.29 9.08 31.71
CA LYS A 209 0.37 7.78 32.36
C LYS A 209 1.71 7.59 33.08
N THR A 210 2.81 7.65 32.34
CA THR A 210 4.12 7.56 32.96
C THR A 210 4.46 8.79 33.80
N PHE A 211 3.86 9.94 33.48
CA PHE A 211 4.13 11.15 34.25
C PHE A 211 3.49 11.08 35.62
N ALA A 212 2.47 10.27 35.77
CA ALA A 212 1.86 10.01 37.07
C ALA A 212 2.35 8.71 37.68
N CYS A 213 3.16 7.94 36.95
CA CYS A 213 3.60 6.64 37.46
C CYS A 213 4.52 6.79 38.64
N GLN A 214 5.26 7.90 38.72
CA GLN A 214 6.22 8.08 39.80
C GLN A 214 5.53 8.31 41.13
N MET A 215 4.24 8.62 41.11
CA MET A 215 3.54 8.79 42.37
C MET A 215 2.83 7.53 42.81
N TYR A 216 3.03 6.42 42.12
CA TYR A 216 2.48 5.19 42.65
C TYR A 216 3.19 4.75 43.91
N ASN A 217 4.50 4.51 43.81
CA ASN A 217 5.26 4.00 44.93
C ASN A 217 5.39 5.03 46.05
N LEU A 218 5.25 6.32 45.73
CA LEU A 218 5.16 7.33 46.77
C LEU A 218 3.91 7.14 47.60
N LEU A 219 2.79 6.82 46.96
CA LEU A 219 1.61 6.52 47.75
C LEU A 219 1.63 5.10 48.31
N LEU A 220 2.50 4.22 47.82
CA LEU A 220 2.75 3.01 48.59
C LEU A 220 3.58 3.31 49.81
N SER A 221 4.37 4.39 49.79
CA SER A 221 5.35 4.62 50.83
C SER A 221 4.70 5.04 52.13
N TYR A 222 3.43 5.40 52.11
CA TYR A 222 2.70 5.75 53.32
C TYR A 222 1.67 4.71 53.68
N ASP A 223 1.98 3.45 53.43
CA ASP A 223 1.15 2.32 53.82
C ASP A 223 1.33 1.95 55.28
N ARG A 224 2.37 2.50 55.94
CA ARG A 224 3.13 1.88 57.03
C ARG A 224 2.33 1.09 58.05
N HIS A 225 1.19 1.60 58.48
CA HIS A 225 0.34 0.87 59.41
C HIS A 225 -0.39 -0.21 58.64
N GLY A 226 0.09 -1.44 58.76
CA GLY A 226 -0.56 -2.56 58.12
C GLY A 226 -1.89 -2.87 58.77
N ASP A 227 -2.97 -2.51 58.10
CA ASP A 227 -4.30 -2.85 58.58
C ASP A 227 -4.52 -4.34 58.39
N HIS A 228 -5.40 -4.92 59.21
CA HIS A 228 -5.61 -6.36 59.18
C HIS A 228 -6.36 -6.81 57.94
N LEU A 229 -7.04 -5.90 57.24
CA LEU A 229 -7.80 -6.26 56.04
C LEU A 229 -6.96 -6.12 54.77
N GLN A 230 -6.43 -4.93 54.52
CA GLN A 230 -5.61 -4.70 53.36
C GLN A 230 -4.46 -3.77 53.71
N PRO A 231 -3.34 -3.92 53.04
CA PRO A 231 -2.42 -2.79 52.88
C PRO A 231 -2.75 -1.99 51.63
N LEU A 232 -4.02 -1.64 51.44
CA LEU A 232 -4.55 -0.67 50.47
C LEU A 232 -4.42 -1.08 48.99
N ASP A 233 -3.56 -2.03 48.67
CA ASP A 233 -3.35 -2.37 47.27
C ASP A 233 -4.17 -3.58 46.88
N LEU A 234 -5.07 -4.00 47.76
CA LEU A 234 -6.01 -5.06 47.47
C LEU A 234 -7.44 -4.59 47.65
N VAL A 235 -7.64 -3.28 47.63
CA VAL A 235 -8.95 -2.70 47.95
C VAL A 235 -9.85 -2.86 46.74
N PRO A 236 -11.02 -3.47 46.89
CA PRO A 236 -11.98 -3.51 45.79
C PRO A 236 -12.85 -2.26 45.81
N ASN A 237 -13.46 -2.00 44.67
CA ASN A 237 -14.47 -0.97 44.55
C ASN A 237 -15.86 -1.59 44.56
N HIS A 238 -16.87 -0.77 44.34
CA HIS A 238 -18.22 -1.31 44.31
C HIS A 238 -18.57 -1.99 43.01
N GLN A 239 -17.65 -2.04 42.05
CA GLN A 239 -17.75 -3.01 40.97
C GLN A 239 -16.75 -4.12 41.16
N GLY A 240 -16.08 -4.17 42.30
CA GLY A 240 -15.23 -5.30 42.65
C GLY A 240 -13.94 -5.36 41.87
N LEU A 241 -13.19 -4.26 41.84
CA LEU A 241 -11.93 -4.21 41.09
C LEU A 241 -10.84 -3.65 41.99
N THR A 242 -9.97 -4.53 42.44
CA THR A 242 -8.67 -4.14 42.95
C THR A 242 -7.90 -3.40 41.86
N PRO A 243 -7.26 -2.27 42.19
CA PRO A 243 -6.66 -1.42 41.15
C PRO A 243 -5.48 -2.03 40.42
N PHE A 244 -5.05 -3.24 40.75
CA PHE A 244 -4.20 -3.95 39.83
C PHE A 244 -4.91 -4.20 38.51
N LYS A 245 -5.96 -5.02 38.54
CA LYS A 245 -6.62 -5.42 37.33
C LYS A 245 -7.44 -4.30 36.73
N LEU A 246 -7.74 -3.26 37.52
CA LEU A 246 -8.39 -2.08 36.97
C LEU A 246 -7.49 -1.38 35.97
N ALA A 247 -6.18 -1.44 36.19
CA ALA A 247 -5.25 -0.98 35.19
C ALA A 247 -5.28 -1.88 33.97
N GLY A 248 -5.52 -3.17 34.17
CA GLY A 248 -5.62 -4.07 33.03
C GLY A 248 -6.88 -3.84 32.24
N VAL A 249 -8.02 -3.70 32.93
CA VAL A 249 -9.29 -3.59 32.23
C VAL A 249 -9.43 -2.22 31.60
N GLU A 250 -8.65 -1.26 32.05
CA GLU A 250 -8.55 -0.03 31.30
C GLU A 250 -7.41 -0.07 30.30
N GLY A 251 -6.39 -0.87 30.57
CA GLY A 251 -5.31 -0.99 29.62
C GLY A 251 -4.24 0.05 29.78
N ASN A 252 -3.95 0.46 31.01
CA ASN A 252 -2.84 1.36 31.27
C ASN A 252 -1.61 0.47 31.30
N THR A 253 -1.02 0.33 30.10
CA THR A 253 -0.06 -0.74 29.83
C THR A 253 1.25 -0.50 30.56
N VAL A 254 1.76 0.72 30.49
CA VAL A 254 3.07 0.98 31.08
C VAL A 254 2.95 1.05 32.59
N MET A 255 1.79 1.43 33.09
CA MET A 255 1.58 1.39 34.53
C MET A 255 1.42 -0.04 35.01
N PHE A 256 0.89 -0.91 34.16
CA PHE A 256 0.76 -2.30 34.50
C PHE A 256 2.09 -2.97 34.74
N GLN A 257 3.10 -2.61 33.95
CA GLN A 257 4.41 -3.23 34.15
C GLN A 257 5.04 -2.76 35.43
N HIS A 258 5.02 -1.45 35.69
CA HIS A 258 5.55 -0.92 36.93
C HIS A 258 4.80 -1.45 38.14
N LEU A 259 3.52 -1.71 37.98
CA LEU A 259 2.78 -2.39 39.01
C LEU A 259 3.16 -3.86 39.10
N MET A 260 3.59 -4.47 38.00
CA MET A 260 3.89 -5.88 38.01
C MET A 260 5.18 -6.18 38.75
N GLN A 261 6.16 -5.28 38.67
CA GLN A 261 7.54 -5.61 39.01
C GLN A 261 7.71 -5.86 40.50
N LYS A 262 6.90 -5.22 41.34
CA LYS A 262 6.97 -5.52 42.76
C LYS A 262 6.33 -6.86 43.06
N ARG A 263 5.43 -7.31 42.18
CA ARG A 263 4.68 -8.51 42.49
C ARG A 263 5.40 -9.75 41.99
N LYS A 264 6.29 -9.59 41.01
CA LYS A 264 7.03 -10.75 40.54
C LYS A 264 8.15 -11.08 41.52
N HIS A 265 8.46 -12.36 41.61
CA HIS A 265 9.43 -12.84 42.58
C HIS A 265 10.58 -13.47 41.82
N THR A 266 11.63 -12.71 41.59
CA THR A 266 12.72 -13.19 40.75
C THR A 266 13.61 -14.17 41.52
N GLN A 267 13.90 -15.27 40.87
CA GLN A 267 14.87 -16.24 41.35
C GLN A 267 16.23 -15.94 40.73
N TRP A 268 17.09 -16.94 40.73
CA TRP A 268 18.46 -16.86 40.22
C TRP A 268 18.54 -16.38 38.79
N THR A 269 19.58 -15.57 38.55
CA THR A 269 19.93 -15.06 37.24
C THR A 269 21.16 -15.80 36.75
N TYR A 270 21.14 -16.19 35.48
CA TYR A 270 22.22 -17.00 34.92
C TYR A 270 22.73 -16.26 33.69
N GLY A 271 23.61 -15.31 33.93
CA GLY A 271 24.22 -14.53 32.88
C GLY A 271 23.21 -13.75 32.07
N PRO A 272 23.08 -14.10 30.79
CA PRO A 272 22.08 -13.46 29.96
C PRO A 272 20.66 -13.86 30.28
N LEU A 273 20.45 -15.07 30.81
CA LEU A 273 19.11 -15.50 31.12
C LEU A 273 18.81 -15.26 32.58
N THR A 274 17.52 -15.26 32.91
CA THR A 274 17.06 -15.06 34.27
C THR A 274 15.79 -15.85 34.46
N SER A 275 15.78 -16.71 35.47
CA SER A 275 14.61 -17.54 35.74
C SER A 275 13.77 -16.84 36.79
N THR A 276 13.13 -15.74 36.38
CA THR A 276 12.21 -15.10 37.29
C THR A 276 10.92 -15.90 37.37
N LEU A 277 10.07 -15.54 38.32
CA LEU A 277 8.91 -16.33 38.69
C LEU A 277 7.75 -15.41 39.00
N TYR A 278 6.73 -15.44 38.16
CA TYR A 278 5.62 -14.51 38.26
C TYR A 278 4.56 -15.00 39.23
N ASP A 279 3.76 -14.06 39.72
CA ASP A 279 2.93 -14.28 40.90
C ASP A 279 1.72 -15.14 40.59
N LEU A 280 0.87 -14.69 39.68
CA LEU A 280 -0.28 -15.44 39.16
C LEU A 280 -1.27 -15.82 40.26
N THR A 281 -1.86 -14.81 40.89
CA THR A 281 -2.88 -15.08 41.89
C THR A 281 -4.27 -14.83 41.32
N GLU A 282 -4.52 -13.64 40.83
CA GLU A 282 -5.78 -13.22 40.26
C GLU A 282 -5.78 -13.29 38.75
N ILE A 283 -4.65 -13.64 38.16
CA ILE A 283 -4.54 -13.61 36.71
C ILE A 283 -5.34 -14.73 36.08
N ASP A 284 -5.03 -15.97 36.45
CA ASP A 284 -5.76 -17.11 35.93
C ASP A 284 -7.16 -17.15 36.55
N SER A 285 -8.04 -17.88 35.88
CA SER A 285 -9.35 -18.15 36.42
C SER A 285 -9.25 -19.01 37.67
N SER A 286 -9.85 -18.51 38.74
CA SER A 286 -10.01 -19.23 39.99
C SER A 286 -11.50 -19.19 40.27
N GLY A 287 -11.92 -19.45 41.50
CA GLY A 287 -13.33 -19.66 41.78
C GLY A 287 -14.22 -18.43 41.63
N ASP A 288 -14.32 -17.95 40.39
CA ASP A 288 -15.26 -16.95 39.90
C ASP A 288 -15.21 -15.64 40.65
N GLU A 289 -14.01 -15.16 40.97
CA GLU A 289 -13.95 -13.89 41.71
C GLU A 289 -13.81 -12.70 40.78
N GLN A 290 -14.41 -12.74 39.58
CA GLN A 290 -14.15 -11.83 38.48
C GLN A 290 -12.66 -11.77 38.20
N SER A 291 -12.11 -12.90 37.74
CA SER A 291 -10.69 -13.02 37.46
C SER A 291 -10.27 -12.13 36.30
N LEU A 292 -8.94 -12.04 36.10
CA LEU A 292 -8.37 -11.04 35.21
C LEU A 292 -8.75 -11.27 33.76
N LEU A 293 -8.50 -12.47 33.26
CA LEU A 293 -8.53 -12.76 31.83
C LEU A 293 -9.89 -12.54 31.20
N GLU A 294 -10.97 -12.85 31.91
CA GLU A 294 -12.28 -12.59 31.37
C GLU A 294 -12.59 -11.10 31.29
N LEU A 295 -11.91 -10.28 32.07
CA LEU A 295 -12.16 -8.86 32.05
C LEU A 295 -11.46 -8.14 30.92
N ILE A 296 -10.35 -8.65 30.40
CA ILE A 296 -9.79 -8.05 29.20
C ILE A 296 -10.65 -8.40 28.01
N ILE A 297 -11.33 -9.54 28.08
CA ILE A 297 -12.27 -9.91 27.02
C ILE A 297 -13.49 -9.02 27.07
N THR A 298 -14.22 -9.06 28.18
CA THR A 298 -15.55 -8.48 28.25
C THR A 298 -15.55 -6.95 28.33
N THR A 299 -14.39 -6.30 28.38
CA THR A 299 -14.42 -4.86 28.25
C THR A 299 -14.65 -4.45 26.80
N LYS A 300 -14.80 -3.15 26.61
CA LYS A 300 -15.05 -2.60 25.30
C LYS A 300 -13.95 -1.72 24.77
N LYS A 301 -13.05 -1.23 25.63
CA LYS A 301 -12.06 -0.28 25.18
C LYS A 301 -10.89 -1.00 24.53
N ARG A 302 -10.72 -0.79 23.22
CA ARG A 302 -9.86 -1.69 22.47
C ARG A 302 -8.39 -1.37 22.65
N GLU A 303 -8.06 -0.36 23.45
CA GLU A 303 -6.67 -0.21 23.81
C GLU A 303 -6.28 -1.16 24.94
N ALA A 304 -7.26 -1.77 25.61
CA ALA A 304 -6.98 -2.67 26.72
C ALA A 304 -6.43 -4.01 26.27
N ARG A 305 -6.78 -4.47 25.08
CA ARG A 305 -6.36 -5.79 24.60
C ARG A 305 -4.86 -5.90 24.40
N GLN A 306 -4.14 -4.77 24.33
CA GLN A 306 -2.69 -4.81 24.29
C GLN A 306 -2.05 -5.18 25.62
N ILE A 307 -2.84 -5.48 26.65
CA ILE A 307 -2.24 -6.04 27.85
C ILE A 307 -1.83 -7.49 27.60
N LEU A 308 -2.34 -8.10 26.54
CA LEU A 308 -1.90 -9.43 26.16
C LEU A 308 -0.47 -9.44 25.65
N ASP A 309 0.06 -8.29 25.24
CA ASP A 309 1.45 -8.25 24.84
C ASP A 309 2.41 -8.04 26.01
N GLN A 310 2.00 -8.34 27.23
CA GLN A 310 2.89 -8.13 28.36
C GLN A 310 3.45 -9.44 28.87
N THR A 311 4.65 -9.37 29.43
CA THR A 311 5.53 -10.49 29.70
C THR A 311 4.99 -11.66 30.54
N PRO A 312 4.12 -11.49 31.55
CA PRO A 312 3.65 -12.71 32.21
C PRO A 312 2.46 -13.30 31.50
N VAL A 313 1.79 -12.52 30.65
CA VAL A 313 0.46 -12.89 30.22
C VAL A 313 0.47 -13.64 28.90
N LYS A 314 1.30 -13.20 27.94
CA LYS A 314 1.28 -13.81 26.61
C LYS A 314 1.79 -15.24 26.65
N GLU A 315 2.70 -15.53 27.57
CA GLU A 315 3.29 -16.86 27.59
C GLU A 315 2.41 -17.76 28.44
N LEU A 316 1.67 -17.15 29.37
CA LEU A 316 0.71 -17.89 30.18
C LEU A 316 -0.40 -18.45 29.32
N VAL A 317 -0.96 -17.63 28.43
CA VAL A 317 -2.03 -18.13 27.58
C VAL A 317 -1.50 -19.05 26.52
N SER A 318 -0.19 -18.96 26.22
CA SER A 318 0.41 -19.89 25.29
C SER A 318 0.39 -21.30 25.84
N LEU A 319 0.84 -21.47 27.08
CA LEU A 319 0.80 -22.79 27.70
C LEU A 319 -0.62 -23.24 27.95
N LYS A 320 -1.54 -22.31 28.17
CA LYS A 320 -2.94 -22.69 28.18
C LYS A 320 -3.45 -23.04 26.80
N TRP A 321 -2.76 -22.62 25.75
CA TRP A 321 -3.18 -22.99 24.41
C TRP A 321 -2.35 -24.10 23.81
N LYS A 322 -1.07 -24.19 24.14
CA LYS A 322 -0.27 -25.26 23.57
C LYS A 322 -0.64 -26.60 24.20
N ARG A 323 -0.48 -26.71 25.52
CA ARG A 323 -0.86 -27.95 26.18
C ARG A 323 -2.29 -27.85 26.66
N TYR A 324 -3.07 -28.87 26.30
CA TYR A 324 -4.52 -28.98 26.44
C TYR A 324 -5.26 -27.68 26.16
N GLY A 325 -4.87 -27.03 25.08
CA GLY A 325 -5.60 -25.91 24.54
C GLY A 325 -6.35 -26.38 23.32
N ARG A 326 -5.74 -26.15 22.15
CA ARG A 326 -6.33 -26.63 20.90
C ARG A 326 -6.63 -28.13 20.82
N PRO A 327 -5.81 -29.09 21.32
CA PRO A 327 -6.18 -30.48 21.07
C PRO A 327 -7.36 -30.95 21.89
N TYR A 328 -7.74 -30.23 22.94
CA TYR A 328 -9.01 -30.52 23.56
C TYR A 328 -10.05 -29.51 23.13
N PHE A 329 -9.63 -28.50 22.38
CA PHE A 329 -10.57 -27.66 21.67
C PHE A 329 -10.98 -28.25 20.34
N CYS A 330 -9.99 -28.57 19.50
CA CYS A 330 -10.25 -29.16 18.19
C CYS A 330 -10.90 -30.53 18.30
N MET A 331 -10.70 -31.24 19.41
CA MET A 331 -11.48 -32.44 19.68
C MET A 331 -12.96 -32.12 19.78
N LEU A 332 -13.31 -31.01 20.44
CA LEU A 332 -14.71 -30.59 20.41
C LEU A 332 -15.09 -30.12 19.04
N GLY A 333 -14.14 -29.61 18.27
CA GLY A 333 -14.40 -29.36 16.87
C GLY A 333 -14.59 -30.64 16.10
N ALA A 334 -13.82 -31.67 16.45
CA ALA A 334 -13.84 -32.90 15.68
C ALA A 334 -15.15 -33.64 15.84
N ILE A 335 -15.76 -33.60 17.01
CA ILE A 335 -17.07 -34.23 17.15
C ILE A 335 -18.13 -33.37 16.49
N TYR A 336 -17.85 -32.08 16.35
CA TYR A 336 -18.89 -31.16 15.92
C TYR A 336 -19.23 -31.31 14.45
N LEU A 337 -18.23 -31.44 13.58
CA LEU A 337 -18.57 -31.63 12.18
C LEU A 337 -19.11 -33.03 11.96
N LEU A 338 -18.70 -33.99 12.80
CA LEU A 338 -19.34 -35.29 12.82
C LEU A 338 -20.80 -35.18 13.21
N TYR A 339 -21.12 -34.29 14.15
CA TYR A 339 -22.52 -34.00 14.45
C TYR A 339 -23.22 -33.42 13.24
N ILE A 340 -22.53 -32.57 12.49
CA ILE A 340 -23.13 -31.99 11.30
C ILE A 340 -23.25 -33.02 10.19
N ILE A 341 -22.26 -33.91 10.07
CA ILE A 341 -22.32 -34.97 9.07
C ILE A 341 -23.46 -35.93 9.38
N CYS A 342 -23.60 -36.31 10.65
CA CYS A 342 -24.76 -37.10 11.04
C CYS A 342 -26.04 -36.26 11.08
N PHE A 343 -25.96 -34.95 10.91
CA PHE A 343 -27.17 -34.18 10.68
C PHE A 343 -27.54 -34.18 9.20
N THR A 344 -26.56 -33.94 8.33
CA THR A 344 -26.85 -33.84 6.91
C THR A 344 -27.37 -35.12 6.30
N MET A 345 -26.87 -36.27 6.77
CA MET A 345 -27.39 -37.53 6.26
C MET A 345 -28.82 -37.77 6.74
N CYS A 346 -29.14 -37.28 7.94
CA CYS A 346 -30.53 -37.29 8.37
C CYS A 346 -31.25 -36.02 7.98
N CYS A 347 -30.63 -35.18 7.16
CA CYS A 347 -31.33 -34.09 6.52
C CYS A 347 -31.67 -34.38 5.08
N ILE A 348 -30.83 -35.15 4.38
CA ILE A 348 -31.10 -35.34 2.96
C ILE A 348 -32.08 -36.49 2.76
N TYR A 349 -31.96 -37.57 3.53
CA TYR A 349 -32.97 -38.60 3.47
C TYR A 349 -34.18 -38.07 4.20
N ARG A 350 -35.26 -37.89 3.47
CA ARG A 350 -36.47 -37.22 3.92
C ARG A 350 -37.66 -38.12 3.63
N PRO A 351 -38.85 -37.83 4.23
CA PRO A 351 -40.03 -38.68 3.98
C PRO A 351 -40.43 -38.87 2.52
N LEU A 352 -40.71 -37.79 1.80
CA LEU A 352 -40.43 -37.68 0.37
C LEU A 352 -41.26 -38.66 -0.49
N LYS A 353 -42.59 -38.56 -0.39
CA LYS A 353 -43.43 -39.48 -1.14
C LYS A 353 -43.62 -39.00 -2.58
N PRO A 354 -44.13 -39.84 -3.47
CA PRO A 354 -44.52 -39.32 -4.79
C PRO A 354 -45.79 -38.49 -4.70
N ARG A 355 -46.13 -37.86 -5.81
CA ARG A 355 -47.29 -36.99 -5.93
C ARG A 355 -48.58 -37.78 -5.83
N THR A 356 -49.33 -37.63 -4.73
CA THR A 356 -50.46 -38.54 -4.57
C THR A 356 -51.82 -37.85 -4.42
N ASN A 357 -51.88 -36.65 -3.83
CA ASN A 357 -53.20 -36.07 -3.57
C ASN A 357 -53.85 -35.58 -4.86
N ASN A 358 -53.13 -34.78 -5.65
CA ASN A 358 -53.71 -34.35 -6.92
C ASN A 358 -52.65 -34.19 -7.99
N ARG A 359 -53.08 -34.24 -9.22
CA ARG A 359 -52.31 -33.72 -10.34
C ARG A 359 -52.07 -32.22 -10.15
N THR A 360 -50.97 -31.74 -10.73
CA THR A 360 -50.64 -30.33 -10.66
C THR A 360 -51.49 -29.50 -11.62
N SER A 361 -52.64 -29.06 -11.16
CA SER A 361 -53.53 -28.26 -12.02
C SER A 361 -53.02 -26.84 -12.32
N PRO A 362 -52.68 -25.95 -11.31
CA PRO A 362 -52.57 -24.53 -11.63
C PRO A 362 -51.37 -24.16 -12.48
N ARG A 363 -51.62 -23.57 -13.66
CA ARG A 363 -50.65 -22.87 -14.51
C ARG A 363 -49.59 -23.79 -15.13
N ASP A 364 -49.54 -25.06 -14.71
CA ASP A 364 -48.42 -25.96 -14.94
C ASP A 364 -47.10 -25.28 -14.57
N ASN A 365 -47.10 -24.65 -13.40
CA ASN A 365 -45.87 -24.11 -12.85
C ASN A 365 -45.48 -24.80 -11.55
N THR A 366 -46.47 -25.39 -10.86
CA THR A 366 -46.26 -26.03 -9.58
C THR A 366 -45.53 -27.33 -9.87
N LEU A 367 -44.21 -27.23 -9.92
CA LEU A 367 -43.35 -28.27 -10.46
C LEU A 367 -42.87 -29.15 -9.31
N LEU A 368 -43.79 -29.53 -8.43
CA LEU A 368 -43.42 -30.19 -7.19
C LEU A 368 -44.25 -31.45 -7.02
N GLN A 369 -43.65 -32.49 -6.44
CA GLN A 369 -44.35 -33.77 -6.40
C GLN A 369 -44.16 -34.51 -5.08
N GLN A 370 -43.68 -33.87 -4.02
CA GLN A 370 -43.06 -34.70 -3.00
C GLN A 370 -43.78 -34.71 -1.64
N LYS A 371 -44.25 -33.58 -1.15
CA LYS A 371 -45.30 -33.48 -0.13
C LYS A 371 -44.97 -34.02 1.25
N LEU A 372 -43.81 -34.66 1.48
CA LEU A 372 -43.25 -34.91 2.82
C LEU A 372 -44.15 -35.74 3.75
N LEU A 373 -44.13 -37.08 3.58
CA LEU A 373 -45.00 -38.08 4.23
C LEU A 373 -45.39 -37.86 5.68
N GLN A 374 -46.59 -38.32 6.02
CA GLN A 374 -47.14 -38.10 7.36
C GLN A 374 -46.48 -38.99 8.41
N GLU A 375 -46.70 -40.30 8.33
CA GLU A 375 -46.29 -41.21 9.41
C GLU A 375 -45.71 -42.50 8.86
N ALA A 376 -44.79 -42.40 7.91
CA ALA A 376 -44.11 -43.57 7.40
C ALA A 376 -42.72 -43.65 8.02
N TYR A 377 -42.53 -44.59 8.95
CA TYR A 377 -41.25 -44.78 9.60
C TYR A 377 -40.83 -46.22 9.80
N MET A 378 -41.67 -47.22 9.53
CA MET A 378 -41.34 -48.56 9.97
C MET A 378 -40.47 -49.33 8.98
N THR A 379 -40.05 -48.70 7.90
CA THR A 379 -39.20 -49.37 6.93
C THR A 379 -37.81 -49.55 7.51
N PRO A 380 -37.06 -50.56 7.05
CA PRO A 380 -35.69 -50.73 7.54
C PRO A 380 -34.70 -49.72 7.00
N LYS A 381 -35.14 -48.74 6.22
CA LYS A 381 -34.30 -47.57 6.02
C LYS A 381 -34.65 -46.49 7.04
N ASP A 382 -35.93 -46.36 7.38
CA ASP A 382 -36.37 -45.24 8.21
C ASP A 382 -36.07 -45.45 9.68
N ASP A 383 -35.65 -46.64 10.09
CA ASP A 383 -35.15 -46.78 11.44
C ASP A 383 -33.73 -46.26 11.56
N ILE A 384 -32.95 -46.38 10.47
CA ILE A 384 -31.57 -45.93 10.45
C ILE A 384 -31.51 -44.40 10.50
N ARG A 385 -32.44 -43.72 9.83
CA ARG A 385 -32.46 -42.27 9.93
C ARG A 385 -33.01 -41.82 11.28
N LEU A 386 -33.71 -42.71 11.99
CA LEU A 386 -34.31 -42.30 13.24
C LEU A 386 -33.28 -42.22 14.34
N VAL A 387 -32.40 -43.20 14.42
CA VAL A 387 -31.23 -43.07 15.28
C VAL A 387 -30.28 -42.00 14.72
N GLY A 388 -30.31 -41.81 13.40
CA GLY A 388 -29.66 -40.65 12.83
C GLY A 388 -30.35 -39.35 13.20
N GLU A 389 -31.67 -39.39 13.42
CA GLU A 389 -32.39 -38.20 13.84
C GLU A 389 -32.13 -37.80 15.28
N LEU A 390 -32.54 -38.61 16.24
CA LEU A 390 -32.77 -38.06 17.58
C LEU A 390 -31.47 -37.74 18.30
N VAL A 391 -30.34 -38.22 17.78
CA VAL A 391 -29.04 -37.75 18.26
C VAL A 391 -28.87 -36.26 17.97
N THR A 392 -29.48 -35.77 16.89
CA THR A 392 -29.33 -34.37 16.55
C THR A 392 -30.17 -33.48 17.45
N VAL A 393 -31.43 -33.86 17.67
CA VAL A 393 -32.32 -33.00 18.43
C VAL A 393 -31.96 -33.04 19.91
N ILE A 394 -31.42 -34.17 20.38
CA ILE A 394 -30.85 -34.20 21.71
C ILE A 394 -29.57 -33.38 21.74
N GLY A 395 -28.78 -33.48 20.67
CA GLY A 395 -27.57 -32.69 20.56
C GLY A 395 -27.82 -31.19 20.54
N ALA A 396 -29.00 -30.77 20.07
CA ALA A 396 -29.41 -29.41 20.30
C ALA A 396 -29.63 -29.14 21.78
N ILE A 397 -30.31 -30.07 22.45
CA ILE A 397 -30.70 -29.86 23.85
C ILE A 397 -29.47 -29.82 24.75
N ILE A 398 -28.38 -30.50 24.36
CA ILE A 398 -27.09 -30.25 24.99
C ILE A 398 -26.68 -28.79 24.85
N ILE A 399 -26.77 -28.25 23.65
CA ILE A 399 -26.33 -26.86 23.52
C ILE A 399 -27.49 -25.91 23.81
N LEU A 400 -28.67 -26.44 24.13
CA LEU A 400 -29.62 -25.64 24.89
C LEU A 400 -29.19 -25.48 26.33
N LEU A 401 -28.76 -26.57 26.98
CA LEU A 401 -28.44 -26.52 28.40
C LEU A 401 -27.16 -25.76 28.67
N VAL A 402 -26.38 -25.47 27.62
CA VAL A 402 -25.30 -24.50 27.73
C VAL A 402 -25.84 -23.12 28.06
N GLU A 403 -27.05 -22.80 27.60
CA GLU A 403 -27.49 -21.42 27.61
C GLU A 403 -28.54 -21.08 28.64
N VAL A 404 -29.23 -22.07 29.22
CA VAL A 404 -30.20 -21.77 30.27
C VAL A 404 -29.54 -21.15 31.49
N PRO A 405 -28.33 -21.55 31.92
CA PRO A 405 -27.58 -20.64 32.80
C PRO A 405 -26.99 -19.44 32.08
N ASP A 406 -26.65 -19.54 30.80
CA ASP A 406 -25.89 -18.47 30.17
C ASP A 406 -26.77 -17.32 29.71
N ILE A 407 -28.00 -17.59 29.31
CA ILE A 407 -28.95 -16.48 29.14
C ILE A 407 -29.28 -15.88 30.50
N PHE A 408 -29.37 -16.72 31.54
CA PHE A 408 -29.49 -16.26 32.92
C PHE A 408 -28.23 -15.52 33.37
N ARG A 409 -27.09 -15.78 32.75
CA ARG A 409 -25.84 -15.14 33.16
C ARG A 409 -25.78 -13.68 32.74
N MET A 410 -25.79 -13.42 31.43
CA MET A 410 -25.44 -12.10 30.92
C MET A 410 -26.60 -11.50 30.11
N GLY A 411 -27.83 -11.83 30.50
CA GLY A 411 -29.00 -11.23 29.89
C GLY A 411 -29.25 -11.68 28.47
N VAL A 412 -30.17 -10.99 27.80
CA VAL A 412 -30.50 -11.26 26.41
C VAL A 412 -30.06 -10.11 25.51
N THR A 413 -30.43 -8.88 25.84
CA THR A 413 -30.15 -7.74 24.98
C THR A 413 -28.69 -7.33 25.04
N ARG A 414 -28.09 -7.33 26.22
CA ARG A 414 -26.67 -7.05 26.33
C ARG A 414 -25.83 -8.29 26.09
N PHE A 415 -26.47 -9.45 25.93
CA PHE A 415 -25.76 -10.60 25.40
C PHE A 415 -25.29 -10.37 23.98
N PHE A 416 -26.06 -9.62 23.18
CA PHE A 416 -25.55 -9.08 21.91
C PHE A 416 -24.32 -8.22 22.13
N GLY A 417 -24.27 -7.51 23.25
CA GLY A 417 -23.08 -6.77 23.61
C GLY A 417 -21.96 -7.65 24.11
N GLN A 418 -22.23 -8.94 24.31
CA GLN A 418 -21.15 -9.91 24.56
C GLN A 418 -20.67 -10.56 23.25
N THR A 419 -21.49 -10.52 22.20
CA THR A 419 -21.26 -11.38 21.04
C THR A 419 -20.14 -10.89 20.14
N ILE A 420 -20.29 -9.68 19.58
CA ILE A 420 -19.59 -9.26 18.36
C ILE A 420 -18.08 -9.14 18.56
N LEU A 421 -17.66 -8.83 19.79
CA LEU A 421 -16.25 -8.64 20.09
C LEU A 421 -15.49 -9.96 20.08
N GLY A 422 -16.03 -10.98 20.73
CA GLY A 422 -15.43 -12.29 20.72
C GLY A 422 -16.51 -13.34 20.60
N GLY A 423 -16.44 -14.13 19.55
CA GLY A 423 -17.47 -15.10 19.24
C GLY A 423 -18.85 -14.52 18.99
N PRO A 424 -19.06 -13.84 17.85
CA PRO A 424 -20.43 -13.68 17.35
C PRO A 424 -20.88 -14.89 16.60
N PHE A 425 -20.02 -15.88 16.45
CA PHE A 425 -20.40 -17.18 15.96
C PHE A 425 -21.13 -17.98 17.02
N HIS A 426 -21.02 -17.55 18.27
CA HIS A 426 -21.68 -18.20 19.37
C HIS A 426 -23.19 -18.00 19.32
N VAL A 427 -23.66 -16.87 18.82
CA VAL A 427 -25.08 -16.60 18.92
C VAL A 427 -25.86 -17.41 17.91
N LEU A 428 -25.32 -17.63 16.71
CA LEU A 428 -26.17 -18.27 15.70
C LEU A 428 -26.13 -19.77 15.83
N ILE A 429 -25.27 -20.31 16.70
CA ILE A 429 -25.42 -21.72 17.04
C ILE A 429 -26.64 -21.91 17.94
N ILE A 430 -27.20 -20.83 18.46
CA ILE A 430 -28.38 -20.96 19.27
C ILE A 430 -29.62 -20.80 18.40
N THR A 431 -29.54 -19.95 17.39
CA THR A 431 -30.61 -19.91 16.40
C THR A 431 -30.57 -21.15 15.52
N TYR A 432 -29.42 -21.82 15.46
CA TYR A 432 -29.39 -23.20 15.01
C TYR A 432 -30.34 -24.05 15.83
N ALA A 433 -30.29 -23.89 17.14
CA ALA A 433 -31.03 -24.77 18.02
C ALA A 433 -32.51 -24.48 18.01
N PHE A 434 -32.90 -23.20 17.85
CA PHE A 434 -34.32 -22.87 17.77
C PHE A 434 -34.94 -23.49 16.53
N MET A 435 -34.26 -23.40 15.40
CA MET A 435 -34.80 -23.97 14.19
C MET A 435 -34.78 -25.48 14.21
N VAL A 436 -33.72 -26.09 14.73
CA VAL A 436 -33.63 -27.54 14.66
C VAL A 436 -34.52 -28.15 15.72
N LEU A 437 -34.92 -27.38 16.73
CA LEU A 437 -35.95 -27.88 17.61
C LEU A 437 -37.32 -27.76 16.96
N VAL A 438 -37.59 -26.65 16.29
CA VAL A 438 -38.93 -26.41 15.76
C VAL A 438 -39.20 -27.31 14.58
N THR A 439 -38.16 -27.80 13.92
CA THR A 439 -38.44 -28.72 12.84
C THR A 439 -38.83 -30.10 13.33
N MET A 440 -38.50 -30.44 14.58
CA MET A 440 -39.01 -31.69 15.12
C MET A 440 -40.41 -31.50 15.68
N VAL A 441 -40.68 -30.29 16.17
CA VAL A 441 -42.06 -29.88 16.43
C VAL A 441 -42.85 -29.92 15.14
N MET A 442 -42.21 -29.54 14.03
CA MET A 442 -42.88 -29.56 12.74
C MET A 442 -43.17 -30.97 12.27
N ARG A 443 -42.26 -31.92 12.46
CA ARG A 443 -42.52 -33.28 12.00
C ARG A 443 -43.55 -34.00 12.85
N LEU A 444 -43.78 -33.57 14.08
CA LEU A 444 -44.85 -34.20 14.86
C LEU A 444 -46.20 -33.67 14.45
N ILE A 445 -46.24 -32.44 13.93
CA ILE A 445 -47.49 -31.91 13.41
C ILE A 445 -47.62 -32.24 11.92
N SER A 446 -46.49 -32.35 11.23
CA SER A 446 -46.39 -32.65 9.79
C SER A 446 -47.12 -31.60 8.96
N ALA A 447 -46.89 -30.33 9.28
CA ALA A 447 -47.38 -29.27 8.42
C ALA A 447 -46.52 -29.17 7.17
N SER A 448 -47.05 -28.50 6.15
CA SER A 448 -46.37 -28.45 4.86
C SER A 448 -45.12 -27.61 4.91
N GLY A 449 -45.11 -26.58 5.76
CA GLY A 449 -43.96 -25.70 5.88
C GLY A 449 -42.82 -26.36 6.63
N GLU A 450 -42.19 -27.33 5.99
CA GLU A 450 -41.11 -28.08 6.61
C GLU A 450 -39.74 -27.60 6.17
N VAL A 451 -39.61 -27.01 4.99
CA VAL A 451 -38.29 -26.72 4.49
C VAL A 451 -37.77 -25.40 5.05
N VAL A 452 -38.68 -24.56 5.55
CA VAL A 452 -38.33 -23.25 6.09
C VAL A 452 -37.42 -23.36 7.31
N PRO A 453 -37.57 -24.31 8.25
CA PRO A 453 -36.48 -24.50 9.19
C PRO A 453 -35.31 -25.20 8.52
N MET A 454 -35.64 -26.19 7.69
CA MET A 454 -34.65 -27.15 7.24
C MET A 454 -33.66 -26.49 6.29
N SER A 455 -34.08 -25.42 5.64
CA SER A 455 -33.13 -24.55 4.96
C SER A 455 -32.20 -23.90 5.96
N PHE A 456 -32.77 -23.15 6.92
CA PHE A 456 -31.94 -22.43 7.88
C PHE A 456 -31.18 -23.37 8.78
N ALA A 457 -31.78 -24.51 9.15
CA ALA A 457 -31.13 -25.40 10.09
C ALA A 457 -29.96 -26.13 9.47
N LEU A 458 -29.83 -26.06 8.15
CA LEU A 458 -28.70 -26.71 7.51
C LEU A 458 -27.58 -25.73 7.25
N VAL A 459 -27.92 -24.52 6.80
CA VAL A 459 -26.91 -23.64 6.24
C VAL A 459 -26.01 -23.05 7.31
N LEU A 460 -26.56 -22.63 8.44
CA LEU A 460 -25.69 -22.06 9.45
C LEU A 460 -25.18 -23.12 10.38
N GLY A 461 -25.65 -24.36 10.22
CA GLY A 461 -24.95 -25.48 10.82
C GLY A 461 -23.55 -25.62 10.24
N TRP A 462 -23.45 -25.63 8.91
CA TRP A 462 -22.15 -25.65 8.28
C TRP A 462 -21.42 -24.33 8.44
N CYS A 463 -22.16 -23.21 8.39
CA CYS A 463 -21.50 -21.91 8.45
C CYS A 463 -20.93 -21.64 9.83
N ASN A 464 -21.28 -22.43 10.82
CA ASN A 464 -20.70 -22.24 12.13
C ASN A 464 -19.53 -23.16 12.40
N VAL A 465 -19.13 -23.98 11.43
CA VAL A 465 -17.89 -24.71 11.63
C VAL A 465 -16.69 -23.82 11.44
N MET A 466 -16.87 -22.66 10.80
CA MET A 466 -15.77 -21.75 10.62
C MET A 466 -15.44 -21.02 11.90
N ALA A 467 -16.28 -21.15 12.93
CA ALA A 467 -15.88 -20.72 14.26
C ALA A 467 -14.67 -21.50 14.74
N PHE A 468 -14.55 -22.76 14.33
CA PHE A 468 -13.44 -23.60 14.75
C PHE A 468 -12.22 -23.39 13.89
N ALA A 469 -12.28 -22.46 12.94
CA ALA A 469 -11.11 -22.16 12.12
C ALA A 469 -10.01 -21.50 12.93
N ARG A 470 -10.37 -20.85 14.03
CA ARG A 470 -9.37 -20.25 14.90
C ARG A 470 -8.48 -21.29 15.55
N GLY A 471 -8.97 -22.52 15.73
CA GLY A 471 -8.22 -23.50 16.48
C GLY A 471 -7.11 -24.11 15.66
N PHE A 472 -7.48 -24.64 14.50
CA PHE A 472 -6.49 -25.08 13.54
C PHE A 472 -5.69 -23.87 13.09
N GLN A 473 -4.37 -24.03 13.02
CA GLN A 473 -3.49 -22.88 12.88
C GLN A 473 -3.61 -22.29 11.49
N MET A 474 -3.22 -21.01 11.39
CA MET A 474 -3.11 -20.18 10.18
C MET A 474 -4.43 -19.98 9.43
N LEU A 475 -5.52 -20.61 9.87
CA LEU A 475 -6.80 -20.60 9.18
C LEU A 475 -7.74 -19.59 9.79
N GLY A 476 -7.64 -19.41 11.11
CA GLY A 476 -8.29 -18.35 11.85
C GLY A 476 -8.37 -16.93 11.29
N PRO A 477 -7.23 -16.30 10.95
CA PRO A 477 -7.25 -14.83 10.83
C PRO A 477 -8.08 -14.30 9.70
N PHE A 478 -8.25 -15.08 8.63
CA PHE A 478 -9.19 -14.68 7.59
C PHE A 478 -10.61 -14.81 8.09
N THR A 479 -10.88 -15.83 8.91
CA THR A 479 -12.22 -15.96 9.47
C THR A 479 -12.50 -14.87 10.49
N ILE A 480 -11.45 -14.42 11.17
CA ILE A 480 -11.51 -13.16 11.90
C ILE A 480 -11.79 -12.02 10.92
N MET A 481 -11.09 -12.01 9.79
CA MET A 481 -11.31 -10.92 8.85
C MET A 481 -12.62 -11.11 8.10
N ILE A 482 -13.14 -12.35 8.05
CA ILE A 482 -14.51 -12.55 7.61
C ILE A 482 -15.46 -11.79 8.49
N GLN A 483 -15.30 -11.93 9.81
CA GLN A 483 -16.16 -11.28 10.79
C GLN A 483 -16.11 -9.76 10.67
N LYS A 484 -14.91 -9.19 10.63
CA LYS A 484 -14.81 -7.74 10.65
C LYS A 484 -15.15 -7.08 9.33
N MET A 485 -15.30 -7.85 8.25
CA MET A 485 -15.78 -7.23 7.03
C MET A 485 -17.29 -7.30 6.93
N ILE A 486 -17.91 -8.34 7.45
CA ILE A 486 -19.35 -8.48 7.25
C ILE A 486 -20.12 -7.56 8.17
N PHE A 487 -19.78 -7.52 9.46
CA PHE A 487 -20.64 -6.82 10.39
C PHE A 487 -20.38 -5.32 10.47
N GLY A 488 -19.35 -4.82 9.79
CA GLY A 488 -19.07 -3.41 9.87
C GLY A 488 -19.00 -2.75 8.52
N ASP A 489 -18.75 -3.54 7.47
CA ASP A 489 -18.54 -3.00 6.14
C ASP A 489 -19.53 -3.50 5.11
N LEU A 490 -19.80 -4.80 5.04
CA LEU A 490 -20.67 -5.29 3.98
C LEU A 490 -22.14 -5.01 4.30
N MET A 491 -22.54 -5.15 5.56
CA MET A 491 -23.89 -4.71 5.91
C MET A 491 -24.00 -3.20 5.86
N ARG A 492 -22.90 -2.48 6.07
CA ARG A 492 -22.89 -1.07 5.75
C ARG A 492 -22.96 -0.87 4.24
N PHE A 493 -22.33 -1.74 3.47
CA PHE A 493 -22.48 -1.68 2.02
C PHE A 493 -23.89 -2.07 1.61
N CYS A 494 -24.49 -3.05 2.30
CA CYS A 494 -25.78 -3.56 1.88
C CYS A 494 -26.90 -2.57 2.19
N TRP A 495 -26.66 -1.60 3.09
CA TRP A 495 -27.51 -0.43 3.11
C TRP A 495 -27.48 0.28 1.76
N LEU A 496 -26.28 0.57 1.29
CA LEU A 496 -26.14 1.35 0.08
C LEU A 496 -26.54 0.55 -1.14
N MET A 497 -26.35 -0.76 -1.10
CA MET A 497 -26.60 -1.52 -2.30
C MET A 497 -28.07 -1.82 -2.46
N ALA A 498 -28.80 -1.93 -1.36
CA ALA A 498 -30.19 -2.30 -1.44
C ALA A 498 -31.09 -1.18 -1.92
N VAL A 499 -30.55 -0.03 -2.27
CA VAL A 499 -31.39 1.04 -2.78
C VAL A 499 -31.05 1.33 -4.22
N VAL A 500 -29.80 1.08 -4.62
CA VAL A 500 -29.45 1.30 -6.00
C VAL A 500 -30.02 0.19 -6.86
N ILE A 501 -30.38 -0.93 -6.24
CA ILE A 501 -31.07 -1.97 -6.98
C ILE A 501 -32.50 -1.55 -7.28
N LEU A 502 -33.22 -1.03 -6.27
CA LEU A 502 -34.66 -0.89 -6.34
C LEU A 502 -35.12 0.06 -7.40
N GLY A 503 -34.27 1.00 -7.79
CA GLY A 503 -34.53 1.84 -8.92
C GLY A 503 -34.62 1.00 -10.16
N PHE A 504 -33.48 0.45 -10.57
CA PHE A 504 -33.38 -0.30 -11.81
C PHE A 504 -34.31 -1.50 -11.81
N ALA A 505 -34.46 -2.15 -10.65
CA ALA A 505 -35.30 -3.33 -10.55
C ALA A 505 -36.74 -2.99 -10.82
N SER A 506 -37.24 -1.94 -10.19
CA SER A 506 -38.58 -1.53 -10.49
C SER A 506 -38.66 -0.88 -11.86
N ALA A 507 -37.58 -0.21 -12.29
CA ALA A 507 -37.54 0.34 -13.63
C ALA A 507 -37.54 -0.77 -14.67
N PHE A 508 -36.86 -1.87 -14.37
CA PHE A 508 -37.03 -3.04 -15.23
C PHE A 508 -38.43 -3.59 -15.11
N TYR A 509 -39.03 -3.49 -13.93
CA TYR A 509 -40.34 -4.09 -13.73
C TYR A 509 -41.42 -3.35 -14.49
N ILE A 510 -41.33 -2.03 -14.57
CA ILE A 510 -42.37 -1.33 -15.31
C ILE A 510 -42.09 -1.41 -16.81
N ILE A 511 -40.83 -1.56 -17.20
CA ILE A 511 -40.50 -1.48 -18.61
C ILE A 511 -40.79 -2.82 -19.27
N PHE A 512 -41.00 -3.84 -18.48
CA PHE A 512 -41.34 -5.14 -19.02
C PHE A 512 -42.70 -5.60 -18.58
N GLN A 513 -43.45 -4.75 -17.87
CA GLN A 513 -44.89 -4.93 -17.85
C GLN A 513 -45.47 -4.83 -19.24
N THR A 514 -44.90 -3.97 -20.08
CA THR A 514 -45.33 -3.82 -21.45
C THR A 514 -45.17 -5.11 -22.23
N GLU A 515 -44.11 -5.85 -21.94
CA GLU A 515 -43.72 -6.97 -22.77
C GLU A 515 -44.30 -8.27 -22.25
N ASP A 516 -44.48 -9.21 -23.16
CA ASP A 516 -44.94 -10.56 -22.85
C ASP A 516 -43.91 -11.25 -21.98
N PRO A 517 -44.29 -11.81 -20.83
CA PRO A 517 -43.38 -12.64 -20.06
C PRO A 517 -43.29 -14.09 -20.53
N GLU A 518 -43.78 -14.41 -21.72
CA GLU A 518 -43.57 -15.77 -22.20
C GLU A 518 -42.13 -16.00 -22.60
N GLU A 519 -41.64 -15.29 -23.60
CA GLU A 519 -40.20 -15.13 -23.79
C GLU A 519 -39.80 -13.94 -22.95
N LEU A 520 -38.50 -13.88 -22.61
CA LEU A 520 -37.91 -12.82 -21.77
C LEU A 520 -38.68 -12.71 -20.46
N GLY A 521 -38.66 -13.78 -19.70
CA GLY A 521 -39.60 -13.85 -18.61
C GLY A 521 -38.95 -13.65 -17.27
N HIS A 522 -37.89 -12.85 -17.21
CA HIS A 522 -37.24 -12.63 -15.92
C HIS A 522 -38.09 -11.78 -14.99
N PHE A 523 -39.00 -10.97 -15.53
CA PHE A 523 -39.57 -9.89 -14.77
C PHE A 523 -41.09 -9.93 -14.87
N TYR A 524 -41.68 -11.11 -14.72
CA TYR A 524 -43.12 -11.22 -14.89
C TYR A 524 -43.88 -10.62 -13.72
N ASP A 525 -43.26 -10.52 -12.55
CA ASP A 525 -43.88 -9.83 -11.44
C ASP A 525 -42.79 -9.19 -10.60
N TYR A 526 -43.20 -8.26 -9.78
CA TYR A 526 -42.35 -7.45 -8.94
C TYR A 526 -41.48 -8.20 -7.91
N PRO A 527 -41.95 -9.23 -7.18
CA PRO A 527 -41.05 -9.84 -6.19
C PRO A 527 -39.87 -10.56 -6.79
N MET A 528 -40.06 -11.21 -7.93
CA MET A 528 -38.92 -11.86 -8.53
C MET A 528 -38.09 -10.86 -9.30
N ALA A 529 -38.69 -9.70 -9.61
CA ALA A 529 -37.98 -8.67 -10.34
C ALA A 529 -36.86 -8.06 -9.50
N LEU A 530 -37.06 -7.97 -8.19
CA LEU A 530 -35.98 -7.58 -7.31
C LEU A 530 -34.87 -8.63 -7.31
N PHE A 531 -35.24 -9.88 -7.06
CA PHE A 531 -34.27 -10.96 -6.95
C PHE A 531 -33.49 -11.17 -8.24
N SER A 532 -34.19 -11.13 -9.37
CA SER A 532 -33.52 -11.29 -10.65
C SER A 532 -32.61 -10.11 -10.94
N THR A 533 -32.97 -8.93 -10.47
CA THR A 533 -32.04 -7.83 -10.57
C THR A 533 -30.87 -8.01 -9.63
N PHE A 534 -31.14 -8.54 -8.44
CA PHE A 534 -30.13 -8.69 -7.40
C PHE A 534 -29.02 -9.63 -7.84
N GLU A 535 -29.39 -10.77 -8.38
CA GLU A 535 -28.40 -11.68 -8.89
C GLU A 535 -27.82 -11.21 -10.20
N LEU A 536 -28.52 -10.32 -10.91
CA LEU A 536 -27.89 -9.65 -12.02
C LEU A 536 -26.87 -8.65 -11.55
N PHE A 537 -27.08 -8.07 -10.37
CA PHE A 537 -26.17 -7.08 -9.86
C PHE A 537 -24.79 -7.66 -9.59
N LEU A 538 -24.70 -8.89 -9.10
CA LEU A 538 -23.42 -9.52 -8.91
C LEU A 538 -22.92 -10.21 -10.16
N THR A 539 -23.48 -9.86 -11.32
CA THR A 539 -23.08 -10.31 -12.65
C THR A 539 -23.11 -11.84 -12.76
N ILE A 540 -24.04 -12.43 -12.05
CA ILE A 540 -24.19 -13.86 -12.01
C ILE A 540 -25.09 -14.35 -13.14
N ILE A 541 -26.33 -13.54 -13.41
CA ILE A 541 -27.18 -13.95 -14.51
C ILE A 541 -26.65 -13.34 -15.79
N ASP A 542 -27.07 -13.91 -16.92
CA ASP A 542 -26.49 -13.63 -18.22
C ASP A 542 -26.77 -12.22 -18.69
N GLY A 543 -27.75 -11.53 -18.13
CA GLY A 543 -28.16 -10.27 -18.67
C GLY A 543 -29.21 -10.57 -19.71
N PRO A 544 -30.43 -10.14 -19.45
CA PRO A 544 -31.57 -10.62 -20.24
C PRO A 544 -31.58 -10.10 -21.67
N ALA A 545 -31.71 -11.14 -22.50
CA ALA A 545 -31.68 -10.68 -23.88
C ALA A 545 -32.18 -11.82 -24.74
N ASN A 546 -33.31 -11.62 -25.41
CA ASN A 546 -33.83 -12.70 -26.23
C ASN A 546 -33.04 -12.86 -27.51
N TYR A 547 -32.81 -11.74 -28.20
CA TYR A 547 -32.17 -11.67 -29.52
C TYR A 547 -32.95 -12.43 -30.57
N ASN A 548 -34.22 -12.69 -30.33
CA ASN A 548 -35.10 -13.32 -31.28
C ASN A 548 -36.23 -12.38 -31.64
N VAL A 549 -36.60 -11.53 -30.70
CA VAL A 549 -37.61 -10.50 -30.92
C VAL A 549 -36.93 -9.16 -30.69
N ASP A 550 -37.70 -8.08 -30.83
CA ASP A 550 -37.20 -6.77 -30.43
C ASP A 550 -37.47 -6.56 -28.95
N LEU A 551 -36.62 -5.78 -28.32
CA LEU A 551 -36.70 -5.30 -26.95
C LEU A 551 -37.09 -3.83 -26.93
N PRO A 552 -37.80 -3.37 -25.91
CA PRO A 552 -38.18 -1.95 -25.87
C PRO A 552 -36.99 -1.05 -25.62
N PHE A 553 -37.19 0.23 -25.97
CA PHE A 553 -36.05 1.05 -26.33
C PHE A 553 -35.26 1.49 -25.11
N MET A 554 -35.95 1.87 -24.03
CA MET A 554 -35.24 2.27 -22.84
C MET A 554 -34.67 1.09 -22.07
N TYR A 555 -34.99 -0.15 -22.45
CA TYR A 555 -34.28 -1.28 -21.86
C TYR A 555 -32.81 -1.22 -22.20
N SER A 556 -32.52 -0.88 -23.45
CA SER A 556 -31.18 -1.00 -23.99
C SER A 556 -30.20 -0.02 -23.36
N ILE A 557 -30.70 1.06 -22.78
CA ILE A 557 -29.77 1.98 -22.13
C ILE A 557 -29.80 1.79 -20.62
N THR A 558 -30.97 1.47 -20.07
CA THR A 558 -31.08 1.46 -18.62
C THR A 558 -30.36 0.26 -18.04
N TYR A 559 -30.41 -0.86 -18.75
CA TYR A 559 -29.56 -1.99 -18.42
C TYR A 559 -28.10 -1.63 -18.55
N ALA A 560 -27.75 -0.86 -19.58
CA ALA A 560 -26.40 -0.34 -19.66
C ALA A 560 -26.14 0.66 -18.55
N ALA A 561 -27.13 1.46 -18.20
CA ALA A 561 -26.99 2.35 -17.06
C ALA A 561 -26.95 1.59 -15.75
N PHE A 562 -27.42 0.35 -15.74
CA PHE A 562 -27.14 -0.50 -14.60
C PHE A 562 -25.74 -1.06 -14.68
N ALA A 563 -25.22 -1.24 -15.89
CA ALA A 563 -23.95 -1.91 -16.03
C ALA A 563 -22.79 -1.05 -15.55
N ILE A 564 -22.77 0.24 -15.87
CA ILE A 564 -21.65 1.08 -15.45
C ILE A 564 -21.75 1.36 -13.96
N ILE A 565 -22.93 1.19 -13.37
CA ILE A 565 -22.97 1.13 -11.93
C ILE A 565 -22.48 -0.21 -11.43
N ALA A 566 -22.79 -1.30 -12.14
CA ALA A 566 -22.38 -2.63 -11.71
C ALA A 566 -20.88 -2.81 -11.79
N THR A 567 -20.23 -2.13 -12.71
CA THR A 567 -18.78 -2.13 -12.69
C THR A 567 -18.21 -1.06 -11.78
N LEU A 568 -19.05 -0.25 -11.16
CA LEU A 568 -18.47 0.74 -10.27
C LEU A 568 -18.47 0.29 -8.82
N LEU A 569 -19.64 0.07 -8.24
CA LEU A 569 -19.66 0.09 -6.79
C LEU A 569 -19.24 -1.24 -6.20
N MET A 570 -19.44 -2.36 -6.90
CA MET A 570 -18.88 -3.59 -6.39
C MET A 570 -17.39 -3.61 -6.61
N LEU A 571 -16.92 -2.89 -7.64
CA LEU A 571 -15.50 -2.62 -7.71
C LEU A 571 -15.07 -1.64 -6.64
N ASN A 572 -15.94 -0.71 -6.28
CA ASN A 572 -15.62 0.14 -5.14
C ASN A 572 -15.73 -0.65 -3.85
N LEU A 573 -16.65 -1.61 -3.79
CA LEU A 573 -16.72 -2.51 -2.65
C LEU A 573 -15.48 -3.37 -2.54
N LEU A 574 -14.89 -3.72 -3.67
CA LEU A 574 -13.60 -4.42 -3.67
C LEU A 574 -12.54 -3.58 -2.99
N ILE A 575 -12.59 -2.28 -3.15
CA ILE A 575 -11.56 -1.47 -2.56
C ILE A 575 -12.03 -0.87 -1.25
N ALA A 576 -13.32 -1.03 -0.93
CA ALA A 576 -13.79 -0.81 0.43
C ALA A 576 -13.13 -1.76 1.39
N MET A 577 -12.80 -2.95 0.91
CA MET A 577 -12.06 -3.92 1.68
C MET A 577 -10.66 -3.42 2.00
N MET A 578 -10.06 -2.66 1.07
CA MET A 578 -8.64 -2.37 1.16
C MET A 578 -8.34 -1.27 2.17
N GLY A 579 -9.20 -0.26 2.25
CA GLY A 579 -9.03 0.80 3.23
C GLY A 579 -9.13 0.33 4.65
N ASP A 580 -9.81 -0.79 4.88
CA ASP A 580 -9.68 -1.50 6.14
C ASP A 580 -8.46 -2.41 6.16
N THR A 581 -8.08 -2.99 5.02
CA THR A 581 -7.01 -3.99 5.00
C THR A 581 -5.63 -3.38 5.22
N HIS A 582 -5.42 -2.12 4.85
CA HIS A 582 -4.19 -1.46 5.26
C HIS A 582 -4.19 -1.16 6.75
N TRP A 583 -5.38 -1.00 7.34
CA TRP A 583 -5.48 -0.88 8.79
C TRP A 583 -5.38 -2.24 9.48
N ARG A 584 -5.55 -3.32 8.71
CA ARG A 584 -5.39 -4.70 9.11
C ARG A 584 -3.92 -5.12 9.14
N VAL A 585 -3.68 -6.39 8.75
CA VAL A 585 -2.54 -7.28 8.99
C VAL A 585 -1.18 -6.61 9.16
N ALA A 586 -0.91 -5.54 8.41
CA ALA A 586 0.29 -4.75 8.60
C ALA A 586 0.35 -4.15 10.01
N HIS A 587 -0.81 -3.92 10.62
CA HIS A 587 -0.79 -3.38 11.98
C HIS A 587 -1.54 -4.20 13.02
N GLU A 588 -2.84 -4.48 12.86
CA GLU A 588 -3.53 -5.01 14.03
C GLU A 588 -4.59 -6.10 13.82
N ARG A 589 -4.43 -7.04 12.89
CA ARG A 589 -5.30 -8.21 12.99
C ARG A 589 -4.64 -9.30 13.82
N ASP A 590 -3.30 -9.34 13.82
CA ASP A 590 -2.57 -10.40 14.51
C ASP A 590 -2.79 -10.38 16.01
N GLU A 591 -2.95 -9.18 16.57
CA GLU A 591 -3.35 -9.12 17.97
C GLU A 591 -4.80 -9.55 18.13
N LEU A 592 -5.65 -9.21 17.18
CA LEU A 592 -7.06 -9.55 17.30
C LEU A 592 -7.26 -11.05 17.16
N TRP A 593 -6.33 -11.73 16.50
CA TRP A 593 -6.36 -13.18 16.46
C TRP A 593 -6.12 -13.77 17.84
N ARG A 594 -5.02 -13.36 18.49
CA ARG A 594 -4.76 -13.90 19.82
C ARG A 594 -5.62 -13.26 20.87
N ALA A 595 -6.21 -12.10 20.59
CA ALA A 595 -7.28 -11.64 21.47
C ALA A 595 -8.50 -12.53 21.33
N GLN A 596 -8.72 -13.06 20.14
CA GLN A 596 -9.84 -13.97 19.96
C GLN A 596 -9.55 -15.32 20.58
N ILE A 597 -8.27 -15.71 20.62
CA ILE A 597 -7.95 -17.05 21.11
C ILE A 597 -8.12 -17.12 22.61
N VAL A 598 -8.08 -16.01 23.31
CA VAL A 598 -8.22 -16.09 24.74
C VAL A 598 -9.66 -15.92 25.14
N ALA A 599 -10.45 -15.28 24.28
CA ALA A 599 -11.90 -15.28 24.46
C ALA A 599 -12.44 -16.69 24.32
N THR A 600 -11.79 -17.51 23.50
CA THR A 600 -12.06 -18.93 23.56
C THR A 600 -11.61 -19.50 24.89
N THR A 601 -10.46 -19.06 25.38
CA THR A 601 -9.73 -19.80 26.42
C THR A 601 -10.48 -19.78 27.74
N VAL A 602 -10.90 -18.61 28.20
CA VAL A 602 -11.60 -18.56 29.47
C VAL A 602 -13.00 -19.15 29.32
N MET A 603 -13.54 -19.14 28.10
CA MET A 603 -14.92 -19.59 27.97
C MET A 603 -15.03 -21.09 27.95
N LEU A 604 -14.08 -21.79 27.32
CA LEU A 604 -14.16 -23.23 27.47
C LEU A 604 -13.59 -23.67 28.81
N GLU A 605 -12.76 -22.82 29.42
CA GLU A 605 -12.41 -23.04 30.82
C GLU A 605 -13.64 -23.00 31.71
N ARG A 606 -14.54 -22.09 31.42
CA ARG A 606 -15.73 -21.95 32.23
C ARG A 606 -16.73 -23.05 31.96
N LYS A 607 -17.04 -23.27 30.68
CA LYS A 607 -18.14 -24.16 30.35
C LYS A 607 -17.77 -25.63 30.54
N LEU A 608 -16.54 -25.99 30.22
CA LEU A 608 -16.07 -27.33 30.57
C LEU A 608 -15.71 -27.34 32.04
N PRO A 609 -16.29 -28.24 32.84
CA PRO A 609 -15.97 -28.30 34.26
C PRO A 609 -14.61 -28.92 34.52
N ARG A 610 -14.35 -29.21 35.78
CA ARG A 610 -13.05 -29.67 36.21
C ARG A 610 -12.79 -31.13 35.87
N CYS A 611 -11.74 -31.69 36.48
CA CYS A 611 -11.27 -33.08 36.39
C CYS A 611 -10.87 -33.48 34.97
N LEU A 612 -10.75 -32.52 34.08
CA LEU A 612 -10.01 -32.69 32.84
C LEU A 612 -9.09 -31.55 32.54
N TRP A 613 -9.39 -30.34 32.99
CA TRP A 613 -8.45 -29.23 32.90
C TRP A 613 -7.72 -29.20 34.22
N PRO A 614 -6.40 -29.29 34.25
CA PRO A 614 -5.67 -28.84 35.42
C PRO A 614 -5.29 -27.39 35.25
N ARG A 615 -5.59 -26.59 36.28
CA ARG A 615 -5.45 -25.15 36.17
C ARG A 615 -3.98 -24.76 36.04
N SER A 616 -3.75 -23.65 35.38
CA SER A 616 -2.46 -23.37 34.75
C SER A 616 -1.42 -23.00 35.78
N GLY A 617 -0.16 -23.17 35.38
CA GLY A 617 0.95 -22.82 36.23
C GLY A 617 1.22 -23.86 37.31
N ILE A 618 2.33 -23.68 37.98
CA ILE A 618 2.66 -24.59 39.05
C ILE A 618 1.95 -24.16 40.32
N CYS A 619 1.46 -25.15 41.05
CA CYS A 619 0.90 -24.93 42.37
C CYS A 619 2.00 -24.61 43.37
N GLY A 620 1.65 -23.79 44.36
CA GLY A 620 2.55 -23.52 45.46
C GLY A 620 2.44 -24.58 46.53
N ARG A 621 2.47 -24.16 47.80
CA ARG A 621 2.02 -24.92 48.98
C ARG A 621 2.95 -26.06 49.34
N GLU A 622 3.91 -26.37 48.48
CA GLU A 622 4.94 -27.34 48.78
C GLU A 622 6.31 -26.70 48.86
N TYR A 623 6.40 -25.41 48.62
CA TYR A 623 7.69 -24.77 48.37
C TYR A 623 7.78 -23.45 49.12
N GLY A 624 7.19 -23.38 50.31
CA GLY A 624 7.22 -22.16 51.09
C GLY A 624 6.40 -21.04 50.50
N LEU A 625 5.41 -21.36 49.68
CA LEU A 625 4.65 -20.36 48.97
C LEU A 625 3.18 -20.32 49.35
N GLY A 626 2.60 -21.46 49.69
CA GLY A 626 1.23 -21.47 50.14
C GLY A 626 0.23 -21.62 49.01
N ASP A 627 -0.97 -21.08 49.21
CA ASP A 627 -2.08 -21.30 48.31
C ASP A 627 -1.89 -20.63 46.95
N ARG A 628 -0.99 -19.66 46.85
CA ARG A 628 -0.74 -19.01 45.58
C ARG A 628 -0.06 -19.98 44.62
N TRP A 629 -0.62 -20.08 43.42
CA TRP A 629 -0.01 -20.86 42.36
C TRP A 629 0.82 -19.93 41.50
N PHE A 630 1.87 -20.45 40.88
CA PHE A 630 2.83 -19.59 40.24
C PHE A 630 3.11 -20.05 38.82
N LEU A 631 3.89 -19.22 38.12
CA LEU A 631 4.35 -19.50 36.76
C LEU A 631 5.65 -18.73 36.53
N ARG A 632 6.61 -19.43 35.94
CA ARG A 632 7.92 -18.88 35.66
C ARG A 632 8.17 -18.82 34.16
N VAL A 633 9.24 -18.12 33.80
CA VAL A 633 9.68 -18.05 32.42
C VAL A 633 11.17 -17.73 32.44
N GLU A 634 11.87 -18.18 31.41
CA GLU A 634 13.23 -17.75 31.17
C GLU A 634 13.20 -16.54 30.26
N ASP A 635 14.37 -16.00 29.97
CA ASP A 635 14.48 -14.89 29.04
C ASP A 635 15.90 -14.84 28.50
N ARG A 636 16.22 -13.73 27.85
CA ARG A 636 17.60 -13.35 27.61
C ARG A 636 17.69 -11.84 27.47
N GLN A 637 18.51 -11.23 28.30
CA GLN A 637 18.79 -9.80 28.23
C GLN A 637 19.90 -9.52 27.24
N ASP A 638 20.47 -8.31 27.31
CA ASP A 638 21.56 -7.88 26.45
C ASP A 638 22.83 -8.74 26.53
N SER B 28 3.68 -33.45 27.82
CA SER B 28 3.77 -32.48 28.90
C SER B 28 5.13 -32.56 29.59
N TRP B 29 6.19 -32.32 28.82
CA TRP B 29 7.55 -32.52 29.31
C TRP B 29 8.05 -31.32 30.12
N ALA B 30 7.80 -30.11 29.62
CA ALA B 30 8.42 -28.90 30.16
C ALA B 30 7.96 -28.56 31.57
N GLN B 31 6.90 -29.21 32.06
CA GLN B 31 6.48 -29.05 33.45
C GLN B 31 7.56 -29.51 34.41
N SER B 32 8.29 -30.58 34.05
CA SER B 32 9.31 -31.13 34.93
C SER B 32 10.51 -30.21 35.08
N ARG B 33 10.70 -29.28 34.15
CA ARG B 33 11.74 -28.25 34.31
C ARG B 33 11.47 -27.42 35.54
N ASP B 34 10.27 -26.90 35.64
CA ASP B 34 9.88 -25.99 36.68
C ASP B 34 9.64 -26.68 38.01
N GLU B 35 9.16 -27.92 37.99
CA GLU B 35 8.92 -28.65 39.23
C GLU B 35 10.21 -28.86 39.99
N GLN B 36 11.25 -29.22 39.27
CA GLN B 36 12.57 -29.34 39.85
C GLN B 36 13.19 -27.98 40.15
N ASN B 37 12.78 -26.95 39.43
CA ASN B 37 13.39 -25.65 39.68
C ASN B 37 12.81 -24.99 40.91
N LEU B 38 11.56 -25.29 41.25
CA LEU B 38 11.10 -24.89 42.57
C LEU B 38 11.70 -25.78 43.65
N LEU B 39 12.05 -27.02 43.29
CA LEU B 39 12.66 -27.91 44.25
C LEU B 39 14.06 -27.43 44.61
N GLN B 40 14.71 -26.71 43.70
CA GLN B 40 15.87 -25.91 44.06
C GLN B 40 15.56 -24.94 45.18
N GLN B 41 14.47 -24.21 45.04
CA GLN B 41 14.11 -23.27 46.09
C GLN B 41 13.54 -23.96 47.31
N LYS B 42 13.20 -25.24 47.21
CA LYS B 42 12.81 -26.01 48.38
C LYS B 42 14.02 -26.42 49.21
N ARG B 43 15.06 -26.94 48.55
CA ARG B 43 16.18 -27.50 49.29
C ARG B 43 17.02 -26.41 49.93
N ILE B 44 17.09 -25.23 49.31
CA ILE B 44 17.79 -24.13 49.96
C ILE B 44 16.98 -23.60 51.11
N TRP B 45 15.66 -23.80 51.05
CA TRP B 45 14.81 -23.28 52.09
C TRP B 45 14.94 -24.09 53.37
N GLU B 46 15.02 -25.41 53.24
CA GLU B 46 15.19 -26.24 54.43
C GLU B 46 16.59 -26.18 54.97
N SER B 47 17.57 -25.85 54.15
CA SER B 47 18.94 -25.99 54.61
C SER B 47 19.47 -24.67 55.09
N PRO B 48 19.83 -24.56 56.37
CA PRO B 48 20.40 -23.30 56.86
C PRO B 48 21.77 -23.02 56.32
N LEU B 49 22.52 -24.06 55.92
CA LEU B 49 23.76 -23.84 55.21
C LEU B 49 23.49 -23.24 53.84
N LEU B 50 22.52 -23.80 53.13
CA LEU B 50 22.19 -23.26 51.83
C LEU B 50 21.39 -21.97 51.95
N LEU B 51 20.74 -21.75 53.10
CA LEU B 51 20.12 -20.44 53.34
C LEU B 51 21.18 -19.36 53.42
N ALA B 52 22.32 -19.67 54.03
CA ALA B 52 23.42 -18.74 54.02
C ALA B 52 24.16 -18.76 52.70
N ALA B 53 23.93 -19.76 51.86
CA ALA B 53 24.46 -19.73 50.51
C ALA B 53 23.63 -18.85 49.60
N LYS B 54 22.45 -18.46 50.04
CA LYS B 54 21.63 -17.55 49.23
C LYS B 54 22.23 -16.17 49.19
N ASP B 55 22.37 -15.55 50.35
CA ASP B 55 22.91 -14.20 50.43
C ASP B 55 24.20 -14.18 51.21
N ASN B 56 24.65 -12.98 51.57
CA ASN B 56 26.02 -12.74 51.99
C ASN B 56 26.14 -12.96 53.50
N ASP B 57 25.78 -14.16 53.94
CA ASP B 57 25.75 -14.46 55.36
C ASP B 57 27.03 -15.19 55.78
N VAL B 58 28.14 -14.48 55.59
CA VAL B 58 29.45 -14.99 55.97
C VAL B 58 29.59 -15.02 57.48
N GLN B 59 29.01 -14.04 58.18
CA GLN B 59 29.01 -14.07 59.64
C GLN B 59 28.07 -15.14 60.15
N ALA B 60 27.06 -15.49 59.35
CA ALA B 60 26.29 -16.69 59.64
C ALA B 60 26.96 -17.92 59.07
N LEU B 61 27.90 -17.78 58.14
CA LEU B 61 28.71 -18.93 57.77
C LEU B 61 29.68 -19.24 58.90
N ASN B 62 30.11 -18.22 59.63
CA ASN B 62 30.85 -18.41 60.87
C ASN B 62 30.02 -19.21 61.87
N LYS B 63 28.71 -19.01 61.85
CA LYS B 63 27.77 -19.78 62.62
C LYS B 63 27.51 -21.17 62.04
N LEU B 64 28.20 -21.55 60.97
CA LEU B 64 27.83 -22.78 60.30
C LEU B 64 28.93 -23.81 60.20
N LEU B 65 30.18 -23.40 60.12
CA LEU B 65 31.19 -24.39 59.80
C LEU B 65 32.24 -24.55 60.90
N LYS B 66 32.54 -23.49 61.63
CA LYS B 66 33.58 -23.59 62.63
C LYS B 66 33.06 -24.24 63.90
N TYR B 67 31.74 -24.29 64.07
CA TYR B 67 31.19 -24.71 65.34
C TYR B 67 31.00 -26.24 65.36
N GLU B 68 30.73 -26.84 64.20
CA GLU B 68 30.61 -28.28 64.12
C GLU B 68 31.02 -28.78 62.75
N ASP B 69 31.04 -30.10 62.61
CA ASP B 69 31.33 -30.75 61.35
C ASP B 69 30.01 -31.04 60.64
N CYS B 70 29.57 -30.10 59.80
CA CYS B 70 28.51 -30.34 58.83
C CYS B 70 29.11 -31.05 57.62
N LYS B 71 28.33 -31.94 57.03
CA LYS B 71 28.85 -32.74 55.94
C LYS B 71 29.00 -31.90 54.68
N VAL B 72 30.04 -32.20 53.91
CA VAL B 72 30.37 -31.40 52.74
C VAL B 72 29.55 -31.77 51.52
N HIS B 73 28.71 -32.77 51.62
CA HIS B 73 27.90 -33.27 50.50
C HIS B 73 26.43 -32.94 50.70
N GLN B 74 26.09 -31.75 51.15
CA GLN B 74 24.69 -31.42 51.35
C GLN B 74 24.08 -31.14 49.99
N ARG B 75 23.50 -32.16 49.38
CA ARG B 75 23.07 -32.11 47.99
C ARG B 75 21.72 -31.41 47.88
N GLY B 76 21.59 -30.51 46.91
CA GLY B 76 20.35 -29.80 46.70
C GLY B 76 19.31 -30.60 45.95
N ALA B 77 18.60 -29.96 45.02
CA ALA B 77 17.57 -30.70 44.29
C ALA B 77 18.18 -31.58 43.22
N MET B 78 19.04 -31.02 42.35
CA MET B 78 19.88 -31.83 41.49
C MET B 78 21.34 -31.77 41.90
N GLY B 79 21.60 -31.83 43.21
CA GLY B 79 22.93 -32.16 43.67
C GLY B 79 23.88 -31.00 43.69
N GLU B 80 23.58 -30.01 44.50
CA GLU B 80 24.40 -28.82 44.57
C GLU B 80 25.23 -28.81 45.84
N THR B 81 26.26 -27.98 45.82
CA THR B 81 26.96 -27.60 47.04
C THR B 81 26.98 -26.09 47.13
N ALA B 82 27.68 -25.58 48.13
CA ALA B 82 27.58 -24.17 48.48
C ALA B 82 28.20 -23.26 47.43
N LEU B 83 29.41 -23.58 46.97
CA LEU B 83 30.07 -22.70 46.01
C LEU B 83 29.40 -22.74 44.66
N HIS B 84 28.64 -23.81 44.37
CA HIS B 84 27.70 -23.73 43.27
C HIS B 84 26.67 -22.66 43.53
N ILE B 85 26.06 -22.68 44.69
CA ILE B 85 24.97 -21.75 44.96
C ILE B 85 25.50 -20.34 45.16
N ALA B 86 26.68 -20.23 45.77
CA ALA B 86 27.25 -18.92 46.05
C ALA B 86 27.67 -18.20 44.79
N ALA B 87 28.38 -18.88 43.90
CA ALA B 87 28.78 -18.23 42.66
C ALA B 87 27.59 -18.01 41.73
N LEU B 88 26.56 -18.83 41.85
CA LEU B 88 25.36 -18.63 41.06
C LEU B 88 24.60 -17.40 41.53
N TYR B 89 24.51 -17.18 42.84
CA TYR B 89 23.99 -15.90 43.29
C TYR B 89 25.09 -14.88 43.55
N ASP B 90 26.10 -14.81 42.68
CA ASP B 90 27.06 -13.69 42.59
C ASP B 90 27.77 -13.38 43.91
N ASN B 91 28.38 -14.38 44.52
CA ASN B 91 28.95 -14.22 45.86
C ASN B 91 30.32 -14.88 45.94
N LEU B 92 31.37 -14.11 45.69
CA LEU B 92 32.71 -14.62 45.98
C LEU B 92 32.95 -14.66 47.48
N GLU B 93 32.27 -13.78 48.21
CA GLU B 93 32.47 -13.69 49.66
C GLU B 93 31.97 -14.93 50.37
N ALA B 94 30.95 -15.57 49.82
CA ALA B 94 30.54 -16.86 50.35
C ALA B 94 31.37 -17.97 49.74
N ALA B 95 32.08 -17.68 48.65
CA ALA B 95 32.79 -18.73 47.95
C ALA B 95 34.13 -19.06 48.59
N MET B 96 34.82 -18.07 49.15
CA MET B 96 36.15 -18.34 49.66
C MET B 96 36.13 -18.91 51.06
N VAL B 97 34.99 -18.81 51.75
CA VAL B 97 34.98 -19.24 53.15
C VAL B 97 34.76 -20.74 53.25
N LEU B 98 34.30 -21.38 52.18
CA LEU B 98 34.25 -22.84 52.21
C LEU B 98 35.55 -23.48 51.75
N MET B 99 36.55 -22.70 51.36
CA MET B 99 37.75 -23.27 50.76
C MET B 99 38.60 -23.97 51.79
N GLU B 100 38.72 -23.38 52.98
CA GLU B 100 39.37 -24.08 54.07
C GLU B 100 38.44 -25.13 54.66
N ALA B 101 37.14 -25.01 54.35
CA ALA B 101 36.19 -26.01 54.82
C ALA B 101 36.18 -27.23 53.92
N ALA B 102 36.25 -27.03 52.60
CA ALA B 102 36.13 -28.14 51.67
C ALA B 102 36.77 -27.77 50.33
N PRO B 103 38.04 -28.10 50.14
CA PRO B 103 38.68 -27.85 48.84
C PRO B 103 38.30 -28.84 47.76
N GLU B 104 37.68 -29.97 48.10
CA GLU B 104 37.34 -30.98 47.11
C GLU B 104 36.02 -30.72 46.41
N LEU B 105 35.25 -29.74 46.88
CA LEU B 105 33.95 -29.45 46.31
C LEU B 105 34.03 -28.73 44.97
N VAL B 106 35.21 -28.24 44.60
CA VAL B 106 35.44 -27.85 43.21
C VAL B 106 35.37 -29.06 42.31
N PHE B 107 35.92 -30.18 42.77
CA PHE B 107 35.93 -31.43 42.01
C PHE B 107 34.57 -32.13 42.02
N GLU B 108 33.57 -31.55 42.66
CA GLU B 108 32.24 -32.12 42.73
C GLU B 108 31.34 -31.43 41.71
N PRO B 109 30.89 -32.10 40.66
CA PRO B 109 29.97 -31.47 39.72
C PRO B 109 28.52 -31.63 40.14
N MET B 110 27.66 -30.85 39.49
CA MET B 110 26.23 -30.98 39.72
C MET B 110 25.73 -32.27 39.11
N THR B 111 24.74 -32.87 39.75
CA THR B 111 24.57 -34.31 39.67
C THR B 111 24.05 -34.80 38.34
N SER B 112 22.82 -34.46 37.96
CA SER B 112 22.24 -35.17 36.82
C SER B 112 21.05 -34.44 36.26
N GLU B 113 20.56 -34.99 35.15
CA GLU B 113 19.25 -34.96 34.51
C GLU B 113 18.87 -33.61 33.92
N LEU B 114 19.51 -32.57 34.34
CA LEU B 114 19.51 -31.32 33.62
C LEU B 114 20.90 -30.77 33.46
N TYR B 115 21.72 -30.90 34.50
CA TYR B 115 23.02 -30.26 34.61
C TYR B 115 24.00 -31.36 34.93
N GLU B 116 24.44 -32.07 33.90
CA GLU B 116 25.20 -33.29 34.07
C GLU B 116 26.68 -32.95 33.93
N GLY B 117 27.32 -32.71 35.06
CA GLY B 117 28.72 -32.34 35.03
C GLY B 117 28.96 -30.86 35.12
N GLN B 118 28.02 -30.10 35.67
CA GLN B 118 28.23 -28.67 35.81
C GLN B 118 29.00 -28.39 37.08
N THR B 119 30.08 -27.63 36.98
CA THR B 119 30.84 -27.25 38.15
C THR B 119 30.85 -25.74 38.28
N ALA B 120 31.45 -25.28 39.38
CA ALA B 120 31.52 -23.85 39.67
C ALA B 120 32.35 -23.09 38.66
N LEU B 121 33.31 -23.75 38.02
CA LEU B 121 34.08 -23.11 36.96
C LEU B 121 33.19 -22.70 35.80
N HIS B 122 32.19 -23.52 35.50
CA HIS B 122 31.32 -23.18 34.39
C HIS B 122 30.43 -21.99 34.72
N ILE B 123 29.91 -21.92 35.93
CA ILE B 123 29.07 -20.77 36.25
C ILE B 123 29.92 -19.57 36.63
N ALA B 124 31.23 -19.78 36.80
CA ALA B 124 32.11 -18.66 37.08
C ALA B 124 32.12 -17.65 35.95
N VAL B 125 32.18 -18.15 34.72
CA VAL B 125 32.27 -17.26 33.57
C VAL B 125 30.89 -16.80 33.15
N VAL B 126 29.85 -17.40 33.73
CA VAL B 126 28.49 -16.99 33.39
C VAL B 126 28.22 -15.59 33.93
N ASN B 127 28.79 -15.27 35.09
CA ASN B 127 28.56 -13.99 35.73
C ASN B 127 29.61 -12.94 35.35
N GLN B 128 30.27 -13.16 34.20
CA GLN B 128 31.24 -12.32 33.49
C GLN B 128 32.59 -12.21 34.18
N ASN B 129 32.64 -12.41 35.49
CA ASN B 129 33.80 -12.50 36.38
C ASN B 129 33.23 -12.58 37.79
N MET B 130 34.08 -12.95 38.74
CA MET B 130 34.00 -12.34 40.06
C MET B 130 35.37 -12.15 40.68
N ASN B 131 36.45 -12.40 39.93
CA ASN B 131 37.83 -12.74 40.33
C ASN B 131 37.87 -14.05 41.09
N LEU B 132 36.76 -14.80 41.07
CA LEU B 132 36.73 -16.15 41.60
C LEU B 132 37.42 -17.09 40.64
N VAL B 133 37.56 -16.65 39.39
CA VAL B 133 38.17 -17.45 38.35
C VAL B 133 39.63 -17.70 38.65
N ARG B 134 40.33 -16.72 39.20
CA ARG B 134 41.65 -17.01 39.73
C ARG B 134 41.52 -17.77 41.03
N ALA B 135 40.45 -17.51 41.77
CA ALA B 135 40.36 -18.02 43.14
C ALA B 135 39.93 -19.47 43.17
N LEU B 136 39.10 -19.92 42.23
CA LEU B 136 38.86 -21.35 42.22
C LEU B 136 39.97 -22.07 41.46
N LEU B 137 40.73 -21.32 40.64
CA LEU B 137 41.94 -21.89 40.08
C LEU B 137 43.06 -21.96 41.10
N ALA B 138 42.90 -21.27 42.23
CA ALA B 138 43.82 -21.50 43.34
C ALA B 138 43.60 -22.85 43.99
N ARG B 139 42.45 -23.48 43.75
CA ARG B 139 42.29 -24.89 44.03
C ARG B 139 42.44 -25.76 42.80
N ARG B 140 43.18 -25.27 41.79
CA ARG B 140 43.55 -25.94 40.53
C ARG B 140 42.35 -26.68 39.91
N ALA B 141 41.34 -25.88 39.60
CA ALA B 141 40.12 -26.39 39.00
C ALA B 141 40.38 -26.92 37.60
N SER B 142 39.54 -27.86 37.17
CA SER B 142 39.75 -28.56 35.92
C SER B 142 38.87 -27.95 34.83
N VAL B 143 39.51 -27.47 33.75
CA VAL B 143 38.76 -27.07 32.57
C VAL B 143 38.35 -28.24 31.70
N SER B 144 38.75 -29.45 32.06
CA SER B 144 38.34 -30.63 31.35
C SER B 144 36.96 -31.11 31.76
N ALA B 145 36.29 -30.38 32.65
CA ALA B 145 34.94 -30.72 33.03
C ALA B 145 33.98 -30.44 31.88
N ARG B 146 33.13 -31.41 31.59
CA ARG B 146 32.17 -31.31 30.50
C ARG B 146 30.76 -31.42 31.04
N ALA B 147 29.99 -30.34 30.93
CA ALA B 147 28.62 -30.29 31.44
C ALA B 147 27.67 -30.56 30.30
N THR B 148 27.47 -31.84 30.01
CA THR B 148 26.66 -32.28 28.88
C THR B 148 25.18 -32.48 29.24
N GLY B 149 24.69 -31.77 30.24
CA GLY B 149 23.34 -31.98 30.72
C GLY B 149 22.25 -31.55 29.75
N THR B 150 21.01 -31.68 30.22
CA THR B 150 19.84 -31.58 29.36
C THR B 150 19.68 -30.16 28.83
N ALA B 151 19.83 -29.18 29.70
CA ALA B 151 19.70 -27.79 29.32
C ALA B 151 20.87 -27.25 28.53
N PHE B 152 21.90 -28.05 28.28
CA PHE B 152 23.08 -27.50 27.64
C PHE B 152 23.20 -27.81 26.16
N ARG B 153 22.42 -28.72 25.61
CA ARG B 153 22.52 -28.96 24.18
C ARG B 153 21.53 -28.05 23.45
N ARG B 154 21.82 -27.86 22.17
CA ARG B 154 21.02 -27.03 21.26
C ARG B 154 19.62 -27.59 21.09
N SER B 155 18.62 -26.83 21.54
CA SER B 155 17.23 -27.24 21.45
C SER B 155 16.38 -25.99 21.55
N PRO B 156 15.23 -25.95 20.87
CA PRO B 156 14.32 -24.81 21.06
C PRO B 156 13.66 -24.76 22.42
N CYS B 157 13.72 -25.84 23.20
CA CYS B 157 13.24 -25.77 24.58
C CYS B 157 14.21 -25.06 25.50
N ASN B 158 15.46 -24.88 25.08
CA ASN B 158 16.43 -24.11 25.85
C ASN B 158 16.67 -22.79 25.14
N LEU B 159 16.55 -21.68 25.87
CA LEU B 159 16.65 -20.39 25.22
C LEU B 159 18.07 -19.95 24.96
N ILE B 160 19.05 -20.80 25.23
CA ILE B 160 20.47 -20.47 25.11
C ILE B 160 21.23 -21.71 24.69
N TYR B 161 22.44 -21.51 24.20
CA TYR B 161 23.29 -22.62 23.82
C TYR B 161 24.74 -22.24 24.04
N PHE B 162 25.50 -23.12 24.67
CA PHE B 162 26.80 -22.76 25.16
C PHE B 162 27.89 -23.80 24.96
N GLY B 163 27.56 -25.03 24.61
CA GLY B 163 28.57 -26.07 24.63
C GLY B 163 28.72 -26.61 26.03
N GLU B 164 29.87 -27.19 26.37
CA GLU B 164 30.03 -27.66 27.74
C GLU B 164 31.40 -27.41 28.32
N HIS B 165 32.36 -27.02 27.50
CA HIS B 165 33.63 -26.72 28.15
C HIS B 165 33.59 -25.30 28.71
N PRO B 166 34.38 -24.97 29.74
CA PRO B 166 34.28 -23.62 30.31
C PRO B 166 34.79 -22.54 29.39
N LEU B 167 35.81 -22.84 28.58
CA LEU B 167 36.25 -21.85 27.61
C LEU B 167 35.23 -21.67 26.51
N SER B 168 34.41 -22.71 26.27
CA SER B 168 33.30 -22.55 25.35
C SER B 168 32.26 -21.61 25.90
N PHE B 169 32.17 -21.49 27.22
CA PHE B 169 31.18 -20.59 27.75
C PHE B 169 31.71 -19.17 27.69
N ALA B 170 33.01 -19.01 27.91
CA ALA B 170 33.61 -17.69 27.97
C ALA B 170 33.62 -17.00 26.62
N ALA B 171 33.61 -17.76 25.54
CA ALA B 171 33.47 -17.16 24.23
C ALA B 171 32.09 -16.57 24.05
N CYS B 172 31.08 -17.18 24.66
CA CYS B 172 29.72 -16.69 24.49
C CYS B 172 29.51 -15.41 25.28
N VAL B 173 30.08 -15.32 26.47
CA VAL B 173 29.79 -14.20 27.35
C VAL B 173 30.54 -12.94 26.96
N ASN B 174 31.49 -13.04 26.02
CA ASN B 174 32.32 -11.94 25.53
C ASN B 174 33.10 -11.29 26.69
N SER B 175 33.91 -12.11 27.36
CA SER B 175 34.75 -11.64 28.45
C SER B 175 36.20 -11.96 28.11
N GLU B 176 37.00 -10.91 27.90
CA GLU B 176 38.25 -11.02 27.16
C GLU B 176 39.32 -11.76 27.93
N GLU B 177 39.83 -11.16 29.01
CA GLU B 177 40.96 -11.70 29.75
C GLU B 177 40.60 -12.98 30.48
N ILE B 178 39.31 -13.22 30.69
CA ILE B 178 38.83 -14.49 31.22
C ILE B 178 39.22 -15.61 30.29
N VAL B 179 39.06 -15.41 28.99
CA VAL B 179 39.54 -16.37 28.00
C VAL B 179 41.06 -16.47 28.05
N ARG B 180 41.72 -15.33 28.26
CA ARG B 180 43.17 -15.34 28.38
C ARG B 180 43.61 -16.03 29.66
N LEU B 181 42.76 -16.06 30.67
CA LEU B 181 43.19 -16.57 31.97
C LEU B 181 43.27 -18.08 31.96
N LEU B 182 42.28 -18.75 31.38
CA LEU B 182 42.22 -20.20 31.48
C LEU B 182 43.14 -20.89 30.49
N ILE B 183 43.45 -20.25 29.36
CA ILE B 183 44.43 -20.80 28.44
C ILE B 183 45.83 -20.71 29.03
N GLU B 184 46.02 -19.76 29.95
CA GLU B 184 47.22 -19.70 30.77
C GLU B 184 47.18 -20.66 31.94
N HIS B 185 46.15 -21.50 32.02
CA HIS B 185 46.11 -22.51 33.06
C HIS B 185 45.69 -23.87 32.50
N GLY B 186 45.87 -24.09 31.22
CA GLY B 186 45.74 -25.41 30.64
C GLY B 186 44.49 -25.67 29.85
N ALA B 187 43.86 -24.64 29.30
CA ALA B 187 42.64 -24.84 28.55
C ALA B 187 42.97 -25.39 27.15
N ASP B 188 42.20 -26.39 26.74
CA ASP B 188 42.33 -26.89 25.37
C ASP B 188 41.25 -26.30 24.48
N ILE B 189 41.69 -25.59 23.45
CA ILE B 189 40.77 -24.96 22.52
C ILE B 189 40.23 -25.99 21.53
N ARG B 190 41.01 -27.02 21.21
CA ARG B 190 40.60 -28.02 20.23
C ARG B 190 39.55 -29.00 20.74
N ALA B 191 39.08 -28.84 21.98
CA ALA B 191 38.07 -29.75 22.53
C ALA B 191 36.74 -29.57 21.83
N GLN B 192 35.97 -30.66 21.76
CA GLN B 192 34.74 -30.70 20.99
C GLN B 192 33.57 -31.08 21.87
N ASP B 193 32.37 -30.73 21.44
CA ASP B 193 31.18 -30.87 22.25
C ASP B 193 30.63 -32.29 22.16
N SER B 194 29.36 -32.47 22.56
CA SER B 194 28.68 -33.73 22.34
C SER B 194 28.49 -34.02 20.85
N LEU B 195 28.30 -32.99 20.03
CA LEU B 195 28.11 -33.17 18.61
C LEU B 195 29.40 -33.12 17.81
N GLY B 196 30.54 -32.92 18.47
CA GLY B 196 31.79 -32.75 17.77
C GLY B 196 32.13 -31.33 17.42
N ASN B 197 31.22 -30.40 17.64
CA ASN B 197 31.52 -28.98 17.45
C ASN B 197 32.53 -28.52 18.48
N THR B 198 33.57 -27.85 18.02
CA THR B 198 34.49 -27.20 18.93
C THR B 198 33.92 -25.88 19.41
N VAL B 199 34.75 -25.17 20.18
CA VAL B 199 34.42 -23.87 20.73
C VAL B 199 34.18 -22.85 19.62
N LEU B 200 34.81 -23.05 18.46
CA LEU B 200 34.66 -22.09 17.38
C LEU B 200 33.26 -22.14 16.79
N HIS B 201 32.63 -23.31 16.78
CA HIS B 201 31.23 -23.39 16.37
C HIS B 201 30.33 -22.68 17.34
N ILE B 202 30.71 -22.67 18.61
CA ILE B 202 29.84 -22.14 19.63
C ILE B 202 29.81 -20.63 19.53
N LEU B 203 30.90 -20.03 19.07
CA LEU B 203 30.90 -18.60 18.84
C LEU B 203 29.99 -18.24 17.65
N ILE B 204 29.83 -19.16 16.71
CA ILE B 204 29.01 -18.88 15.53
C ILE B 204 27.54 -18.80 15.90
N LEU B 205 27.08 -19.67 16.77
CA LEU B 205 25.66 -19.76 17.08
C LEU B 205 25.24 -18.79 18.16
N GLN B 206 25.96 -17.69 18.33
CA GLN B 206 25.39 -16.76 19.28
C GLN B 206 24.55 -15.71 18.58
N PRO B 207 23.37 -15.45 19.13
CA PRO B 207 22.46 -14.49 18.49
C PRO B 207 22.91 -13.05 18.64
N ASN B 208 23.81 -12.77 19.58
CA ASN B 208 24.50 -11.49 19.56
C ASN B 208 25.74 -11.65 18.69
N LYS B 209 25.66 -11.16 17.46
CA LYS B 209 26.51 -11.69 16.40
C LYS B 209 27.80 -10.89 16.24
N THR B 210 27.68 -9.59 15.96
CA THR B 210 28.85 -8.74 15.88
C THR B 210 29.50 -8.51 17.23
N PHE B 211 28.73 -8.61 18.32
CA PHE B 211 29.29 -8.42 19.64
C PHE B 211 30.18 -9.57 20.05
N ALA B 212 29.97 -10.74 19.44
CA ALA B 212 30.84 -11.87 19.64
C ALA B 212 31.84 -12.04 18.51
N CYS B 213 31.75 -11.21 17.47
CA CYS B 213 32.63 -11.35 16.32
C CYS B 213 34.07 -11.03 16.68
N GLN B 214 34.27 -10.14 17.66
CA GLN B 214 35.62 -9.72 18.01
C GLN B 214 36.40 -10.84 18.69
N MET B 215 35.71 -11.88 19.14
CA MET B 215 36.42 -12.99 19.75
C MET B 215 36.70 -14.10 18.77
N TYR B 216 36.41 -13.90 17.49
CA TYR B 216 36.83 -14.91 16.53
C TYR B 216 38.34 -14.94 16.38
N ASN B 217 38.91 -13.82 15.95
CA ASN B 217 40.35 -13.76 15.69
C ASN B 217 41.17 -13.88 16.96
N LEU B 218 40.58 -13.55 18.11
CA LEU B 218 41.24 -13.83 19.38
C LEU B 218 41.40 -15.32 19.59
N LEU B 219 40.39 -16.09 19.25
CA LEU B 219 40.55 -17.53 19.33
C LEU B 219 41.30 -18.10 18.14
N LEU B 220 41.45 -17.35 17.05
CA LEU B 220 42.46 -17.75 16.08
C LEU B 220 43.87 -17.49 16.61
N SER B 221 44.01 -16.53 17.52
CA SER B 221 45.33 -16.06 17.91
C SER B 221 46.07 -17.09 18.75
N TYR B 222 45.37 -18.10 19.25
CA TYR B 222 46.00 -19.16 20.03
C TYR B 222 46.01 -20.48 19.27
N ASP B 223 46.18 -20.39 17.95
CA ASP B 223 46.33 -21.56 17.10
C ASP B 223 47.75 -22.13 17.13
N ARG B 224 48.69 -21.37 17.71
CA ARG B 224 50.11 -21.33 17.32
C ARG B 224 50.77 -22.66 16.95
N HIS B 225 50.49 -23.71 17.71
CA HIS B 225 51.02 -25.02 17.39
C HIS B 225 50.21 -25.60 16.24
N GLY B 226 50.76 -25.52 15.03
CA GLY B 226 50.12 -26.09 13.87
C GLY B 226 50.11 -27.61 13.93
N ASP B 227 48.95 -28.16 14.23
CA ASP B 227 48.79 -29.60 14.21
C ASP B 227 48.80 -30.08 12.76
N HIS B 228 49.20 -31.34 12.56
CA HIS B 228 49.34 -31.86 11.21
C HIS B 228 48.00 -32.10 10.52
N LEU B 229 46.90 -32.16 11.27
CA LEU B 229 45.58 -32.39 10.70
C LEU B 229 44.85 -31.08 10.38
N GLN B 230 44.68 -30.23 11.37
CA GLN B 230 44.03 -28.95 11.16
C GLN B 230 44.70 -27.87 11.99
N PRO B 231 44.70 -26.66 11.52
CA PRO B 231 44.78 -25.52 12.42
C PRO B 231 43.40 -25.06 12.89
N LEU B 232 42.56 -26.00 13.33
CA LEU B 232 41.29 -25.81 14.04
C LEU B 232 40.16 -25.16 13.22
N ASP B 233 40.47 -24.50 12.12
CA ASP B 233 39.44 -23.80 11.38
C ASP B 233 38.93 -24.65 10.23
N LEU B 234 39.35 -25.91 10.18
CA LEU B 234 38.85 -26.87 9.21
C LEU B 234 38.24 -28.07 9.90
N VAL B 235 37.88 -27.92 11.17
CA VAL B 235 37.42 -29.04 11.98
C VAL B 235 35.97 -29.36 11.60
N PRO B 236 35.66 -30.59 11.21
CA PRO B 236 34.27 -30.95 11.00
C PRO B 236 33.63 -31.41 12.30
N ASN B 237 32.31 -31.38 12.30
CA ASN B 237 31.54 -31.96 13.39
C ASN B 237 31.01 -33.32 12.97
N HIS B 238 30.17 -33.91 13.83
CA HIS B 238 29.61 -35.20 13.48
C HIS B 238 28.45 -35.12 12.51
N GLN B 239 28.07 -33.92 12.08
CA GLN B 239 27.28 -33.78 10.87
C GLN B 239 28.12 -33.25 9.72
N GLY B 240 29.44 -33.18 9.91
CA GLY B 240 30.35 -32.87 8.83
C GLY B 240 30.31 -31.42 8.39
N LEU B 241 30.44 -30.48 9.33
CA LEU B 241 30.38 -29.06 9.01
C LEU B 241 31.56 -28.36 9.64
N THR B 242 32.53 -28.01 8.82
CA THR B 242 33.52 -27.00 9.18
C THR B 242 32.82 -25.69 9.47
N PRO B 243 33.20 -25.00 10.56
CA PRO B 243 32.42 -23.83 11.00
C PRO B 243 32.48 -22.63 10.07
N PHE B 244 33.19 -22.70 8.95
CA PHE B 244 32.94 -21.72 7.90
C PHE B 244 31.52 -21.84 7.39
N LYS B 245 31.20 -22.97 6.76
CA LYS B 245 29.91 -23.12 6.12
C LYS B 245 28.80 -23.30 7.13
N LEU B 246 29.14 -23.65 8.37
CA LEU B 246 28.14 -23.69 9.43
C LEU B 246 27.58 -22.32 9.69
N ALA B 247 28.41 -21.29 9.53
CA ALA B 247 27.90 -19.94 9.57
C ALA B 247 27.01 -19.64 8.38
N GLY B 248 27.30 -20.26 7.24
CA GLY B 248 26.46 -20.07 6.08
C GLY B 248 25.12 -20.78 6.24
N VAL B 249 25.15 -22.03 6.71
CA VAL B 249 23.92 -22.81 6.78
C VAL B 249 23.05 -22.32 7.93
N GLU B 250 23.64 -21.61 8.87
CA GLU B 250 22.81 -20.90 9.82
C GLU B 250 22.50 -19.49 9.35
N GLY B 251 23.37 -18.90 8.54
CA GLY B 251 23.09 -17.59 8.02
C GLY B 251 23.55 -16.47 8.92
N ASN B 252 24.66 -16.65 9.61
CA ASN B 252 25.25 -15.58 10.40
C ASN B 252 26.02 -14.73 9.40
N THR B 253 25.31 -13.75 8.86
CA THR B 253 25.74 -13.06 7.64
C THR B 253 26.93 -12.16 7.91
N VAL B 254 26.89 -11.39 8.98
CA VAL B 254 27.97 -10.45 9.22
C VAL B 254 29.20 -11.19 9.73
N MET B 255 29.00 -12.33 10.37
CA MET B 255 30.15 -13.12 10.77
C MET B 255 30.76 -13.82 9.56
N PHE B 256 29.93 -14.12 8.57
CA PHE B 256 30.42 -14.74 7.34
C PHE B 256 31.39 -13.84 6.61
N GLN B 257 31.12 -12.53 6.60
CA GLN B 257 32.03 -11.63 5.90
C GLN B 257 33.35 -11.52 6.62
N HIS B 258 33.32 -11.33 7.95
CA HIS B 258 34.54 -11.27 8.73
C HIS B 258 35.31 -12.57 8.66
N LEU B 259 34.60 -13.68 8.53
CA LEU B 259 35.27 -14.93 8.26
C LEU B 259 35.81 -15.01 6.84
N MET B 260 35.18 -14.29 5.91
CA MET B 260 35.61 -14.40 4.52
C MET B 260 36.91 -13.66 4.27
N GLN B 261 37.14 -12.54 4.99
CA GLN B 261 38.15 -11.57 4.60
C GLN B 261 39.55 -12.13 4.74
N LYS B 262 39.77 -13.04 5.70
CA LYS B 262 41.08 -13.67 5.81
C LYS B 262 41.28 -14.69 4.69
N ARG B 263 40.18 -15.19 4.13
CA ARG B 263 40.31 -16.27 3.17
C ARG B 263 40.46 -15.72 1.76
N LYS B 264 40.01 -14.50 1.52
CA LYS B 264 40.18 -13.93 0.19
C LYS B 264 41.61 -13.46 0.01
N HIS B 265 42.09 -13.54 -1.23
CA HIS B 265 43.48 -13.24 -1.53
C HIS B 265 43.49 -12.05 -2.49
N THR B 266 43.65 -10.85 -1.97
CA THR B 266 43.54 -9.67 -2.80
C THR B 266 44.80 -9.46 -3.63
N GLN B 267 44.59 -9.19 -4.90
CA GLN B 267 45.65 -8.80 -5.81
C GLN B 267 45.71 -7.27 -5.87
N TRP B 268 46.31 -6.77 -6.93
CA TRP B 268 46.50 -5.35 -7.18
C TRP B 268 45.22 -4.54 -7.13
N THR B 269 45.36 -3.35 -6.56
CA THR B 269 44.32 -2.35 -6.49
C THR B 269 44.62 -1.25 -7.49
N TYR B 270 43.59 -0.81 -8.20
CA TYR B 270 43.78 0.16 -9.28
C TYR B 270 42.83 1.31 -8.98
N GLY B 271 43.27 2.22 -8.12
CA GLY B 271 42.52 3.38 -7.75
C GLY B 271 41.19 3.04 -7.11
N PRO B 272 40.10 3.39 -7.79
CA PRO B 272 38.78 3.05 -7.27
C PRO B 272 38.46 1.58 -7.39
N LEU B 273 39.04 0.87 -8.36
CA LEU B 273 38.74 -0.54 -8.51
C LEU B 273 39.81 -1.36 -7.83
N THR B 274 39.48 -2.62 -7.58
CA THR B 274 40.39 -3.56 -6.95
C THR B 274 40.10 -4.94 -7.49
N SER B 275 41.11 -5.60 -8.02
CA SER B 275 40.95 -6.93 -8.58
C SER B 275 41.32 -7.94 -7.51
N THR B 276 40.47 -8.06 -6.50
CA THR B 276 40.69 -9.10 -5.52
C THR B 276 40.28 -10.44 -6.09
N LEU B 277 40.63 -11.50 -5.37
CA LEU B 277 40.54 -12.87 -5.89
C LEU B 277 40.08 -13.77 -4.76
N TYR B 278 38.88 -14.31 -4.90
CA TYR B 278 38.27 -15.10 -3.84
C TYR B 278 38.69 -16.56 -3.90
N ASP B 279 38.54 -17.23 -2.76
CA ASP B 279 39.20 -18.51 -2.53
C ASP B 279 38.53 -19.64 -3.29
N LEU B 280 37.24 -19.88 -3.01
CA LEU B 280 36.39 -20.84 -3.72
C LEU B 280 36.94 -22.27 -3.64
N THR B 281 37.01 -22.79 -2.42
CA THR B 281 37.42 -24.18 -2.28
C THR B 281 36.24 -25.09 -2.02
N GLU B 282 35.47 -24.80 -0.99
CA GLU B 282 34.30 -25.56 -0.59
C GLU B 282 33.02 -24.91 -1.07
N ILE B 283 33.11 -23.77 -1.72
CA ILE B 283 31.91 -23.04 -2.11
C ILE B 283 31.20 -23.74 -3.25
N ASP B 284 31.91 -23.93 -4.37
CA ASP B 284 31.32 -24.62 -5.50
C ASP B 284 31.18 -26.11 -5.19
N SER B 285 30.33 -26.76 -5.96
CA SER B 285 30.23 -28.21 -5.89
C SER B 285 31.51 -28.86 -6.37
N SER B 286 32.05 -29.72 -5.52
CA SER B 286 33.18 -30.57 -5.84
C SER B 286 32.70 -31.98 -5.53
N GLY B 287 33.61 -32.94 -5.38
CA GLY B 287 33.20 -34.34 -5.32
C GLY B 287 32.43 -34.75 -4.08
N ASP B 288 31.22 -34.18 -3.96
CA ASP B 288 30.16 -34.55 -3.03
C ASP B 288 30.60 -34.51 -1.57
N GLU B 289 31.34 -33.48 -1.18
CA GLU B 289 31.77 -33.45 0.22
C GLU B 289 30.82 -32.63 1.09
N GLN B 290 29.51 -32.65 0.79
CA GLN B 290 28.52 -31.72 1.32
C GLN B 290 28.98 -30.28 1.10
N SER B 291 29.05 -29.90 -0.18
CA SER B 291 29.52 -28.56 -0.55
C SER B 291 28.56 -27.48 -0.08
N LEU B 292 29.00 -26.23 -0.22
CA LEU B 292 28.32 -25.10 0.41
C LEU B 292 26.94 -24.86 -0.16
N LEU B 293 26.84 -24.73 -1.48
CA LEU B 293 25.66 -24.21 -2.15
C LEU B 293 24.42 -25.06 -1.95
N GLU B 294 24.58 -26.38 -1.91
CA GLU B 294 23.44 -27.23 -1.64
C GLU B 294 22.95 -27.10 -0.21
N LEU B 295 23.79 -26.65 0.71
CA LEU B 295 23.39 -26.51 2.09
C LEU B 295 22.60 -25.24 2.37
N ILE B 296 22.80 -24.17 1.59
CA ILE B 296 21.92 -23.02 1.76
C ILE B 296 20.54 -23.35 1.20
N ILE B 297 20.50 -24.25 0.22
CA ILE B 297 19.22 -24.69 -0.30
C ILE B 297 18.50 -25.56 0.71
N THR B 298 19.12 -26.68 1.08
CA THR B 298 18.43 -27.73 1.82
C THR B 298 18.22 -27.39 3.30
N THR B 299 18.69 -26.25 3.78
CA THR B 299 18.30 -25.86 5.11
C THR B 299 16.87 -25.34 5.13
N LYS B 300 16.39 -25.06 6.33
CA LYS B 300 15.03 -24.60 6.52
C LYS B 300 14.94 -23.19 7.08
N LYS B 301 16.01 -22.67 7.67
CA LYS B 301 15.92 -21.37 8.32
C LYS B 301 16.05 -20.26 7.30
N ARG B 302 14.99 -19.50 7.11
CA ARG B 302 14.91 -18.64 5.94
C ARG B 302 15.71 -17.36 6.10
N GLU B 303 16.37 -17.19 7.24
CA GLU B 303 17.31 -16.08 7.30
C GLU B 303 18.64 -16.47 6.67
N ALA B 304 18.86 -17.75 6.41
CA ALA B 304 20.12 -18.21 5.82
C ALA B 304 20.25 -17.86 4.35
N ARG B 305 19.14 -17.76 3.62
CA ARG B 305 19.18 -17.51 2.18
C ARG B 305 19.74 -16.15 1.83
N GLN B 306 19.82 -15.22 2.78
CA GLN B 306 20.49 -13.94 2.55
C GLN B 306 21.99 -14.06 2.49
N ILE B 307 22.56 -15.26 2.60
CA ILE B 307 23.99 -15.39 2.32
C ILE B 307 24.24 -15.28 0.82
N LEU B 308 23.19 -15.42 0.01
CA LEU B 308 23.33 -15.19 -1.42
C LEU B 308 23.57 -13.74 -1.75
N ASP B 309 23.27 -12.82 -0.85
CA ASP B 309 23.58 -11.42 -1.10
C ASP B 309 24.99 -11.04 -0.69
N GLN B 310 25.91 -11.99 -0.59
CA GLN B 310 27.26 -11.65 -0.19
C GLN B 310 28.20 -11.71 -1.37
N THR B 311 29.25 -10.88 -1.29
CA THR B 311 30.12 -10.51 -2.40
C THR B 311 30.78 -11.63 -3.20
N PRO B 312 31.22 -12.77 -2.65
CA PRO B 312 31.78 -13.77 -3.57
C PRO B 312 30.71 -14.65 -4.17
N VAL B 313 29.53 -14.66 -3.58
CA VAL B 313 28.59 -15.73 -3.87
C VAL B 313 27.61 -15.33 -4.96
N LYS B 314 27.09 -14.09 -4.92
CA LYS B 314 26.06 -13.69 -5.87
C LYS B 314 26.61 -13.61 -7.29
N GLU B 315 27.88 -13.29 -7.42
CA GLU B 315 28.42 -13.10 -8.75
C GLU B 315 28.91 -14.45 -9.26
N LEU B 316 29.24 -15.34 -8.33
CA LEU B 316 29.61 -16.71 -8.68
C LEU B 316 28.45 -17.44 -9.32
N VAL B 317 27.27 -17.35 -8.70
CA VAL B 317 26.12 -18.03 -9.28
C VAL B 317 25.64 -17.33 -10.53
N SER B 318 25.99 -16.05 -10.69
CA SER B 318 25.65 -15.35 -11.91
C SER B 318 26.38 -15.96 -13.10
N LEU B 319 27.68 -16.14 -12.97
CA LEU B 319 28.44 -16.76 -14.04
C LEU B 319 28.07 -18.22 -14.23
N LYS B 320 27.64 -18.88 -13.16
CA LYS B 320 27.06 -20.20 -13.34
C LYS B 320 25.69 -20.13 -13.99
N TRP B 321 25.04 -18.98 -13.98
CA TRP B 321 23.76 -18.86 -14.65
C TRP B 321 23.85 -18.15 -15.98
N LYS B 322 24.76 -17.20 -16.14
CA LYS B 322 24.86 -16.52 -17.42
C LYS B 322 25.47 -17.44 -18.46
N ARG B 323 26.70 -17.90 -18.22
CA ARG B 323 27.33 -18.80 -19.17
C ARG B 323 27.03 -20.23 -18.76
N TYR B 324 26.53 -21.01 -19.73
CA TYR B 324 25.99 -22.35 -19.60
C TYR B 324 25.16 -22.57 -18.35
N GLY B 325 24.29 -21.59 -18.09
CA GLY B 325 23.27 -21.73 -17.08
C GLY B 325 21.95 -21.96 -17.77
N ARG B 326 21.19 -20.89 -17.95
CA ARG B 326 19.93 -20.98 -18.69
C ARG B 326 20.01 -21.57 -20.10
N PRO B 327 21.00 -21.30 -20.97
CA PRO B 327 20.87 -21.86 -22.32
C PRO B 327 21.10 -23.35 -22.38
N TYR B 328 21.69 -23.95 -21.37
CA TYR B 328 21.66 -25.40 -21.31
C TYR B 328 20.61 -25.87 -20.32
N PHE B 329 19.98 -24.93 -19.63
CA PHE B 329 18.76 -25.25 -18.90
C PHE B 329 17.54 -25.17 -19.80
N CYS B 330 17.35 -24.03 -20.46
CA CYS B 330 16.21 -23.83 -21.35
C CYS B 330 16.25 -24.78 -22.54
N MET B 331 17.43 -25.26 -22.92
CA MET B 331 17.52 -26.34 -23.89
C MET B 331 16.82 -27.58 -23.38
N LEU B 332 17.02 -27.91 -22.10
CA LEU B 332 16.26 -29.01 -21.52
C LEU B 332 14.81 -28.64 -21.40
N GLY B 333 14.51 -27.35 -21.25
CA GLY B 333 13.13 -26.92 -21.36
C GLY B 333 12.61 -27.07 -22.78
N ALA B 334 13.49 -26.80 -23.76
CA ALA B 334 13.05 -26.79 -25.15
C ALA B 334 12.68 -28.17 -25.65
N ILE B 335 13.40 -29.20 -25.19
CA ILE B 335 13.02 -30.55 -25.59
C ILE B 335 11.78 -30.98 -24.82
N TYR B 336 11.55 -30.37 -23.66
CA TYR B 336 10.52 -30.86 -22.77
C TYR B 336 9.12 -30.56 -23.29
N LEU B 337 8.88 -29.35 -23.78
CA LEU B 337 7.55 -29.08 -24.31
C LEU B 337 7.36 -29.79 -25.64
N LEU B 338 8.46 -30.04 -26.36
CA LEU B 338 8.41 -30.92 -27.51
C LEU B 338 8.03 -32.33 -27.11
N TYR B 339 8.52 -32.80 -25.97
CA TYR B 339 8.05 -34.08 -25.42
C TYR B 339 6.57 -34.03 -25.11
N ILE B 340 6.10 -32.89 -24.62
CA ILE B 340 4.68 -32.76 -24.30
C ILE B 340 3.87 -32.64 -25.58
N ILE B 341 4.39 -31.94 -26.59
CA ILE B 341 3.71 -31.83 -27.87
C ILE B 341 3.62 -33.19 -28.55
N CYS B 342 4.71 -33.95 -28.53
CA CYS B 342 4.63 -35.32 -29.03
C CYS B 342 3.89 -36.24 -28.07
N PHE B 343 3.56 -35.77 -26.87
CA PHE B 343 2.63 -36.54 -26.04
C PHE B 343 1.19 -36.23 -26.41
N THR B 344 0.85 -34.96 -26.56
CA THR B 344 -0.52 -34.56 -26.82
C THR B 344 -1.04 -35.07 -28.15
N MET B 345 -0.19 -35.12 -29.17
CA MET B 345 -0.63 -35.65 -30.44
C MET B 345 -0.85 -37.16 -30.35
N CYS B 346 -0.09 -37.84 -29.51
CA CYS B 346 -0.37 -39.23 -29.22
C CYS B 346 -1.29 -39.38 -28.02
N CYS B 347 -1.85 -38.29 -27.54
CA CYS B 347 -2.94 -38.34 -26.59
C CYS B 347 -4.29 -38.09 -27.23
N ILE B 348 -4.34 -37.25 -28.26
CA ILE B 348 -5.65 -36.92 -28.81
C ILE B 348 -6.07 -37.97 -29.83
N TYR B 349 -5.16 -38.46 -30.65
CA TYR B 349 -5.50 -39.57 -31.53
C TYR B 349 -5.55 -40.80 -30.65
N ARG B 350 -6.73 -41.39 -30.55
CA ARG B 350 -7.04 -42.46 -29.63
C ARG B 350 -7.68 -43.60 -30.42
N PRO B 351 -7.79 -44.82 -29.83
CA PRO B 351 -8.41 -45.93 -30.55
C PRO B 351 -9.82 -45.71 -31.09
N LEU B 352 -10.77 -45.38 -30.23
CA LEU B 352 -11.89 -44.49 -30.56
C LEU B 352 -12.83 -45.09 -31.62
N LYS B 353 -13.40 -46.26 -31.32
CA LYS B 353 -14.29 -46.89 -32.30
C LYS B 353 -15.70 -46.32 -32.22
N PRO B 354 -16.55 -46.58 -33.20
CA PRO B 354 -17.96 -46.24 -33.03
C PRO B 354 -18.64 -47.18 -32.06
N ARG B 355 -19.89 -46.84 -31.73
CA ARG B 355 -20.69 -47.59 -30.77
C ARG B 355 -21.08 -48.94 -31.33
N THR B 356 -20.54 -50.03 -30.79
CA THR B 356 -20.76 -51.31 -31.46
C THR B 356 -21.40 -52.38 -30.59
N ASN B 357 -21.15 -52.40 -29.27
CA ASN B 357 -21.67 -53.50 -28.48
C ASN B 357 -23.18 -53.40 -28.30
N ASN B 358 -23.67 -52.25 -27.85
CA ASN B 358 -25.11 -52.11 -27.72
C ASN B 358 -25.55 -50.68 -27.99
N ARG B 359 -26.81 -50.53 -28.34
CA ARG B 359 -27.50 -49.26 -28.25
C ARG B 359 -27.50 -48.77 -26.81
N THR B 360 -27.56 -47.44 -26.65
CA THR B 360 -27.61 -46.85 -25.32
C THR B 360 -29.00 -46.97 -24.70
N SER B 361 -29.24 -48.06 -24.00
CA SER B 361 -30.54 -48.26 -23.37
C SER B 361 -30.83 -47.35 -22.17
N PRO B 362 -29.95 -47.27 -21.09
CA PRO B 362 -30.45 -46.69 -19.83
C PRO B 362 -30.67 -45.19 -19.88
N ARG B 363 -31.91 -44.76 -19.61
CA ARG B 363 -32.32 -43.38 -19.30
C ARG B 363 -32.19 -42.42 -20.49
N ASP B 364 -31.56 -42.86 -21.58
CA ASP B 364 -31.04 -42.00 -22.66
C ASP B 364 -30.22 -40.86 -22.08
N ASN B 365 -29.33 -41.20 -21.15
CA ASN B 365 -28.38 -40.23 -20.64
C ASN B 365 -26.95 -40.63 -20.98
N THR B 366 -26.72 -41.92 -21.22
CA THR B 366 -25.39 -42.45 -21.50
C THR B 366 -25.05 -42.00 -22.92
N LEU B 367 -24.48 -40.81 -23.01
CA LEU B 367 -24.34 -40.09 -24.26
C LEU B 367 -22.96 -40.38 -24.83
N LEU B 368 -22.59 -41.66 -24.83
CA LEU B 368 -21.21 -42.03 -25.17
C LEU B 368 -21.22 -43.12 -26.20
N GLN B 369 -20.25 -43.10 -27.11
CA GLN B 369 -20.30 -44.04 -28.22
C GLN B 369 -18.94 -44.62 -28.59
N GLN B 370 -17.92 -44.50 -27.74
CA GLN B 370 -16.59 -44.61 -28.32
C GLN B 370 -15.77 -45.81 -27.87
N LYS B 371 -15.79 -46.17 -26.58
CA LYS B 371 -15.43 -47.49 -26.07
C LYS B 371 -13.98 -47.94 -26.24
N LEU B 372 -13.11 -47.17 -26.93
CA LEU B 372 -11.64 -47.33 -26.87
C LEU B 372 -11.12 -48.71 -27.29
N LEU B 373 -11.01 -48.95 -28.61
CA LEU B 373 -10.68 -50.23 -29.26
C LEU B 373 -9.65 -51.13 -28.61
N GLN B 374 -9.85 -52.44 -28.79
CA GLN B 374 -9.01 -53.43 -28.15
C GLN B 374 -7.62 -53.52 -28.78
N GLU B 375 -7.54 -54.00 -30.02
CA GLU B 375 -6.26 -54.34 -30.62
C GLU B 375 -6.20 -53.91 -32.08
N ALA B 376 -6.61 -52.67 -32.37
CA ALA B 376 -6.50 -52.14 -33.72
C ALA B 376 -5.28 -51.23 -33.81
N TYR B 377 -4.24 -51.70 -34.46
CA TYR B 377 -3.02 -50.89 -34.63
C TYR B 377 -2.38 -50.98 -36.00
N MET B 378 -2.82 -51.83 -36.91
CA MET B 378 -2.04 -52.07 -38.12
C MET B 378 -2.32 -51.07 -39.23
N THR B 379 -3.18 -50.09 -38.98
CA THR B 379 -3.48 -49.10 -40.01
C THR B 379 -2.28 -48.17 -40.19
N PRO B 380 -2.12 -47.58 -41.38
CA PRO B 380 -1.02 -46.64 -41.58
C PRO B 380 -1.21 -45.29 -40.90
N LYS B 381 -2.27 -45.10 -40.13
CA LYS B 381 -2.26 -44.00 -39.17
C LYS B 381 -1.75 -44.48 -37.82
N ASP B 382 -2.11 -45.71 -37.44
CA ASP B 382 -1.81 -46.16 -36.08
C ASP B 382 -0.36 -46.61 -35.91
N ASP B 383 0.41 -46.68 -36.98
CA ASP B 383 1.84 -46.88 -36.81
C ASP B 383 2.52 -45.56 -36.44
N ILE B 384 1.99 -44.45 -36.97
CA ILE B 384 2.54 -43.13 -36.72
C ILE B 384 2.33 -42.73 -35.27
N ARG B 385 1.19 -43.08 -34.69
CA ARG B 385 0.98 -42.79 -33.28
C ARG B 385 1.80 -43.73 -32.40
N LEU B 386 2.24 -44.87 -32.96
CA LEU B 386 2.94 -45.84 -32.14
C LEU B 386 4.36 -45.39 -31.88
N VAL B 387 5.04 -44.88 -32.92
CA VAL B 387 6.31 -44.21 -32.69
C VAL B 387 6.07 -42.89 -31.96
N GLY B 388 4.89 -42.31 -32.14
CA GLY B 388 4.49 -41.21 -31.28
C GLY B 388 4.25 -41.65 -29.86
N GLU B 389 3.82 -42.91 -29.67
CA GLU B 389 3.61 -43.41 -28.32
C GLU B 389 4.89 -43.71 -27.57
N LEU B 390 5.68 -44.69 -28.01
CA LEU B 390 6.61 -45.31 -27.09
C LEU B 390 7.79 -44.43 -26.76
N VAL B 391 7.98 -43.33 -27.50
CA VAL B 391 8.92 -42.29 -27.09
C VAL B 391 8.46 -41.67 -25.77
N THR B 392 7.16 -41.61 -25.54
CA THR B 392 6.69 -40.99 -24.31
C THR B 392 6.88 -41.89 -23.11
N VAL B 393 6.54 -43.17 -23.25
CA VAL B 393 6.61 -44.06 -22.09
C VAL B 393 8.06 -44.40 -21.77
N ILE B 394 8.92 -44.41 -22.78
CA ILE B 394 10.36 -44.49 -22.51
C ILE B 394 10.83 -43.19 -21.90
N GLY B 395 10.31 -42.06 -22.39
CA GLY B 395 10.64 -40.76 -21.82
C GLY B 395 10.22 -40.62 -20.36
N ALA B 396 9.19 -41.33 -19.95
CA ALA B 396 8.93 -41.46 -18.53
C ALA B 396 10.05 -42.22 -17.84
N ILE B 397 10.47 -43.33 -18.44
CA ILE B 397 11.45 -44.22 -17.81
C ILE B 397 12.80 -43.52 -17.67
N ILE B 398 13.11 -42.57 -18.57
CA ILE B 398 14.23 -41.67 -18.32
C ILE B 398 14.03 -40.89 -17.02
N ILE B 399 12.85 -40.32 -16.83
CA ILE B 399 12.68 -39.55 -15.60
C ILE B 399 12.20 -40.45 -14.46
N LEU B 400 12.02 -41.74 -14.74
CA LEU B 400 12.06 -42.70 -13.64
C LEU B 400 13.48 -42.90 -13.14
N LEU B 401 14.44 -43.09 -14.05
CA LEU B 401 15.81 -43.39 -13.64
C LEU B 401 16.51 -42.20 -13.02
N VAL B 402 15.92 -41.01 -13.12
CA VAL B 402 16.35 -39.88 -12.32
C VAL B 402 16.11 -40.15 -10.83
N GLU B 403 15.08 -40.94 -10.51
CA GLU B 403 14.62 -40.98 -9.14
C GLU B 403 14.94 -42.26 -8.39
N VAL B 404 15.29 -43.34 -9.08
CA VAL B 404 15.68 -44.58 -8.37
C VAL B 404 16.93 -44.37 -7.54
N PRO B 405 17.95 -43.60 -7.94
CA PRO B 405 18.89 -43.10 -6.94
C PRO B 405 18.33 -41.99 -6.06
N ASP B 406 17.41 -41.17 -6.57
CA ASP B 406 17.03 -39.98 -5.82
C ASP B 406 16.00 -40.26 -4.73
N ILE B 407 15.12 -41.23 -4.94
CA ILE B 407 14.31 -41.71 -3.83
C ILE B 407 15.20 -42.43 -2.83
N PHE B 408 16.21 -43.17 -3.32
CA PHE B 408 17.25 -43.75 -2.49
C PHE B 408 18.10 -42.67 -1.82
N ARG B 409 18.17 -41.47 -2.38
CA ARG B 409 18.99 -40.41 -1.82
C ARG B 409 18.38 -39.82 -0.56
N MET B 410 17.22 -39.20 -0.67
CA MET B 410 16.69 -38.36 0.40
C MET B 410 15.33 -38.87 0.88
N GLY B 411 15.13 -40.19 0.84
CA GLY B 411 13.95 -40.80 1.40
C GLY B 411 12.69 -40.52 0.60
N VAL B 412 11.55 -40.85 1.19
CA VAL B 412 10.24 -40.62 0.59
C VAL B 412 9.45 -39.56 1.37
N THR B 413 9.34 -39.73 2.68
CA THR B 413 8.52 -38.84 3.49
C THR B 413 9.19 -37.50 3.71
N ARG B 414 10.50 -37.50 3.96
CA ARG B 414 11.21 -36.22 4.08
C ARG B 414 11.65 -35.69 2.72
N PHE B 415 11.42 -36.46 1.65
CA PHE B 415 11.52 -35.90 0.32
C PHE B 415 10.48 -34.82 0.08
N PHE B 416 9.29 -34.96 0.68
CA PHE B 416 8.33 -33.86 0.76
C PHE B 416 8.94 -32.66 1.49
N GLY B 417 9.80 -32.93 2.47
CA GLY B 417 10.53 -31.86 3.12
C GLY B 417 11.67 -31.31 2.27
N GLN B 418 11.95 -31.96 1.14
CA GLN B 418 12.85 -31.37 0.15
C GLN B 418 12.09 -30.54 -0.89
N THR B 419 10.79 -30.79 -1.04
CA THR B 419 10.07 -30.30 -2.22
C THR B 419 9.73 -28.82 -2.14
N ILE B 420 8.96 -28.42 -1.13
CA ILE B 420 8.16 -27.19 -1.16
C ILE B 420 9.04 -25.93 -1.18
N LEU B 421 10.23 -26.02 -0.60
CA LEU B 421 11.12 -24.86 -0.53
C LEU B 421 11.73 -24.52 -1.88
N GLY B 422 12.22 -25.52 -2.60
CA GLY B 422 12.74 -25.32 -3.92
C GLY B 422 12.32 -26.46 -4.82
N GLY B 423 11.60 -26.15 -5.87
CA GLY B 423 11.03 -27.14 -6.74
C GLY B 423 10.05 -28.09 -6.08
N PRO B 424 8.84 -27.62 -5.73
CA PRO B 424 7.73 -28.55 -5.55
C PRO B 424 7.10 -28.92 -6.85
N PHE B 425 7.56 -28.35 -7.93
CA PHE B 425 7.20 -28.78 -9.26
C PHE B 425 7.92 -30.06 -9.64
N HIS B 426 8.96 -30.40 -8.89
CA HIS B 426 9.71 -31.62 -9.12
C HIS B 426 8.91 -32.86 -8.76
N VAL B 427 8.05 -32.76 -7.76
CA VAL B 427 7.41 -33.98 -7.29
C VAL B 427 6.32 -34.42 -8.24
N LEU B 428 5.57 -33.50 -8.85
CA LEU B 428 4.44 -33.95 -9.63
C LEU B 428 4.84 -34.33 -11.04
N ILE B 429 6.10 -34.10 -11.41
CA ILE B 429 6.58 -34.72 -12.64
C ILE B 429 6.82 -36.20 -12.42
N ILE B 430 6.80 -36.66 -11.17
CA ILE B 430 6.94 -38.08 -10.91
C ILE B 430 5.58 -38.74 -10.84
N THR B 431 4.59 -38.02 -10.32
CA THR B 431 3.23 -38.51 -10.43
C THR B 431 2.71 -38.41 -11.86
N TYR B 432 3.33 -37.55 -12.66
CA TYR B 432 3.23 -37.66 -14.10
C TYR B 432 3.63 -39.05 -14.56
N ALA B 433 4.76 -39.53 -14.04
CA ALA B 433 5.33 -40.76 -14.54
C ALA B 433 4.55 -41.98 -14.08
N PHE B 434 3.99 -41.93 -12.87
CA PHE B 434 3.18 -43.04 -12.38
C PHE B 434 1.94 -43.21 -13.23
N MET B 435 1.29 -42.11 -13.56
CA MET B 435 0.08 -42.19 -14.37
C MET B 435 0.40 -42.56 -15.80
N VAL B 436 1.47 -42.01 -16.37
CA VAL B 436 1.72 -42.25 -17.78
C VAL B 436 2.33 -43.63 -17.96
N LEU B 437 2.85 -44.22 -16.89
CA LEU B 437 3.22 -45.62 -16.99
C LEU B 437 1.98 -46.51 -16.89
N VAL B 438 1.07 -46.18 -15.98
CA VAL B 438 -0.07 -47.06 -15.72
C VAL B 438 -1.06 -47.01 -16.87
N THR B 439 -1.03 -45.94 -17.66
CA THR B 439 -1.92 -45.94 -18.81
C THR B 439 -1.42 -46.83 -19.92
N MET B 440 -0.13 -47.16 -19.95
CA MET B 440 0.34 -48.14 -20.91
C MET B 440 0.10 -49.54 -20.39
N VAL B 441 0.17 -49.70 -19.07
CA VAL B 441 -0.33 -50.91 -18.44
C VAL B 441 -1.82 -51.05 -18.74
N MET B 442 -2.54 -49.94 -18.76
CA MET B 442 -3.95 -49.96 -19.06
C MET B 442 -4.25 -50.36 -20.49
N ARG B 443 -3.47 -49.88 -21.47
CA ARG B 443 -3.72 -50.24 -22.85
C ARG B 443 -3.35 -51.68 -23.17
N LEU B 444 -2.49 -52.30 -22.38
CA LEU B 444 -2.21 -53.70 -22.63
C LEU B 444 -3.31 -54.58 -22.06
N ILE B 445 -4.00 -54.10 -21.03
CA ILE B 445 -5.15 -54.83 -20.51
C ILE B 445 -6.42 -54.39 -21.22
N SER B 446 -6.45 -53.12 -21.67
CA SER B 446 -7.59 -52.50 -22.36
C SER B 446 -8.86 -52.52 -21.51
N ALA B 447 -8.71 -52.15 -20.24
CA ALA B 447 -9.87 -51.94 -19.40
C ALA B 447 -10.55 -50.64 -19.78
N SER B 448 -11.81 -50.50 -19.35
CA SER B 448 -12.60 -49.35 -19.75
C SER B 448 -12.12 -48.07 -19.09
N GLY B 449 -11.59 -48.18 -17.88
CA GLY B 449 -11.08 -47.02 -17.16
C GLY B 449 -9.78 -46.51 -17.73
N GLU B 450 -9.84 -45.91 -18.91
CA GLU B 450 -8.66 -45.43 -19.60
C GLU B 450 -8.47 -43.93 -19.43
N VAL B 451 -9.53 -43.18 -19.22
CA VAL B 451 -9.40 -41.73 -19.24
C VAL B 451 -8.92 -41.20 -17.91
N VAL B 452 -9.08 -42.00 -16.85
CA VAL B 452 -8.69 -41.60 -15.50
C VAL B 452 -7.18 -41.38 -15.37
N PRO B 453 -6.27 -42.15 -16.00
CA PRO B 453 -4.90 -41.63 -16.07
C PRO B 453 -4.79 -40.51 -17.06
N MET B 454 -5.47 -40.68 -18.19
CA MET B 454 -5.20 -39.85 -19.36
C MET B 454 -5.67 -38.43 -19.13
N SER B 455 -6.64 -38.25 -18.23
CA SER B 455 -6.93 -36.93 -17.72
C SER B 455 -5.75 -36.39 -16.94
N PHE B 456 -5.34 -37.11 -15.89
CA PHE B 456 -4.25 -36.63 -15.04
C PHE B 456 -2.94 -36.58 -15.78
N ALA B 457 -2.70 -37.54 -16.68
CA ALA B 457 -1.40 -37.59 -17.35
C ALA B 457 -1.25 -36.49 -18.38
N LEU B 458 -2.33 -35.79 -18.69
CA LEU B 458 -2.23 -34.70 -19.63
C LEU B 458 -2.10 -33.37 -18.91
N VAL B 459 -2.87 -33.18 -17.84
CA VAL B 459 -3.03 -31.84 -17.30
C VAL B 459 -1.80 -31.38 -16.55
N LEU B 460 -1.18 -32.23 -15.77
CA LEU B 460 -0.01 -31.78 -15.05
C LEU B 460 1.25 -31.99 -15.87
N GLY B 461 1.12 -32.63 -17.03
CA GLY B 461 2.18 -32.56 -18.01
C GLY B 461 2.36 -31.13 -18.49
N TRP B 462 1.29 -30.47 -18.88
CA TRP B 462 1.37 -29.07 -19.24
C TRP B 462 1.60 -28.19 -18.04
N CYS B 463 1.00 -28.52 -16.90
CA CYS B 463 1.12 -27.67 -15.73
C CYS B 463 2.51 -27.69 -15.15
N ASN B 464 3.36 -28.62 -15.58
CA ASN B 464 4.72 -28.63 -15.10
C ASN B 464 5.68 -27.95 -16.06
N VAL B 465 5.18 -27.39 -17.17
CA VAL B 465 6.10 -26.58 -17.97
C VAL B 465 6.34 -25.24 -17.32
N MET B 466 5.49 -24.84 -16.37
CA MET B 466 5.69 -23.58 -15.69
C MET B 466 6.81 -23.67 -14.69
N ALA B 467 7.31 -24.86 -14.42
CA ALA B 467 8.56 -24.98 -13.69
C ALA B 467 9.70 -24.33 -14.46
N PHE B 468 9.64 -24.36 -15.78
CA PHE B 468 10.69 -23.78 -16.61
C PHE B 468 10.49 -22.30 -16.82
N ALA B 469 9.47 -21.71 -16.19
CA ALA B 469 9.27 -20.28 -16.28
C ALA B 469 10.36 -19.50 -15.56
N ARG B 470 11.02 -20.13 -14.59
CA ARG B 470 12.13 -19.49 -13.90
C ARG B 470 13.31 -19.24 -14.83
N GLY B 471 13.46 -20.04 -15.88
CA GLY B 471 14.64 -19.95 -16.70
C GLY B 471 14.58 -18.79 -17.65
N PHE B 472 13.51 -18.74 -18.44
CA PHE B 472 13.24 -17.57 -19.25
C PHE B 472 13.01 -16.39 -18.33
N GLN B 473 13.61 -15.26 -18.67
CA GLN B 473 13.69 -14.15 -17.72
C GLN B 473 12.33 -13.51 -17.53
N MET B 474 12.19 -12.81 -16.40
CA MET B 474 11.05 -12.00 -15.96
C MET B 474 9.74 -12.77 -15.81
N LEU B 475 9.71 -14.05 -16.15
CA LEU B 475 8.51 -14.88 -16.16
C LEU B 475 8.40 -15.72 -14.90
N GLY B 476 9.54 -16.15 -14.38
CA GLY B 476 9.67 -16.78 -13.09
C GLY B 476 8.89 -16.25 -11.89
N PRO B 477 9.02 -14.97 -11.51
CA PRO B 477 8.63 -14.57 -10.15
C PRO B 477 7.16 -14.68 -9.86
N PHE B 478 6.31 -14.56 -10.87
CA PHE B 478 4.90 -14.83 -10.67
C PHE B 478 4.67 -16.31 -10.46
N THR B 479 5.43 -17.15 -11.17
CA THR B 479 5.30 -18.59 -10.99
C THR B 479 5.84 -19.00 -9.62
N ILE B 480 6.85 -18.27 -9.13
CA ILE B 480 7.19 -18.32 -7.72
C ILE B 480 6.02 -17.87 -6.87
N MET B 481 5.37 -16.78 -7.27
CA MET B 481 4.26 -16.30 -6.46
C MET B 481 3.03 -17.16 -6.69
N ILE B 482 2.96 -17.90 -7.81
CA ILE B 482 1.97 -18.95 -7.97
C ILE B 482 2.14 -19.97 -6.86
N GLN B 483 3.37 -20.43 -6.65
CA GLN B 483 3.67 -21.44 -5.64
C GLN B 483 3.31 -20.97 -4.24
N LYS B 484 3.74 -19.77 -3.86
CA LYS B 484 3.54 -19.35 -2.48
C LYS B 484 2.12 -18.92 -2.18
N MET B 485 1.27 -18.77 -3.19
CA MET B 485 -0.13 -18.50 -2.89
C MET B 485 -0.92 -19.79 -2.78
N ILE B 486 -0.57 -20.81 -3.56
CA ILE B 486 -1.41 -22.01 -3.56
C ILE B 486 -1.16 -22.85 -2.32
N PHE B 487 0.10 -23.10 -1.97
CA PHE B 487 0.36 -24.08 -0.93
C PHE B 487 0.27 -23.51 0.47
N GLY B 488 0.08 -22.21 0.63
CA GLY B 488 0.03 -21.65 1.95
C GLY B 488 -1.23 -20.85 2.20
N ASP B 489 -1.86 -20.38 1.12
CA ASP B 489 -3.00 -19.49 1.24
C ASP B 489 -4.27 -20.03 0.60
N LEU B 490 -4.21 -20.55 -0.62
CA LEU B 490 -5.45 -20.98 -1.26
C LEU B 490 -5.92 -22.32 -0.72
N MET B 491 -5.01 -23.25 -0.44
CA MET B 491 -5.43 -24.46 0.24
C MET B 491 -5.81 -24.17 1.68
N ARG B 492 -5.23 -23.13 2.28
CA ARG B 492 -5.78 -22.63 3.52
C ARG B 492 -7.14 -22.00 3.31
N PHE B 493 -7.34 -21.34 2.18
CA PHE B 493 -8.67 -20.83 1.86
C PHE B 493 -9.62 -21.97 1.54
N CYS B 494 -9.12 -23.02 0.89
CA CYS B 494 -10.01 -24.10 0.45
C CYS B 494 -10.46 -24.95 1.62
N TRP B 495 -9.76 -24.90 2.76
CA TRP B 495 -10.37 -25.38 3.99
C TRP B 495 -11.64 -24.59 4.28
N LEU B 496 -11.53 -23.27 4.27
CA LEU B 496 -12.66 -22.43 4.67
C LEU B 496 -13.73 -22.45 3.61
N MET B 497 -13.37 -22.63 2.36
CA MET B 497 -14.37 -22.51 1.33
C MET B 497 -15.16 -23.80 1.19
N ALA B 498 -14.54 -24.93 1.49
CA ALA B 498 -15.20 -26.20 1.28
C ALA B 498 -16.25 -26.50 2.34
N VAL B 499 -16.51 -25.60 3.27
CA VAL B 499 -17.55 -25.86 4.25
C VAL B 499 -18.69 -24.86 4.08
N VAL B 500 -18.38 -23.67 3.57
CA VAL B 500 -19.44 -22.71 3.34
C VAL B 500 -20.24 -23.12 2.13
N ILE B 501 -19.66 -23.96 1.27
CA ILE B 501 -20.44 -24.50 0.17
C ILE B 501 -21.45 -25.52 0.67
N LEU B 502 -21.03 -26.44 1.53
CA LEU B 502 -21.80 -27.64 1.84
C LEU B 502 -23.11 -27.35 2.51
N GLY B 503 -23.21 -26.21 3.18
CA GLY B 503 -24.47 -25.74 3.70
C GLY B 503 -25.42 -25.50 2.57
N PHE B 504 -25.12 -24.46 1.77
CA PHE B 504 -26.00 -24.03 0.69
C PHE B 504 -26.22 -25.13 -0.32
N ALA B 505 -25.18 -25.91 -0.58
CA ALA B 505 -25.27 -26.97 -1.58
C ALA B 505 -26.25 -28.03 -1.14
N SER B 506 -26.14 -28.48 0.09
CA SER B 506 -27.12 -29.42 0.57
C SER B 506 -28.45 -28.73 0.82
N ALA B 507 -28.42 -27.45 1.19
CA ALA B 507 -29.66 -26.70 1.34
C ALA B 507 -30.35 -26.53 0.00
N PHE B 508 -29.56 -26.33 -1.06
CA PHE B 508 -30.16 -26.39 -2.38
C PHE B 508 -30.63 -27.79 -2.70
N TYR B 509 -29.92 -28.80 -2.19
CA TYR B 509 -30.26 -30.16 -2.55
C TYR B 509 -31.57 -30.60 -1.92
N ILE B 510 -31.84 -30.17 -0.69
CA ILE B 510 -33.10 -30.57 -0.10
C ILE B 510 -34.24 -29.72 -0.63
N ILE B 511 -33.95 -28.50 -1.04
CA ILE B 511 -35.01 -27.58 -1.41
C ILE B 511 -35.48 -27.87 -2.82
N PHE B 512 -34.69 -28.65 -3.55
CA PHE B 512 -35.07 -29.02 -4.90
C PHE B 512 -35.26 -30.51 -5.04
N GLN B 513 -35.17 -31.26 -3.94
CA GLN B 513 -35.80 -32.57 -3.91
C GLN B 513 -37.30 -32.45 -4.12
N THR B 514 -37.90 -31.38 -3.61
CA THR B 514 -39.32 -31.13 -3.80
C THR B 514 -39.67 -30.97 -5.27
N GLU B 515 -38.78 -30.36 -6.02
CA GLU B 515 -39.09 -29.93 -7.37
C GLU B 515 -38.67 -30.98 -8.39
N ASP B 516 -39.36 -30.97 -9.53
CA ASP B 516 -39.07 -31.84 -10.65
C ASP B 516 -37.71 -31.48 -11.20
N PRO B 517 -36.80 -32.44 -11.36
CA PRO B 517 -35.54 -32.18 -12.05
C PRO B 517 -35.62 -32.25 -13.57
N GLU B 518 -36.82 -32.24 -14.16
CA GLU B 518 -36.88 -32.19 -15.61
C GLU B 518 -36.48 -30.82 -16.13
N GLU B 519 -37.25 -29.79 -15.79
CA GLU B 519 -36.76 -28.43 -15.87
C GLU B 519 -36.07 -28.13 -14.57
N LEU B 520 -35.17 -27.15 -14.57
CA LEU B 520 -34.36 -26.74 -13.41
C LEU B 520 -33.63 -27.93 -12.84
N GLY B 521 -32.77 -28.52 -13.65
CA GLY B 521 -32.26 -29.81 -13.29
C GLY B 521 -30.84 -29.77 -12.81
N HIS B 522 -30.43 -28.69 -12.17
CA HIS B 522 -29.06 -28.62 -11.67
C HIS B 522 -28.82 -29.55 -10.51
N PHE B 523 -29.87 -29.91 -9.78
CA PHE B 523 -29.71 -30.47 -8.44
C PHE B 523 -30.51 -31.75 -8.32
N TYR B 524 -30.43 -32.63 -9.32
CA TYR B 524 -31.24 -33.84 -9.29
C TYR B 524 -30.71 -34.85 -8.30
N ASP B 525 -29.44 -34.78 -7.96
CA ASP B 525 -28.90 -35.63 -6.91
C ASP B 525 -27.78 -34.89 -6.21
N TYR B 526 -27.45 -35.38 -5.04
CA TYR B 526 -26.47 -34.80 -4.14
C TYR B 526 -25.04 -34.66 -4.68
N PRO B 527 -24.43 -35.63 -5.40
CA PRO B 527 -23.04 -35.43 -5.82
C PRO B 527 -22.87 -34.33 -6.82
N MET B 528 -23.80 -34.16 -7.74
CA MET B 528 -23.66 -33.06 -8.67
C MET B 528 -24.11 -31.78 -8.03
N ALA B 529 -24.88 -31.87 -6.95
CA ALA B 529 -25.36 -30.70 -6.25
C ALA B 529 -24.22 -29.94 -5.58
N LEU B 530 -23.21 -30.66 -5.11
CA LEU B 530 -22.01 -29.99 -4.64
C LEU B 530 -21.29 -29.29 -5.77
N PHE B 531 -21.01 -30.02 -6.85
CA PHE B 531 -20.25 -29.48 -7.97
C PHE B 531 -20.94 -28.31 -8.62
N SER B 532 -22.26 -28.42 -8.81
CA SER B 532 -23.00 -27.33 -9.41
C SER B 532 -23.05 -26.12 -8.49
N THR B 533 -23.03 -26.34 -7.19
CA THR B 533 -22.89 -25.22 -6.29
C THR B 533 -21.48 -24.66 -6.34
N PHE B 534 -20.49 -25.53 -6.48
CA PHE B 534 -19.08 -25.13 -6.47
C PHE B 534 -18.76 -24.21 -7.62
N GLU B 535 -19.19 -24.58 -8.81
CA GLU B 535 -18.98 -23.72 -9.96
C GLU B 535 -19.92 -22.54 -9.94
N LEU B 536 -21.03 -22.62 -9.21
CA LEU B 536 -21.82 -21.43 -8.95
C LEU B 536 -21.11 -20.51 -8.00
N PHE B 537 -20.31 -21.05 -7.10
CA PHE B 537 -19.61 -20.24 -6.13
C PHE B 537 -18.62 -19.30 -6.78
N LEU B 538 -17.92 -19.74 -7.82
CA LEU B 538 -17.02 -18.85 -8.54
C LEU B 538 -17.73 -18.05 -9.61
N THR B 539 -19.06 -17.96 -9.53
CA THR B 539 -19.92 -17.14 -10.38
C THR B 539 -19.75 -17.49 -11.86
N ILE B 540 -19.48 -18.76 -12.10
CA ILE B 540 -19.25 -19.24 -13.44
C ILE B 540 -20.55 -19.67 -14.10
N ILE B 541 -21.52 -20.44 -13.24
CA ILE B 541 -22.80 -20.80 -13.84
C ILE B 541 -23.77 -19.63 -13.68
N ASP B 542 -24.83 -19.66 -14.48
CA ASP B 542 -25.72 -18.53 -14.66
C ASP B 542 -26.52 -18.21 -13.41
N GLY B 543 -26.63 -19.15 -12.48
CA GLY B 543 -27.53 -18.96 -11.38
C GLY B 543 -28.87 -19.51 -11.80
N PRO B 544 -29.31 -20.58 -11.17
CA PRO B 544 -30.45 -21.34 -11.70
C PRO B 544 -31.77 -20.61 -11.61
N ALA B 545 -32.35 -20.62 -12.81
CA ALA B 545 -33.61 -19.90 -12.76
C ALA B 545 -34.37 -20.23 -14.03
N ASN B 546 -35.51 -20.88 -13.88
CA ASN B 546 -36.27 -21.24 -15.07
C ASN B 546 -36.97 -20.05 -15.67
N TYR B 547 -37.66 -19.26 -14.84
CA TYR B 547 -38.49 -18.14 -15.21
C TYR B 547 -39.64 -18.54 -16.13
N ASN B 548 -39.98 -19.82 -16.15
CA ASN B 548 -41.09 -20.33 -16.90
C ASN B 548 -42.12 -20.93 -15.97
N VAL B 549 -41.66 -21.45 -14.84
CA VAL B 549 -42.52 -21.97 -13.79
C VAL B 549 -42.25 -21.16 -12.54
N ASP B 550 -42.93 -21.51 -11.46
CA ASP B 550 -42.59 -20.92 -10.17
C ASP B 550 -41.49 -21.74 -9.51
N LEU B 551 -40.69 -21.08 -8.71
CA LEU B 551 -39.65 -21.62 -7.86
C LEU B 551 -40.09 -21.60 -6.41
N PRO B 552 -39.65 -22.55 -5.59
CA PRO B 552 -40.05 -22.56 -4.18
C PRO B 552 -39.45 -21.41 -3.40
N PHE B 553 -40.07 -21.12 -2.27
CA PHE B 553 -40.00 -19.78 -1.72
C PHE B 553 -38.65 -19.51 -1.07
N MET B 554 -38.13 -20.48 -0.32
CA MET B 554 -36.84 -20.28 0.30
C MET B 554 -35.69 -20.39 -0.68
N TYR B 555 -35.93 -20.83 -1.92
CA TYR B 555 -34.87 -20.73 -2.92
C TYR B 555 -34.48 -19.29 -3.15
N SER B 556 -35.48 -18.42 -3.21
CA SER B 556 -35.28 -17.04 -3.65
C SER B 556 -34.45 -16.23 -2.67
N ILE B 557 -34.40 -16.64 -1.41
CA ILE B 557 -33.56 -15.90 -0.47
C ILE B 557 -32.25 -16.62 -0.22
N THR B 558 -32.27 -17.95 -0.22
CA THR B 558 -31.08 -18.67 0.17
C THR B 558 -30.02 -18.58 -0.90
N TYR B 559 -30.44 -18.60 -2.14
CA TYR B 559 -29.54 -18.28 -3.24
C TYR B 559 -29.02 -16.86 -3.12
N ALA B 560 -29.89 -15.93 -2.72
CA ALA B 560 -29.41 -14.59 -2.42
C ALA B 560 -28.51 -14.60 -1.20
N ALA B 561 -28.84 -15.42 -0.21
CA ALA B 561 -27.96 -15.57 0.94
C ALA B 561 -26.68 -16.29 0.58
N PHE B 562 -26.66 -17.00 -0.54
CA PHE B 562 -25.38 -17.45 -1.07
C PHE B 562 -24.68 -16.33 -1.81
N ALA B 563 -25.44 -15.40 -2.37
CA ALA B 563 -24.83 -14.39 -3.23
C ALA B 563 -24.02 -13.39 -2.42
N ILE B 564 -24.53 -12.93 -1.28
CA ILE B 564 -23.79 -11.93 -0.50
C ILE B 564 -22.61 -12.59 0.19
N ILE B 565 -22.64 -13.91 0.34
CA ILE B 565 -21.40 -14.57 0.69
C ILE B 565 -20.49 -14.69 -0.51
N ALA B 566 -21.05 -14.92 -1.70
CA ALA B 566 -20.24 -15.07 -2.90
C ALA B 566 -19.55 -13.78 -3.28
N THR B 567 -20.17 -12.64 -2.97
CA THR B 567 -19.45 -11.39 -3.16
C THR B 567 -18.60 -11.03 -1.96
N LEU B 568 -18.61 -11.84 -0.91
CA LEU B 568 -17.76 -11.47 0.21
C LEU B 568 -16.44 -12.20 0.18
N LEU B 569 -16.45 -13.53 0.29
CA LEU B 569 -15.22 -14.16 0.72
C LEU B 569 -14.26 -14.38 -0.44
N MET B 570 -14.75 -14.51 -1.67
CA MET B 570 -13.81 -14.55 -2.77
C MET B 570 -13.29 -13.16 -3.06
N LEU B 571 -14.08 -12.14 -2.70
CA LEU B 571 -13.53 -10.80 -2.66
C LEU B 571 -12.58 -10.65 -1.48
N ASN B 572 -12.86 -11.34 -0.38
CA ASN B 572 -11.89 -11.34 0.70
C ASN B 572 -10.68 -12.18 0.33
N LEU B 573 -10.89 -13.24 -0.45
CA LEU B 573 -9.77 -14.02 -0.98
C LEU B 573 -8.92 -13.19 -1.93
N LEU B 574 -9.55 -12.27 -2.66
CA LEU B 574 -8.81 -11.33 -3.48
C LEU B 574 -7.87 -10.49 -2.64
N ILE B 575 -8.29 -10.15 -1.43
CA ILE B 575 -7.43 -9.31 -0.62
C ILE B 575 -6.64 -10.14 0.37
N ALA B 576 -6.95 -11.43 0.47
CA ALA B 576 -6.05 -12.38 1.12
C ALA B 576 -4.73 -12.45 0.40
N MET B 577 -4.77 -12.25 -0.91
CA MET B 577 -3.56 -12.17 -1.72
C MET B 577 -2.72 -10.96 -1.32
N MET B 578 -3.38 -9.86 -0.94
CA MET B 578 -2.67 -8.58 -0.83
C MET B 578 -1.87 -8.50 0.47
N GLY B 579 -2.41 -9.03 1.56
CA GLY B 579 -1.69 -9.04 2.82
C GLY B 579 -0.42 -9.86 2.78
N ASP B 580 -0.34 -10.82 1.87
CA ASP B 580 0.94 -11.42 1.53
C ASP B 580 1.71 -10.60 0.52
N THR B 581 1.02 -9.91 -0.40
CA THR B 581 1.70 -9.22 -1.49
C THR B 581 2.43 -7.97 -1.03
N HIS B 582 1.98 -7.31 0.03
CA HIS B 582 2.79 -6.26 0.61
C HIS B 582 4.02 -6.83 1.32
N TRP B 583 3.93 -8.07 1.78
CA TRP B 583 5.10 -8.75 2.33
C TRP B 583 6.00 -9.30 1.21
N ARG B 584 5.46 -9.38 -0.01
CA ARG B 584 6.14 -9.75 -1.24
C ARG B 584 6.93 -8.59 -1.82
N VAL B 585 6.96 -8.52 -3.16
CA VAL B 585 7.88 -7.85 -4.09
C VAL B 585 8.55 -6.58 -3.58
N ALA B 586 7.83 -5.76 -2.80
CA ALA B 586 8.42 -4.60 -2.15
C ALA B 586 9.54 -5.01 -1.20
N HIS B 587 9.47 -6.22 -0.65
CA HIS B 587 10.54 -6.66 0.23
C HIS B 587 11.23 -7.96 -0.16
N GLU B 588 10.53 -9.09 -0.30
CA GLU B 588 11.30 -10.33 -0.40
C GLU B 588 10.83 -11.42 -1.35
N ARG B 589 10.28 -11.11 -2.53
CA ARG B 589 10.17 -12.19 -3.51
C ARG B 589 11.41 -12.24 -4.39
N ASP B 590 12.05 -11.08 -4.61
CA ASP B 590 13.19 -11.01 -5.51
C ASP B 590 14.37 -11.83 -5.04
N GLU B 591 14.56 -11.93 -3.74
CA GLU B 591 15.55 -12.85 -3.23
C GLU B 591 15.08 -14.29 -3.40
N LEU B 592 13.78 -14.54 -3.23
CA LEU B 592 13.28 -15.90 -3.34
C LEU B 592 13.35 -16.39 -4.79
N TRP B 593 13.36 -15.46 -5.73
CA TRP B 593 13.58 -15.82 -7.12
C TRP B 593 14.99 -16.34 -7.33
N ARG B 594 15.99 -15.57 -6.91
CA ARG B 594 17.35 -16.05 -7.08
C ARG B 594 17.73 -17.09 -6.06
N ALA B 595 16.99 -17.21 -4.96
CA ALA B 595 17.15 -18.39 -4.15
C ALA B 595 16.62 -19.61 -4.87
N GLN B 596 15.59 -19.42 -5.68
CA GLN B 596 15.07 -20.54 -6.45
C GLN B 596 16.00 -20.88 -7.60
N ILE B 597 16.72 -19.88 -8.12
CA ILE B 597 17.54 -20.14 -9.30
C ILE B 597 18.76 -20.94 -8.94
N VAL B 598 19.17 -20.95 -7.68
CA VAL B 598 20.35 -21.71 -7.35
C VAL B 598 19.97 -23.08 -6.88
N ALA B 599 18.74 -23.25 -6.41
CA ALA B 599 18.21 -24.58 -6.18
C ALA B 599 18.08 -25.34 -7.48
N THR B 600 17.85 -24.62 -8.58
CA THR B 600 18.04 -25.22 -9.89
C THR B 600 19.49 -25.55 -10.11
N THR B 601 20.39 -24.65 -9.70
CA THR B 601 21.76 -24.64 -10.20
C THR B 601 22.54 -25.85 -9.73
N VAL B 602 22.52 -26.13 -8.43
CA VAL B 602 23.26 -27.27 -7.94
C VAL B 602 22.57 -28.58 -8.36
N MET B 603 21.27 -28.52 -8.62
CA MET B 603 20.58 -29.76 -8.90
C MET B 603 20.79 -30.22 -10.33
N LEU B 604 20.84 -29.30 -11.29
CA LEU B 604 21.19 -29.78 -12.62
C LEU B 604 22.70 -29.97 -12.73
N GLU B 605 23.46 -29.30 -11.85
CA GLU B 605 24.87 -29.65 -11.73
C GLU B 605 25.05 -31.09 -11.27
N ARG B 606 24.19 -31.54 -10.37
CA ARG B 606 24.30 -32.88 -9.85
C ARG B 606 23.80 -33.89 -10.86
N LYS B 607 22.59 -33.67 -11.38
CA LYS B 607 21.94 -34.69 -12.18
C LYS B 607 22.57 -34.82 -13.57
N LEU B 608 22.94 -33.70 -14.16
CA LEU B 608 23.72 -33.77 -15.40
C LEU B 608 25.15 -34.10 -15.04
N PRO B 609 25.73 -35.16 -15.60
CA PRO B 609 27.12 -35.50 -15.30
C PRO B 609 28.11 -34.58 -15.99
N ARG B 610 29.36 -34.98 -15.96
CA ARG B 610 30.44 -34.13 -16.44
C ARG B 610 30.55 -34.12 -17.95
N CYS B 611 31.67 -33.61 -18.46
CA CYS B 611 32.09 -33.50 -19.86
C CYS B 611 31.14 -32.64 -20.69
N LEU B 612 30.25 -31.91 -20.03
CA LEU B 612 29.55 -30.79 -20.65
C LEU B 612 29.52 -29.57 -19.76
N TRP B 613 29.54 -29.74 -18.45
CA TRP B 613 29.71 -28.61 -17.53
C TRP B 613 31.19 -28.54 -17.23
N PRO B 614 31.85 -27.43 -17.48
CA PRO B 614 33.13 -27.17 -16.83
C PRO B 614 32.90 -26.43 -15.53
N ARG B 615 33.48 -26.93 -14.44
CA ARG B 615 33.19 -26.41 -13.12
C ARG B 615 33.70 -24.98 -12.98
N SER B 616 33.02 -24.22 -12.14
CA SER B 616 33.05 -22.77 -12.22
C SER B 616 34.37 -22.21 -11.70
N GLY B 617 34.66 -20.99 -12.14
CA GLY B 617 35.85 -20.29 -11.72
C GLY B 617 37.09 -20.79 -12.43
N ILE B 618 38.16 -20.07 -12.23
CA ILE B 618 39.43 -20.45 -12.84
C ILE B 618 40.09 -21.53 -11.98
N CYS B 619 40.67 -22.51 -12.66
CA CYS B 619 41.49 -23.50 -12.00
C CYS B 619 42.82 -22.89 -11.55
N GLY B 620 43.35 -23.42 -10.46
CA GLY B 620 44.67 -23.05 -10.00
C GLY B 620 45.73 -23.87 -10.71
N ARG B 621 46.76 -24.28 -9.95
CA ARG B 621 47.70 -25.36 -10.28
C ARG B 621 48.68 -24.99 -11.40
N GLU B 622 48.45 -23.86 -12.04
CA GLU B 622 49.38 -23.33 -13.01
C GLU B 622 49.98 -22.01 -12.57
N TYR B 623 49.58 -21.52 -11.41
CA TYR B 623 49.86 -20.14 -11.04
C TYR B 623 50.29 -20.05 -9.59
N GLY B 624 51.02 -21.07 -9.12
CA GLY B 624 51.47 -21.07 -7.74
C GLY B 624 50.37 -21.26 -6.73
N LEU B 625 49.26 -21.86 -7.14
CA LEU B 625 48.08 -21.96 -6.30
C LEU B 625 47.71 -23.39 -5.95
N GLY B 626 47.94 -24.32 -6.87
CA GLY B 626 47.67 -25.72 -6.58
C GLY B 626 46.26 -26.13 -6.91
N ASP B 627 45.76 -27.12 -6.18
CA ASP B 627 44.49 -27.76 -6.50
C ASP B 627 43.28 -26.85 -6.27
N ARG B 628 43.45 -25.79 -5.49
CA ARG B 628 42.35 -24.86 -5.26
C ARG B 628 42.03 -24.10 -6.54
N TRP B 629 40.77 -24.09 -6.90
CA TRP B 629 40.29 -23.29 -8.01
C TRP B 629 39.78 -21.97 -7.48
N PHE B 630 39.83 -20.94 -8.28
CA PHE B 630 39.58 -19.61 -7.76
C PHE B 630 38.58 -18.86 -8.63
N LEU B 631 38.20 -17.69 -8.14
CA LEU B 631 37.30 -16.77 -8.84
C LEU B 631 37.58 -15.35 -8.34
N ARG B 632 37.66 -14.44 -9.30
CA ARG B 632 37.94 -13.04 -9.02
C ARG B 632 36.76 -12.16 -9.42
N VAL B 633 36.83 -10.91 -8.98
CA VAL B 633 35.84 -9.91 -9.36
C VAL B 633 36.50 -8.56 -9.25
N GLU B 634 36.05 -7.61 -10.05
CA GLU B 634 36.42 -6.22 -9.88
C GLU B 634 35.38 -5.56 -8.98
N ASP B 635 35.60 -4.28 -8.69
CA ASP B 635 34.65 -3.52 -7.92
C ASP B 635 34.84 -2.04 -8.20
N ARG B 636 34.23 -1.21 -7.37
CA ARG B 636 34.61 0.19 -7.25
C ARG B 636 34.25 0.70 -5.87
N GLN B 637 35.24 1.20 -5.16
CA GLN B 637 35.05 1.81 -3.85
C GLN B 637 34.67 3.28 -4.01
N ASP B 638 34.79 4.03 -2.91
CA ASP B 638 34.48 5.46 -2.88
C ASP B 638 35.31 6.31 -3.83
N SER C 28 31.91 -16.91 -24.53
CA SER C 28 32.70 -17.06 -23.31
C SER C 28 33.95 -16.21 -23.37
N TRP C 29 33.76 -14.89 -23.49
CA TRP C 29 34.85 -13.97 -23.72
C TRP C 29 35.56 -13.59 -22.43
N ALA C 30 34.80 -13.29 -21.37
CA ALA C 30 35.32 -12.69 -20.15
C ALA C 30 36.25 -13.62 -19.37
N GLN C 31 36.30 -14.91 -19.71
CA GLN C 31 37.25 -15.83 -19.13
C GLN C 31 38.68 -15.40 -19.44
N SER C 32 38.92 -14.89 -20.65
CA SER C 32 40.26 -14.50 -21.06
C SER C 32 40.79 -13.32 -20.29
N ARG C 33 39.91 -12.51 -19.68
CA ARG C 33 40.34 -11.44 -18.80
C ARG C 33 41.13 -11.99 -17.63
N ASP C 34 40.54 -12.95 -16.96
CA ASP C 34 41.07 -13.51 -15.74
C ASP C 34 42.24 -14.47 -15.99
N GLU C 35 42.22 -15.18 -17.11
CA GLU C 35 43.30 -16.10 -17.44
C GLU C 35 44.62 -15.35 -17.59
N GLN C 36 44.56 -14.22 -18.27
CA GLN C 36 45.70 -13.35 -18.40
C GLN C 36 46.00 -12.63 -17.10
N ASN C 37 44.98 -12.41 -16.26
CA ASN C 37 45.26 -11.67 -15.04
C ASN C 37 45.92 -12.55 -13.99
N LEU C 38 45.67 -13.85 -14.03
CA LEU C 38 46.51 -14.71 -13.21
C LEU C 38 47.88 -14.87 -13.83
N LEU C 39 47.97 -14.72 -15.15
CA LEU C 39 49.26 -14.82 -15.82
C LEU C 39 50.14 -13.64 -15.44
N GLN C 40 49.54 -12.51 -15.08
CA GLN C 40 50.26 -11.45 -14.38
C GLN C 40 50.89 -11.98 -13.11
N GLN C 41 50.11 -12.68 -12.30
CA GLN C 41 50.66 -13.22 -11.08
C GLN C 41 51.57 -14.40 -11.32
N LYS C 42 51.56 -14.97 -12.51
CA LYS C 42 52.52 -16.00 -12.86
C LYS C 42 53.89 -15.41 -13.18
N ARG C 43 53.92 -14.35 -13.99
CA ARG C 43 55.19 -13.83 -14.47
C ARG C 43 55.94 -13.11 -13.37
N ILE C 44 55.22 -12.48 -12.42
CA ILE C 44 55.90 -11.88 -11.28
C ILE C 44 56.40 -12.96 -10.34
N TRP C 45 55.76 -14.13 -10.38
CA TRP C 45 56.15 -15.19 -9.48
C TRP C 45 57.46 -15.82 -9.93
N GLU C 46 57.64 -16.02 -11.22
CA GLU C 46 58.89 -16.58 -11.70
C GLU C 46 60.03 -15.58 -11.68
N SER C 47 59.71 -14.30 -11.72
CA SER C 47 60.80 -13.35 -11.91
C SER C 47 61.21 -12.77 -10.57
N PRO C 48 62.46 -12.98 -10.16
CA PRO C 48 62.92 -12.39 -8.89
C PRO C 48 63.06 -10.89 -8.97
N LEU C 49 63.27 -10.32 -10.16
CA LEU C 49 63.20 -8.88 -10.31
C LEU C 49 61.78 -8.39 -10.09
N LEU C 50 60.82 -9.06 -10.68
CA LEU C 50 59.44 -8.66 -10.49
C LEU C 50 58.92 -9.08 -9.12
N LEU C 51 59.55 -10.10 -8.52
CA LEU C 51 59.22 -10.42 -7.13
C LEU C 51 59.59 -9.26 -6.21
N ALA C 52 60.72 -8.61 -6.49
CA ALA C 52 61.06 -7.41 -5.74
C ALA C 52 60.28 -6.21 -6.23
N ALA C 53 59.64 -6.31 -7.39
CA ALA C 53 58.73 -5.25 -7.80
C ALA C 53 57.39 -5.36 -7.11
N LYS C 54 57.11 -6.49 -6.46
CA LYS C 54 55.87 -6.64 -5.73
C LYS C 54 55.86 -5.75 -4.50
N ASP C 55 56.81 -5.98 -3.59
CA ASP C 55 56.88 -5.22 -2.36
C ASP C 55 58.16 -4.42 -2.29
N ASN C 56 58.45 -3.90 -1.11
CA ASN C 56 59.44 -2.83 -0.94
C ASN C 56 60.81 -3.43 -0.73
N ASP C 57 61.26 -4.23 -1.70
CA ASP C 57 62.52 -4.93 -1.59
C ASP C 57 63.62 -4.17 -2.33
N VAL C 58 63.85 -2.95 -1.85
CA VAL C 58 64.91 -2.10 -2.40
C VAL C 58 66.28 -2.64 -2.03
N GLN C 59 66.42 -3.20 -0.82
CA GLN C 59 67.67 -3.84 -0.45
C GLN C 59 67.86 -5.13 -1.21
N ALA C 60 66.77 -5.76 -1.63
CA ALA C 60 66.87 -6.85 -2.58
C ALA C 60 66.92 -6.32 -4.01
N LEU C 61 66.55 -5.06 -4.25
CA LEU C 61 66.84 -4.48 -5.55
C LEU C 61 68.33 -4.19 -5.66
N ASN C 62 68.97 -3.89 -4.53
CA ASN C 62 70.43 -3.83 -4.47
C ASN C 62 71.04 -5.16 -4.85
N LYS C 63 70.36 -6.25 -4.48
CA LYS C 63 70.72 -7.59 -4.89
C LYS C 63 70.35 -7.91 -6.33
N LEU C 64 69.82 -6.94 -7.09
CA LEU C 64 69.32 -7.28 -8.41
C LEU C 64 69.94 -6.52 -9.55
N LEU C 65 70.40 -5.30 -9.35
CA LEU C 65 70.79 -4.52 -10.50
C LEU C 65 72.27 -4.13 -10.49
N LYS C 66 72.84 -3.92 -9.31
CA LYS C 66 74.22 -3.47 -9.26
C LYS C 66 75.18 -4.62 -9.46
N TYR C 67 74.69 -5.85 -9.28
CA TYR C 67 75.61 -6.99 -9.27
C TYR C 67 75.81 -7.53 -10.67
N GLU C 68 74.81 -7.41 -11.54
CA GLU C 68 74.95 -7.83 -12.92
C GLU C 68 74.06 -7.01 -13.83
N ASP C 69 74.20 -7.25 -15.13
CA ASP C 69 73.38 -6.62 -16.14
C ASP C 69 72.19 -7.54 -16.44
N CYS C 70 71.09 -7.32 -15.73
CA CYS C 70 69.80 -7.88 -16.09
C CYS C 70 69.18 -7.02 -17.18
N LYS C 71 68.46 -7.67 -18.09
CA LYS C 71 67.93 -6.93 -19.23
C LYS C 71 66.75 -6.06 -18.79
N VAL C 72 66.65 -4.90 -19.43
CA VAL C 72 65.66 -3.91 -19.04
C VAL C 72 64.28 -4.19 -19.62
N HIS C 73 64.15 -5.22 -20.46
CA HIS C 73 62.90 -5.55 -21.12
C HIS C 73 62.31 -6.84 -20.58
N GLN C 74 62.31 -7.04 -19.26
CA GLN C 74 61.76 -8.26 -18.72
C GLN C 74 60.24 -8.13 -18.75
N ARG C 75 59.63 -8.64 -19.83
CA ARG C 75 58.23 -8.40 -20.11
C ARG C 75 57.36 -9.35 -19.30
N GLY C 76 56.30 -8.83 -18.70
CA GLY C 76 55.39 -9.64 -17.91
C GLY C 76 54.40 -10.42 -18.74
N ALA C 77 53.14 -10.48 -18.32
CA ALA C 77 52.17 -11.25 -19.08
C ALA C 77 51.71 -10.47 -20.31
N MET C 78 51.26 -9.22 -20.12
CA MET C 78 51.07 -8.31 -21.24
C MET C 78 52.11 -7.20 -21.26
N GLY C 79 53.37 -7.55 -20.99
CA GLY C 79 54.46 -6.68 -21.34
C GLY C 79 54.71 -5.58 -20.35
N GLU C 80 55.08 -5.95 -19.14
CA GLU C 80 55.30 -4.97 -18.10
C GLU C 80 56.79 -4.79 -17.84
N THR C 81 57.11 -3.69 -17.19
CA THR C 81 58.41 -3.51 -16.57
C THR C 81 58.21 -3.16 -15.11
N ALA C 82 59.32 -2.85 -14.44
CA ALA C 82 59.31 -2.75 -12.98
C ALA C 82 58.53 -1.54 -12.49
N LEU C 83 58.77 -0.36 -13.09
CA LEU C 83 58.11 0.84 -12.61
C LEU C 83 56.62 0.82 -12.94
N HIS C 84 56.21 0.04 -13.93
CA HIS C 84 54.80 -0.30 -14.05
C HIS C 84 54.33 -1.04 -12.83
N ILE C 85 55.05 -2.09 -12.43
CA ILE C 85 54.59 -2.92 -11.34
C ILE C 85 54.75 -2.19 -10.01
N ALA C 86 55.81 -1.41 -9.88
CA ALA C 86 56.08 -0.72 -8.63
C ALA C 86 55.06 0.37 -8.35
N ALA C 87 54.75 1.20 -9.34
CA ALA C 87 53.75 2.24 -9.12
C ALA C 87 52.36 1.65 -9.01
N LEU C 88 52.13 0.50 -9.63
CA LEU C 88 50.83 -0.15 -9.51
C LEU C 88 50.64 -0.70 -8.10
N TYR C 89 51.68 -1.29 -7.53
CA TYR C 89 51.58 -1.63 -6.12
C TYR C 89 52.14 -0.53 -5.21
N ASP C 90 51.85 0.74 -5.51
CA ASP C 90 52.03 1.89 -4.59
C ASP C 90 53.44 2.01 -4.02
N ASN C 91 54.44 2.03 -4.89
CA ASN C 91 55.84 1.98 -4.44
C ASN C 91 56.68 2.99 -5.21
N LEU C 92 56.82 4.20 -4.69
CA LEU C 92 57.80 5.11 -5.27
C LEU C 92 59.22 4.67 -4.91
N GLU C 93 59.36 3.97 -3.79
CA GLU C 93 60.68 3.55 -3.32
C GLU C 93 61.28 2.51 -4.23
N ALA C 94 60.44 1.70 -4.87
CA ALA C 94 60.95 0.81 -5.89
C ALA C 94 61.02 1.51 -7.24
N ALA C 95 60.38 2.68 -7.35
CA ALA C 95 60.31 3.33 -8.65
C ALA C 95 61.56 4.15 -8.94
N MET C 96 62.18 4.75 -7.93
CA MET C 96 63.31 5.61 -8.22
C MET C 96 64.60 4.85 -8.37
N VAL C 97 64.65 3.60 -7.94
CA VAL C 97 65.91 2.88 -7.95
C VAL C 97 66.18 2.28 -9.32
N LEU C 98 65.16 2.19 -10.17
CA LEU C 98 65.43 1.78 -11.54
C LEU C 98 65.77 2.94 -12.45
N MET C 99 65.78 4.17 -11.93
CA MET C 99 65.94 5.33 -12.81
C MET C 99 67.37 5.46 -13.29
N GLU C 100 68.33 5.20 -12.42
CA GLU C 100 69.72 5.12 -12.86
C GLU C 100 69.96 3.80 -13.57
N ALA C 101 69.06 2.84 -13.38
CA ALA C 101 69.20 1.57 -14.07
C ALA C 101 68.64 1.65 -15.48
N ALA C 102 67.52 2.32 -15.68
CA ALA C 102 66.86 2.35 -16.99
C ALA C 102 65.95 3.57 -17.08
N PRO C 103 66.45 4.68 -17.62
CA PRO C 103 65.61 5.85 -17.82
C PRO C 103 64.66 5.74 -19.01
N GLU C 104 64.87 4.78 -19.91
CA GLU C 104 64.06 4.66 -21.11
C GLU C 104 62.79 3.88 -20.88
N LEU C 105 62.64 3.26 -19.73
CA LEU C 105 61.47 2.44 -19.45
C LEU C 105 60.23 3.26 -19.13
N VAL C 106 60.38 4.56 -18.93
CA VAL C 106 59.23 5.45 -18.97
C VAL C 106 58.64 5.48 -20.37
N PHE C 107 59.50 5.50 -21.38
CA PHE C 107 59.10 5.51 -22.77
C PHE C 107 58.58 4.17 -23.27
N GLU C 108 58.56 3.16 -22.41
CA GLU C 108 58.07 1.83 -22.76
C GLU C 108 56.64 1.66 -22.27
N PRO C 109 55.67 1.56 -23.15
CA PRO C 109 54.29 1.32 -22.70
C PRO C 109 54.00 -0.17 -22.53
N MET C 110 52.88 -0.44 -21.87
CA MET C 110 52.42 -1.82 -21.73
C MET C 110 51.89 -2.30 -23.08
N THR C 111 52.08 -3.60 -23.34
CA THR C 111 52.21 -4.05 -24.71
C THR C 111 50.90 -4.05 -25.49
N SER C 112 49.94 -4.88 -25.11
CA SER C 112 48.82 -5.07 -26.03
C SER C 112 47.62 -5.69 -25.33
N GLU C 113 46.55 -5.77 -26.12
CA GLU C 113 45.36 -6.63 -26.09
C GLU C 113 44.43 -6.37 -24.92
N LEU C 114 44.90 -5.74 -23.91
CA LEU C 114 44.04 -5.14 -22.91
C LEU C 114 44.46 -3.72 -22.61
N TYR C 115 45.77 -3.48 -22.56
CA TYR C 115 46.36 -2.24 -22.07
C TYR C 115 47.31 -1.79 -23.16
N GLU C 116 46.77 -1.14 -24.17
CA GLU C 116 47.51 -0.84 -25.39
C GLU C 116 48.03 0.57 -25.31
N GLY C 117 49.27 0.71 -24.84
CA GLY C 117 49.83 2.02 -24.66
C GLY C 117 49.75 2.55 -23.26
N GLN C 118 49.63 1.69 -22.27
CA GLN C 118 49.57 2.17 -20.90
C GLN C 118 50.99 2.36 -20.37
N THR C 119 51.27 3.52 -19.82
CA THR C 119 52.56 3.78 -19.22
C THR C 119 52.40 4.10 -17.75
N ALA C 120 53.54 4.26 -17.09
CA ALA C 120 53.56 4.53 -15.67
C ALA C 120 52.95 5.88 -15.32
N LEU C 121 52.97 6.82 -16.26
CA LEU C 121 52.32 8.10 -16.03
C LEU C 121 50.82 7.93 -15.87
N HIS C 122 50.24 6.99 -16.59
CA HIS C 122 48.80 6.80 -16.47
C HIS C 122 48.43 6.18 -15.14
N ILE C 123 49.21 5.22 -14.65
CA ILE C 123 48.87 4.62 -13.37
C ILE C 123 49.38 5.49 -12.23
N ALA C 124 50.18 6.51 -12.54
CA ALA C 124 50.64 7.43 -11.52
C ALA C 124 49.48 8.17 -10.88
N VAL C 125 48.55 8.63 -11.70
CA VAL C 125 47.45 9.41 -11.18
C VAL C 125 46.33 8.51 -10.69
N VAL C 126 46.45 7.22 -10.96
CA VAL C 126 45.44 6.27 -10.49
C VAL C 126 45.50 6.15 -8.98
N ASN C 127 46.70 6.22 -8.42
CA ASN C 127 46.91 6.06 -6.99
C ASN C 127 46.88 7.39 -6.25
N GLN C 128 46.27 8.39 -6.85
CA GLN C 128 45.96 9.75 -6.38
C GLN C 128 47.17 10.66 -6.27
N ASN C 129 48.36 10.09 -6.08
CA ASN C 129 49.69 10.69 -6.07
C ASN C 129 50.63 9.58 -5.68
N MET C 130 51.93 9.81 -5.87
CA MET C 130 52.90 9.33 -4.91
C MET C 130 54.07 10.31 -4.73
N ASN C 131 53.98 11.51 -5.33
CA ASN C 131 55.04 12.44 -5.71
C ASN C 131 55.97 11.83 -6.76
N LEU C 132 55.55 10.70 -7.32
CA LEU C 132 56.25 10.12 -8.45
C LEU C 132 55.94 10.89 -9.71
N VAL C 133 54.85 11.67 -9.66
CA VAL C 133 54.39 12.45 -10.79
C VAL C 133 55.39 13.53 -11.14
N ARG C 134 56.01 14.14 -10.13
CA ARG C 134 57.16 14.98 -10.44
C ARG C 134 58.36 14.12 -10.78
N ALA C 135 58.44 12.94 -10.18
CA ALA C 135 59.65 12.16 -10.28
C ALA C 135 59.75 11.41 -11.60
N LEU C 136 58.63 10.98 -12.18
CA LEU C 136 58.78 10.43 -13.52
C LEU C 136 58.78 11.55 -14.54
N LEU C 137 58.31 12.74 -14.16
CA LEU C 137 58.50 13.90 -15.02
C LEU C 137 59.94 14.42 -14.94
N ALA C 138 60.71 13.97 -13.95
CA ALA C 138 62.13 14.22 -13.97
C ALA C 138 62.84 13.43 -15.05
N ARG C 139 62.20 12.38 -15.57
CA ARG C 139 62.63 11.78 -16.81
C ARG C 139 61.81 12.23 -18.00
N ARG C 140 61.21 13.42 -17.92
CA ARG C 140 60.43 14.12 -18.95
C ARG C 140 59.46 13.17 -19.68
N ALA C 141 58.57 12.61 -18.87
CA ALA C 141 57.55 11.68 -19.36
C ALA C 141 56.58 12.38 -20.30
N SER C 142 55.99 11.61 -21.19
CA SER C 142 55.14 12.16 -22.24
C SER C 142 53.68 12.02 -21.86
N VAL C 143 52.96 13.14 -21.79
CA VAL C 143 51.52 13.09 -21.63
C VAL C 143 50.81 12.83 -22.94
N SER C 144 51.53 12.73 -24.04
CA SER C 144 50.94 12.38 -25.32
C SER C 144 50.72 10.89 -25.48
N ALA C 145 51.03 10.11 -24.45
CA ALA C 145 50.79 8.69 -24.49
C ALA C 145 49.29 8.41 -24.42
N ARG C 146 48.80 7.56 -25.31
CA ARG C 146 47.39 7.23 -25.39
C ARG C 146 47.20 5.74 -25.17
N ALA C 147 46.54 5.39 -24.07
CA ALA C 147 46.33 3.99 -23.71
C ALA C 147 44.93 3.57 -24.17
N THR C 148 44.83 3.21 -25.45
CA THR C 148 43.56 2.89 -26.07
C THR C 148 43.20 1.41 -25.96
N GLY C 149 43.69 0.72 -24.95
CA GLY C 149 43.49 -0.71 -24.84
C GLY C 149 42.06 -1.13 -24.56
N THR C 150 41.91 -2.45 -24.40
CA THR C 150 40.59 -3.07 -24.38
C THR C 150 39.80 -2.63 -23.17
N ALA C 151 40.43 -2.64 -22.01
CA ALA C 151 39.77 -2.27 -20.77
C ALA C 151 39.55 -0.76 -20.64
N PHE C 152 39.97 0.04 -21.61
CA PHE C 152 39.89 1.48 -21.40
C PHE C 152 38.74 2.15 -22.13
N ARG C 153 38.06 1.47 -23.06
CA ARG C 153 36.92 2.12 -23.68
C ARG C 153 35.66 1.80 -22.91
N ARG C 154 34.65 2.63 -23.11
CA ARG C 154 33.34 2.55 -22.48
C ARG C 154 32.63 1.25 -22.87
N SER C 155 32.39 0.38 -21.90
CA SER C 155 31.73 -0.90 -22.13
C SER C 155 31.18 -1.37 -20.81
N PRO C 156 30.04 -2.07 -20.81
CA PRO C 156 29.56 -2.65 -19.56
C PRO C 156 30.41 -3.81 -19.04
N CYS C 157 31.30 -4.35 -19.86
CA CYS C 157 32.24 -5.34 -19.36
C CYS C 157 33.37 -4.72 -18.54
N ASN C 158 33.57 -3.41 -18.65
CA ASN C 158 34.53 -2.71 -17.82
C ASN C 158 33.79 -1.87 -16.79
N LEU C 159 34.17 -2.03 -15.53
CA LEU C 159 33.40 -1.35 -14.49
C LEU C 159 33.78 0.11 -14.32
N ILE C 160 34.64 0.64 -15.20
CA ILE C 160 35.15 2.01 -15.09
C ILE C 160 35.38 2.55 -16.49
N TYR C 161 35.51 3.86 -16.58
CA TYR C 161 35.80 4.49 -17.86
C TYR C 161 36.60 5.75 -17.61
N PHE C 162 37.66 5.92 -18.38
CA PHE C 162 38.64 6.93 -18.07
C PHE C 162 39.19 7.71 -19.25
N GLY C 163 38.96 7.27 -20.48
CA GLY C 163 39.65 7.89 -21.59
C GLY C 163 41.03 7.28 -21.74
N GLU C 164 41.97 7.99 -22.33
CA GLU C 164 43.31 7.44 -22.42
C GLU C 164 44.42 8.44 -22.21
N HIS C 165 44.11 9.73 -22.19
CA HIS C 165 45.20 10.63 -21.89
C HIS C 165 45.40 10.69 -20.37
N PRO C 166 46.61 11.01 -19.86
CA PRO C 166 46.79 11.01 -18.41
C PRO C 166 46.04 12.12 -17.70
N LEU C 167 45.89 13.28 -18.33
CA LEU C 167 45.09 14.33 -17.73
C LEU C 167 43.62 13.94 -17.74
N SER C 168 43.21 13.09 -18.68
CA SER C 168 41.87 12.56 -18.65
C SER C 168 41.67 11.65 -17.47
N PHE C 169 42.73 11.03 -16.99
CA PHE C 169 42.55 10.15 -15.84
C PHE C 169 42.47 10.99 -14.57
N ALA C 170 43.25 12.07 -14.53
CA ALA C 170 43.35 12.88 -13.34
C ALA C 170 42.07 13.64 -13.06
N ALA C 171 41.27 13.91 -14.08
CA ALA C 171 39.97 14.50 -13.85
C ALA C 171 39.04 13.51 -13.16
N CYS C 172 39.21 12.23 -13.45
CA CYS C 172 38.32 11.24 -12.85
C CYS C 172 38.65 11.03 -11.39
N VAL C 173 39.94 11.04 -11.04
CA VAL C 173 40.34 10.69 -9.68
C VAL C 173 40.13 11.81 -8.69
N ASN C 174 39.78 13.01 -9.18
CA ASN C 174 39.57 14.22 -8.38
C ASN C 174 40.80 14.55 -7.54
N SER C 175 41.91 14.77 -8.23
CA SER C 175 43.17 15.14 -7.59
C SER C 175 43.62 16.47 -8.17
N GLU C 176 43.63 17.50 -7.34
CA GLU C 176 43.61 18.89 -7.82
C GLU C 176 44.94 19.31 -8.44
N GLU C 177 45.98 19.44 -7.63
CA GLU C 177 47.26 19.96 -8.09
C GLU C 177 47.95 19.03 -9.05
N ILE C 178 47.56 17.76 -9.06
CA ILE C 178 48.02 16.79 -10.05
C ILE C 178 47.63 17.27 -11.44
N VAL C 179 46.39 17.74 -11.57
CA VAL C 179 45.95 18.34 -12.83
C VAL C 179 46.74 19.61 -13.11
N ARG C 180 47.02 20.39 -12.05
CA ARG C 180 47.83 21.60 -12.21
C ARG C 180 49.26 21.26 -12.57
N LEU C 181 49.73 20.07 -12.20
CA LEU C 181 51.13 19.77 -12.38
C LEU C 181 51.46 19.47 -13.84
N LEU C 182 50.61 18.70 -14.50
CA LEU C 182 50.94 18.26 -15.84
C LEU C 182 50.66 19.31 -16.90
N ILE C 183 49.72 20.22 -16.65
CA ILE C 183 49.49 21.33 -17.56
C ILE C 183 50.65 22.32 -17.48
N GLU C 184 51.36 22.32 -16.35
CA GLU C 184 52.62 23.03 -16.22
C GLU C 184 53.78 22.25 -16.80
N HIS C 185 53.52 21.12 -17.45
CA HIS C 185 54.58 20.40 -18.12
C HIS C 185 54.16 19.94 -19.50
N GLY C 186 53.18 20.59 -20.10
CA GLY C 186 52.87 20.41 -21.50
C GLY C 186 51.65 19.59 -21.81
N ALA C 187 50.68 19.53 -20.90
CA ALA C 187 49.49 18.75 -21.15
C ALA C 187 48.57 19.49 -22.09
N ASP C 188 48.02 18.77 -23.06
CA ASP C 188 47.01 19.33 -23.93
C ASP C 188 45.62 18.93 -23.48
N ILE C 189 44.80 19.92 -23.16
CA ILE C 189 43.45 19.67 -22.71
C ILE C 189 42.54 19.38 -23.89
N ARG C 190 42.83 19.94 -25.06
CA ARG C 190 41.98 19.77 -26.23
C ARG C 190 42.11 18.39 -26.87
N ALA C 191 42.91 17.49 -26.33
CA ALA C 191 43.08 16.16 -26.91
C ALA C 191 41.80 15.34 -26.76
N GLN C 192 41.58 14.44 -27.72
CA GLN C 192 40.34 13.70 -27.80
C GLN C 192 40.61 12.20 -27.78
N ASP C 193 39.59 11.43 -27.41
CA ASP C 193 39.75 10.00 -27.16
C ASP C 193 39.68 9.22 -28.47
N SER C 194 39.45 7.92 -28.36
CA SER C 194 39.17 7.10 -29.54
C SER C 194 37.86 7.50 -30.20
N LEU C 195 36.88 7.95 -29.43
CA LEU C 195 35.59 8.35 -29.98
C LEU C 195 35.52 9.83 -30.32
N GLY C 196 36.58 10.58 -30.08
CA GLY C 196 36.56 12.01 -30.29
C GLY C 196 36.15 12.80 -29.08
N ASN C 197 35.72 12.14 -28.00
CA ASN C 197 35.44 12.82 -26.74
C ASN C 197 36.72 13.37 -26.15
N THR C 198 36.70 14.64 -25.78
CA THR C 198 37.80 15.21 -25.03
C THR C 198 37.69 14.84 -23.56
N VAL C 199 38.61 15.40 -22.78
CA VAL C 199 38.67 15.19 -21.34
C VAL C 199 37.42 15.72 -20.65
N LEU C 200 36.76 16.71 -21.24
CA LEU C 200 35.58 17.27 -20.62
C LEU C 200 34.42 16.28 -20.65
N HIS C 201 34.33 15.46 -21.69
CA HIS C 201 33.33 14.41 -21.70
C HIS C 201 33.60 13.38 -20.63
N ILE C 202 34.87 13.16 -20.32
CA ILE C 202 35.23 12.09 -19.41
C ILE C 202 34.84 12.48 -18.00
N LEU C 203 34.85 13.78 -17.70
CA LEU C 203 34.38 14.22 -16.40
C LEU C 203 32.87 14.03 -16.28
N ILE C 204 32.15 14.08 -17.40
CA ILE C 204 30.70 13.93 -17.35
C ILE C 204 30.29 12.52 -16.98
N LEU C 205 31.00 11.53 -17.51
CA LEU C 205 30.60 10.15 -17.33
C LEU C 205 31.14 9.54 -16.05
N GLN C 206 31.42 10.37 -15.04
CA GLN C 206 31.80 9.69 -13.83
C GLN C 206 30.60 9.51 -12.91
N PRO C 207 30.45 8.31 -12.35
CA PRO C 207 29.29 8.05 -11.51
C PRO C 207 29.37 8.72 -10.15
N ASN C 208 30.55 9.15 -9.73
CA ASN C 208 30.62 10.09 -8.61
C ASN C 208 30.49 11.50 -9.17
N LYS C 209 29.31 12.08 -9.04
CA LYS C 209 28.89 13.15 -9.95
C LYS C 209 29.23 14.53 -9.39
N THR C 210 28.69 14.85 -8.23
CA THR C 210 29.02 16.12 -7.59
C THR C 210 30.45 16.16 -7.08
N PHE C 211 31.03 15.00 -6.76
CA PHE C 211 32.40 14.96 -6.27
C PHE C 211 33.39 15.28 -7.39
N ALA C 212 32.99 15.08 -8.63
CA ALA C 212 33.78 15.47 -9.77
C ALA C 212 33.32 16.79 -10.36
N CYS C 213 32.23 17.36 -9.86
CA CYS C 213 31.69 18.59 -10.43
C CYS C 213 32.62 19.76 -10.21
N GLN C 214 33.39 19.73 -9.13
CA GLN C 214 34.26 20.85 -8.80
C GLN C 214 35.43 20.96 -9.78
N MET C 215 35.68 19.91 -10.55
CA MET C 215 36.75 20.01 -11.53
C MET C 215 36.25 20.39 -12.90
N TYR C 216 34.97 20.75 -13.02
CA TYR C 216 34.55 21.28 -14.30
C TYR C 216 35.14 22.64 -14.56
N ASN C 217 34.83 23.60 -13.70
CA ASN C 217 35.28 24.97 -13.89
C ASN C 217 36.79 25.12 -13.76
N LEU C 218 37.43 24.18 -13.06
CA LEU C 218 38.88 24.15 -13.05
C LEU C 218 39.42 23.84 -14.42
N LEU C 219 38.79 22.91 -15.12
CA LEU C 219 39.21 22.67 -16.49
C LEU C 219 38.66 23.70 -17.46
N LEU C 220 37.65 24.48 -17.07
CA LEU C 220 37.38 25.68 -17.85
C LEU C 220 38.44 26.73 -17.63
N SER C 221 39.12 26.69 -16.49
CA SER C 221 40.00 27.79 -16.11
C SER C 221 41.26 27.83 -16.95
N TYR C 222 41.55 26.75 -17.68
CA TYR C 222 42.71 26.71 -18.55
C TYR C 222 42.31 26.72 -20.01
N ASP C 223 41.25 27.46 -20.33
CA ASP C 223 40.81 27.67 -21.70
C ASP C 223 41.62 28.74 -22.41
N ARG C 224 42.42 29.50 -21.65
CA ARG C 224 42.76 30.92 -21.90
C ARG C 224 43.00 31.32 -23.35
N HIS C 225 43.71 30.49 -24.10
CA HIS C 225 43.94 30.78 -25.51
C HIS C 225 42.68 30.43 -26.28
N GLY C 226 41.89 31.45 -26.61
CA GLY C 226 40.69 31.24 -27.40
C GLY C 226 41.02 30.85 -28.81
N ASP C 227 40.83 29.57 -29.12
CA ASP C 227 41.01 29.09 -30.47
C ASP C 227 39.86 29.60 -31.33
N HIS C 228 40.11 29.72 -32.63
CA HIS C 228 39.11 30.31 -33.52
C HIS C 228 37.93 29.37 -33.77
N LEU C 229 38.07 28.08 -33.48
CA LEU C 229 36.98 27.13 -33.69
C LEU C 229 36.12 26.95 -32.45
N GLN C 230 36.72 26.58 -31.32
CA GLN C 230 35.99 26.42 -30.09
C GLN C 230 36.84 26.91 -28.92
N PRO C 231 36.19 27.40 -27.89
CA PRO C 231 36.79 27.36 -26.56
C PRO C 231 36.45 26.07 -25.82
N LEU C 232 36.61 24.93 -26.49
CA LEU C 232 36.58 23.57 -25.94
C LEU C 232 35.22 23.09 -25.41
N ASP C 233 34.30 23.99 -25.13
CA ASP C 233 33.03 23.59 -24.54
C ASP C 233 31.96 23.43 -25.60
N LEU C 234 32.36 23.51 -26.87
CA LEU C 234 31.46 23.26 -27.98
C LEU C 234 31.99 22.13 -28.85
N VAL C 235 32.88 21.31 -28.31
CA VAL C 235 33.56 20.30 -29.10
C VAL C 235 32.61 19.12 -29.31
N PRO C 236 32.36 18.73 -30.55
CA PRO C 236 31.58 17.51 -30.78
C PRO C 236 32.48 16.29 -30.77
N ASN C 237 31.85 15.15 -30.58
CA ASN C 237 32.52 13.87 -30.72
C ASN C 237 32.17 13.25 -32.07
N HIS C 238 32.61 12.01 -32.28
CA HIS C 238 32.29 11.35 -33.54
C HIS C 238 30.89 10.78 -33.58
N GLN C 239 30.12 10.94 -32.51
CA GLN C 239 28.67 10.80 -32.61
C GLN C 239 27.99 12.16 -32.54
N GLY C 240 28.76 13.24 -32.58
CA GLY C 240 28.21 14.58 -32.70
C GLY C 240 27.55 15.08 -31.45
N LEU C 241 28.23 15.02 -30.31
CA LEU C 241 27.67 15.45 -29.04
C LEU C 241 28.65 16.38 -28.35
N THR C 242 28.33 17.66 -28.37
CA THR C 242 28.92 18.61 -27.44
C THR C 242 28.59 18.19 -26.01
N PRO C 243 29.57 18.23 -25.10
CA PRO C 243 29.37 17.65 -23.76
C PRO C 243 28.37 18.38 -22.89
N PHE C 244 27.77 19.47 -23.36
CA PHE C 244 26.56 19.94 -22.70
C PHE C 244 25.47 18.89 -22.77
N LYS C 245 24.97 18.62 -23.98
CA LYS C 245 23.84 17.72 -24.14
C LYS C 245 24.22 16.28 -23.89
N LEU C 246 25.51 15.95 -23.91
CA LEU C 246 25.95 14.62 -23.52
C LEU C 246 25.64 14.36 -22.06
N ALA C 247 25.71 15.41 -21.23
CA ALA C 247 25.25 15.27 -19.87
C ALA C 247 23.75 15.08 -19.82
N GLY C 248 23.02 15.68 -20.76
CA GLY C 248 21.59 15.48 -20.80
C GLY C 248 21.23 14.08 -21.26
N VAL C 249 21.87 13.60 -22.31
CA VAL C 249 21.50 12.32 -22.88
C VAL C 249 21.98 11.18 -21.99
N GLU C 250 22.93 11.46 -21.11
CA GLU C 250 23.21 10.50 -20.07
C GLU C 250 22.40 10.78 -18.82
N GLY C 251 22.01 12.03 -18.61
CA GLY C 251 21.18 12.32 -17.46
C GLY C 251 21.96 12.61 -16.21
N ASN C 252 23.12 13.25 -16.33
CA ASN C 252 23.88 13.67 -15.16
C ASN C 252 23.22 14.99 -14.74
N THR C 253 22.23 14.83 -13.86
CA THR C 253 21.27 15.89 -13.60
C THR C 253 21.89 17.05 -12.83
N VAL C 254 22.66 16.73 -11.79
CA VAL C 254 23.21 17.79 -10.97
C VAL C 254 24.36 18.46 -11.68
N MET C 255 25.03 17.73 -12.56
CA MET C 255 26.07 18.37 -13.36
C MET C 255 25.46 19.24 -14.42
N PHE C 256 24.27 18.88 -14.90
CA PHE C 256 23.56 19.69 -15.88
C PHE C 256 23.22 21.07 -15.35
N GLN C 257 22.85 21.17 -14.08
CA GLN C 257 22.50 22.46 -13.53
C GLN C 257 23.74 23.32 -13.40
N HIS C 258 24.82 22.78 -12.84
CA HIS C 258 26.07 23.52 -12.73
C HIS C 258 26.62 23.91 -14.08
N LEU C 259 26.37 23.08 -15.08
CA LEU C 259 26.71 23.47 -16.43
C LEU C 259 25.74 24.52 -16.97
N MET C 260 24.52 24.55 -16.48
CA MET C 260 23.55 25.49 -17.01
C MET C 260 23.82 26.92 -16.54
N GLN C 261 24.32 27.07 -15.31
CA GLN C 261 24.30 28.36 -14.63
C GLN C 261 25.19 29.39 -15.31
N LYS C 262 26.29 28.94 -15.93
CA LYS C 262 27.12 29.88 -16.66
C LYS C 262 26.45 30.28 -17.97
N ARG C 263 25.54 29.45 -18.47
CA ARG C 263 24.98 29.70 -19.77
C ARG C 263 23.74 30.58 -19.67
N LYS C 264 23.09 30.58 -18.52
CA LYS C 264 21.92 31.44 -18.36
C LYS C 264 22.36 32.88 -18.16
N HIS C 265 21.55 33.80 -18.64
CA HIS C 265 21.88 35.22 -18.61
C HIS C 265 20.84 35.93 -17.76
N THR C 266 21.15 36.13 -16.49
CA THR C 266 20.15 36.68 -15.59
C THR C 266 20.01 38.19 -15.77
N GLN C 267 18.77 38.62 -15.85
CA GLN C 267 18.42 40.03 -15.87
C GLN C 267 18.10 40.47 -14.44
N TRP C 268 17.38 41.58 -14.33
CA TRP C 268 16.99 42.21 -13.08
C TRP C 268 16.28 41.26 -12.12
N THR C 269 16.60 41.43 -10.85
CA THR C 269 15.98 40.73 -9.74
C THR C 269 15.06 41.69 -9.02
N TYR C 270 13.87 41.22 -8.67
CA TYR C 270 12.86 42.07 -8.06
C TYR C 270 12.43 41.40 -6.77
N GLY C 271 13.22 41.64 -5.73
CA GLY C 271 12.97 41.10 -4.41
C GLY C 271 12.96 39.59 -4.39
N PRO C 272 11.79 39.02 -4.10
CA PRO C 272 11.66 37.57 -4.13
C PRO C 272 11.68 36.99 -5.51
N LEU C 273 11.26 37.74 -6.53
CA LEU C 273 11.25 37.19 -7.88
C LEU C 273 12.49 37.63 -8.61
N THR C 274 12.79 36.94 -9.69
CA THR C 274 13.95 37.22 -10.53
C THR C 274 13.59 36.86 -11.95
N SER C 275 13.75 37.81 -12.86
CA SER C 275 13.44 37.60 -14.26
C SER C 275 14.73 37.20 -14.97
N THR C 276 15.21 36.00 -14.68
CA THR C 276 16.36 35.51 -15.42
C THR C 276 15.92 35.08 -16.82
N LEU C 277 16.91 34.82 -17.67
CA LEU C 277 16.67 34.63 -19.10
C LEU C 277 17.60 33.52 -19.59
N TYR C 278 17.00 32.39 -19.99
CA TYR C 278 17.77 31.22 -20.35
C TYR C 278 18.19 31.26 -21.81
N ASP C 279 19.23 30.48 -22.11
CA ASP C 279 19.97 30.65 -23.36
C ASP C 279 19.22 30.11 -24.56
N LEU C 280 18.90 28.81 -24.55
CA LEU C 280 18.05 28.15 -25.55
C LEU C 280 18.66 28.23 -26.95
N THR C 281 19.83 27.65 -27.13
CA THR C 281 20.41 27.61 -28.46
C THR C 281 20.24 26.24 -29.09
N GLU C 282 20.71 25.20 -28.43
CA GLU C 282 20.63 23.83 -28.89
C GLU C 282 19.48 23.08 -28.25
N ILE C 283 18.76 23.72 -27.35
CA ILE C 283 17.71 23.02 -26.60
C ILE C 283 16.53 22.73 -27.51
N ASP C 284 15.94 23.77 -28.09
CA ASP C 284 14.82 23.58 -29.00
C ASP C 284 15.30 22.97 -30.30
N SER C 285 14.36 22.40 -31.04
CA SER C 285 14.63 21.92 -32.37
C SER C 285 14.96 23.08 -33.30
N SER C 286 16.11 22.97 -33.94
CA SER C 286 16.53 23.89 -34.99
C SER C 286 16.83 23.00 -36.18
N GLY C 287 17.58 23.49 -37.17
CA GLY C 287 17.69 22.76 -38.43
C GLY C 287 18.47 21.46 -38.37
N ASP C 288 17.89 20.50 -37.64
CA ASP C 288 18.25 19.08 -37.59
C ASP C 288 19.70 18.85 -37.21
N GLU C 289 20.20 19.59 -36.22
CA GLU C 289 21.61 19.35 -35.85
C GLU C 289 21.74 18.36 -34.70
N GLN C 290 20.87 17.34 -34.63
CA GLN C 290 20.67 16.48 -33.47
C GLN C 290 20.43 17.33 -32.24
N SER C 291 19.30 18.03 -32.23
CA SER C 291 18.95 18.92 -31.13
C SER C 291 18.69 18.15 -29.84
N LEU C 292 18.55 18.90 -28.74
CA LEU C 292 18.56 18.32 -27.42
C LEU C 292 17.36 17.41 -27.17
N LEU C 293 16.15 17.93 -27.39
CA LEU C 293 14.92 17.32 -26.94
C LEU C 293 14.66 15.95 -27.54
N GLU C 294 15.02 15.75 -28.79
CA GLU C 294 14.87 14.43 -29.37
C GLU C 294 15.84 13.42 -28.79
N LEU C 295 16.94 13.87 -28.22
CA LEU C 295 17.91 12.96 -27.64
C LEU C 295 17.54 12.47 -26.26
N ILE C 296 16.76 13.23 -25.48
CA ILE C 296 16.26 12.67 -24.22
C ILE C 296 15.19 11.65 -24.51
N ILE C 297 14.50 11.79 -25.64
CA ILE C 297 13.53 10.79 -26.04
C ILE C 297 14.22 9.53 -26.51
N THR C 298 15.04 9.64 -27.55
CA THR C 298 15.55 8.47 -28.23
C THR C 298 16.65 7.73 -27.48
N THR C 299 17.07 8.21 -26.32
CA THR C 299 17.96 7.40 -25.53
C THR C 299 17.19 6.27 -24.85
N LYS C 300 17.94 5.40 -24.18
CA LYS C 300 17.37 4.25 -23.51
C LYS C 300 17.54 4.27 -22.00
N LYS C 301 18.45 5.10 -21.48
CA LYS C 301 18.73 5.04 -20.05
C LYS C 301 17.72 5.87 -19.30
N ARG C 302 16.90 5.20 -18.49
CA ARG C 302 15.69 5.85 -18.00
C ARG C 302 15.97 6.78 -16.83
N GLU C 303 17.23 6.92 -16.42
CA GLU C 303 17.53 7.97 -15.49
C GLU C 303 17.69 9.31 -16.20
N ALA C 304 17.82 9.30 -17.53
CA ALA C 304 17.99 10.54 -18.28
C ALA C 304 16.73 11.36 -18.39
N ARG C 305 15.56 10.73 -18.35
CA ARG C 305 14.29 11.45 -18.51
C ARG C 305 14.00 12.43 -17.38
N GLN C 306 14.68 12.31 -16.25
CA GLN C 306 14.56 13.30 -15.19
C GLN C 306 15.25 14.61 -15.51
N ILE C 307 15.84 14.77 -16.69
CA ILE C 307 16.31 16.09 -17.08
C ILE C 307 15.12 16.98 -17.42
N LEU C 308 13.94 16.39 -17.65
CA LEU C 308 12.74 17.18 -17.85
C LEU C 308 12.30 17.89 -16.59
N ASP C 309 12.76 17.45 -15.42
CA ASP C 309 12.43 18.17 -14.21
C ASP C 309 13.38 19.32 -13.91
N GLN C 310 14.09 19.84 -14.91
CA GLN C 310 15.01 20.92 -14.65
C GLN C 310 14.46 22.25 -15.14
N THR C 311 14.86 23.32 -14.48
CA THR C 311 14.26 24.64 -14.54
C THR C 311 14.10 25.30 -15.91
N PRO C 312 14.99 25.16 -16.91
CA PRO C 312 14.66 25.79 -18.19
C PRO C 312 13.80 24.91 -19.05
N VAL C 313 13.74 23.63 -18.75
CA VAL C 313 13.24 22.68 -19.72
C VAL C 313 11.76 22.39 -19.53
N LYS C 314 11.32 22.22 -18.27
CA LYS C 314 9.94 21.83 -18.02
C LYS C 314 8.97 22.93 -18.41
N GLU C 315 9.40 24.18 -18.30
CA GLU C 315 8.48 25.26 -18.57
C GLU C 315 8.53 25.57 -20.06
N LEU C 316 9.65 25.25 -20.69
CA LEU C 316 9.79 25.39 -22.13
C LEU C 316 8.83 24.47 -22.86
N VAL C 317 8.77 23.20 -22.45
CA VAL C 317 7.86 22.29 -23.11
C VAL C 317 6.42 22.57 -22.73
N SER C 318 6.21 23.25 -21.61
CA SER C 318 4.87 23.65 -21.23
C SER C 318 4.30 24.65 -22.23
N LEU C 319 5.08 25.69 -22.55
CA LEU C 319 4.62 26.66 -23.53
C LEU C 319 4.57 26.06 -24.91
N LYS C 320 5.40 25.06 -25.19
CA LYS C 320 5.22 24.32 -26.42
C LYS C 320 3.99 23.43 -26.37
N TRP C 321 3.48 23.14 -25.19
CA TRP C 321 2.28 22.34 -25.10
C TRP C 321 1.04 23.15 -24.80
N LYS C 322 1.17 24.25 -24.07
CA LYS C 322 -0.01 25.05 -23.79
C LYS C 322 -0.45 25.81 -25.03
N ARG C 323 0.42 26.66 -25.56
CA ARG C 323 0.08 27.40 -26.77
C ARG C 323 0.57 26.61 -27.97
N TYR C 324 -0.36 26.41 -28.92
CA TYR C 324 -0.26 25.55 -30.10
C TYR C 324 0.46 24.24 -29.83
N GLY C 325 0.09 23.62 -28.73
CA GLY C 325 0.50 22.26 -28.44
C GLY C 325 -0.69 21.35 -28.68
N ARG C 326 -1.41 21.03 -27.61
CA ARG C 326 -2.62 20.23 -27.74
C ARG C 326 -3.69 20.75 -28.71
N PRO C 327 -4.01 22.06 -28.82
CA PRO C 327 -5.12 22.39 -29.72
C PRO C 327 -4.80 22.25 -31.19
N TYR C 328 -3.52 22.19 -31.55
CA TYR C 328 -3.22 21.78 -32.91
C TYR C 328 -2.78 20.33 -32.95
N PHE C 329 -2.67 19.71 -31.78
CA PHE C 329 -2.56 18.25 -31.72
C PHE C 329 -3.92 17.59 -31.73
N CYS C 330 -4.80 18.00 -30.81
CA CYS C 330 -6.15 17.43 -30.73
C CYS C 330 -6.97 17.75 -31.97
N MET C 331 -6.64 18.83 -32.68
CA MET C 331 -7.23 19.05 -33.99
C MET C 331 -6.88 17.92 -34.95
N LEU C 332 -5.63 17.47 -34.93
CA LEU C 332 -5.29 16.30 -35.71
C LEU C 332 -5.96 15.07 -35.13
N GLY C 333 -6.20 15.05 -33.83
CA GLY C 333 -7.04 14.01 -33.28
C GLY C 333 -8.48 14.14 -33.75
N ALA C 334 -8.95 15.38 -33.88
CA ALA C 334 -10.36 15.60 -34.19
C ALA C 334 -10.70 15.16 -35.61
N ILE C 335 -9.77 15.34 -36.55
CA ILE C 335 -10.04 14.85 -37.89
C ILE C 335 -9.89 13.34 -37.93
N TYR C 336 -9.12 12.79 -36.99
CA TYR C 336 -8.76 11.38 -37.07
C TYR C 336 -9.92 10.46 -36.75
N LEU C 337 -10.69 10.76 -35.71
CA LEU C 337 -11.83 9.90 -35.44
C LEU C 337 -12.93 10.13 -36.46
N LEU C 338 -12.98 11.33 -37.03
CA LEU C 338 -13.83 11.57 -38.19
C LEU C 338 -13.40 10.73 -39.37
N TYR C 339 -12.09 10.54 -39.56
CA TYR C 339 -11.61 9.59 -40.56
C TYR C 339 -12.06 8.18 -40.23
N ILE C 340 -12.07 7.83 -38.95
CA ILE C 340 -12.50 6.51 -38.57
C ILE C 340 -14.01 6.38 -38.71
N ILE C 341 -14.75 7.44 -38.38
CA ILE C 341 -16.20 7.42 -38.56
C ILE C 341 -16.57 7.30 -40.03
N CYS C 342 -15.89 8.06 -40.88
CA CYS C 342 -16.11 7.87 -42.31
C CYS C 342 -15.46 6.60 -42.83
N PHE C 343 -14.67 5.89 -42.00
CA PHE C 343 -14.26 4.55 -42.38
C PHE C 343 -15.32 3.53 -42.01
N THR C 344 -15.85 3.61 -40.79
CA THR C 344 -16.81 2.63 -40.31
C THR C 344 -18.09 2.61 -41.09
N MET C 345 -18.56 3.78 -41.53
CA MET C 345 -19.76 3.81 -42.34
C MET C 345 -19.51 3.22 -43.72
N CYS C 346 -18.29 3.36 -44.23
CA CYS C 346 -17.91 2.64 -45.44
C CYS C 346 -17.30 1.30 -45.13
N CYS C 347 -17.36 0.87 -43.89
CA CYS C 347 -17.05 -0.51 -43.54
C CYS C 347 -18.29 -1.33 -43.30
N ILE C 348 -19.36 -0.74 -42.78
CA ILE C 348 -20.52 -1.55 -42.46
C ILE C 348 -21.40 -1.75 -43.68
N TYR C 349 -21.57 -0.71 -44.50
CA TYR C 349 -22.28 -0.91 -45.75
C TYR C 349 -21.32 -1.62 -46.68
N ARG C 350 -21.69 -2.83 -47.06
CA ARG C 350 -20.84 -3.76 -47.78
C ARG C 350 -21.62 -4.26 -48.99
N PRO C 351 -20.93 -4.91 -49.98
CA PRO C 351 -21.64 -5.40 -51.16
C PRO C 351 -22.81 -6.34 -50.91
N LEU C 352 -22.58 -7.47 -50.23
CA LEU C 352 -23.57 -8.08 -49.34
C LEU C 352 -24.82 -8.59 -50.09
N LYS C 353 -24.61 -9.50 -51.04
CA LYS C 353 -25.76 -9.99 -51.81
C LYS C 353 -26.47 -11.11 -51.06
N PRO C 354 -27.67 -11.50 -51.48
CA PRO C 354 -28.26 -12.72 -50.92
C PRO C 354 -27.57 -13.96 -51.45
N ARG C 355 -27.94 -15.09 -50.87
CA ARG C 355 -27.37 -16.39 -51.21
C ARG C 355 -27.78 -16.82 -52.61
N THR C 356 -26.85 -16.84 -53.57
CA THR C 356 -27.29 -17.06 -54.94
C THR C 356 -26.65 -18.26 -55.64
N ASN C 357 -25.40 -18.61 -55.32
CA ASN C 357 -24.75 -19.67 -56.08
C ASN C 357 -25.33 -21.03 -55.74
N ASN C 358 -25.40 -21.37 -54.45
CA ASN C 358 -26.00 -22.64 -54.09
C ASN C 358 -26.72 -22.56 -52.76
N ARG C 359 -27.64 -23.48 -52.55
CA ARG C 359 -28.14 -23.80 -51.22
C ARG C 359 -26.99 -24.31 -50.35
N THR C 360 -27.14 -24.09 -49.04
CA THR C 360 -26.13 -24.56 -48.10
C THR C 360 -26.23 -26.07 -47.86
N SER C 361 -25.54 -26.84 -48.67
CA SER C 361 -25.58 -28.31 -48.52
C SER C 361 -24.85 -28.84 -47.28
N PRO C 362 -23.53 -28.54 -47.02
CA PRO C 362 -22.80 -29.36 -46.05
C PRO C 362 -23.22 -29.18 -44.60
N ARG C 363 -23.67 -30.25 -43.96
CA ARG C 363 -23.85 -30.40 -42.50
C ARG C 363 -24.99 -29.54 -41.94
N ASP C 364 -25.55 -28.63 -42.75
CA ASP C 364 -26.38 -27.52 -42.30
C ASP C 364 -25.71 -26.78 -41.15
N ASN C 365 -24.43 -26.48 -41.33
CA ASN C 365 -23.71 -25.64 -40.40
C ASN C 365 -23.25 -24.35 -41.05
N THR C 366 -23.11 -24.36 -42.38
CA THR C 366 -22.61 -23.21 -43.13
C THR C 366 -23.75 -22.20 -43.15
N LEU C 367 -23.78 -21.38 -42.11
CA LEU C 367 -24.92 -20.54 -41.79
C LEU C 367 -24.70 -19.17 -42.41
N LEU C 368 -24.28 -19.14 -43.67
CA LEU C 368 -23.84 -17.90 -44.28
C LEU C 368 -24.54 -17.74 -45.62
N GLN C 369 -24.85 -16.49 -45.99
CA GLN C 369 -25.66 -16.29 -47.17
C GLN C 369 -25.21 -15.09 -48.00
N GLN C 370 -24.03 -14.53 -47.79
CA GLN C 370 -23.86 -13.16 -48.22
C GLN C 370 -22.86 -12.93 -49.35
N LYS C 371 -21.70 -13.58 -49.33
CA LYS C 371 -20.84 -13.82 -50.48
C LYS C 371 -20.22 -12.59 -51.14
N LEU C 372 -20.53 -11.35 -50.73
CA LEU C 372 -19.75 -10.14 -51.04
C LEU C 372 -19.60 -9.84 -52.54
N LEU C 373 -20.64 -9.24 -53.15
CA LEU C 373 -20.81 -8.98 -54.59
C LEU C 373 -19.58 -8.59 -55.40
N GLN C 374 -19.59 -9.00 -56.67
CA GLN C 374 -18.44 -8.79 -57.55
C GLN C 374 -18.30 -7.34 -57.99
N GLU C 375 -19.25 -6.85 -58.80
CA GLU C 375 -19.10 -5.55 -59.45
C GLU C 375 -20.41 -4.77 -59.46
N ALA C 376 -21.07 -4.70 -58.32
CA ALA C 376 -22.28 -3.89 -58.21
C ALA C 376 -21.94 -2.59 -57.50
N TYR C 377 -21.93 -1.50 -58.28
CA TYR C 377 -21.63 -0.18 -57.72
C TYR C 377 -22.49 0.96 -58.26
N MET C 378 -23.32 0.75 -59.27
CA MET C 378 -23.94 1.89 -59.93
C MET C 378 -25.21 2.36 -59.25
N THR C 379 -25.60 1.75 -58.14
CA THR C 379 -26.80 2.17 -57.45
C THR C 379 -26.57 3.53 -56.78
N PRO C 380 -27.63 4.30 -56.56
CA PRO C 380 -27.45 5.59 -55.86
C PRO C 380 -27.21 5.46 -54.38
N LYS C 381 -27.09 4.25 -53.84
CA LYS C 381 -26.46 4.12 -52.53
C LYS C 381 -24.97 3.86 -52.66
N ASP C 382 -24.58 3.09 -53.68
CA ASP C 382 -23.19 2.66 -53.78
C ASP C 382 -22.27 3.73 -54.33
N ASP C 383 -22.81 4.84 -54.82
CA ASP C 383 -21.94 5.96 -55.13
C ASP C 383 -21.56 6.73 -53.86
N ILE C 384 -22.47 6.76 -52.89
CA ILE C 384 -22.24 7.45 -51.63
C ILE C 384 -21.16 6.74 -50.81
N ARG C 385 -21.15 5.41 -50.84
CA ARG C 385 -20.08 4.69 -50.14
C ARG C 385 -18.77 4.80 -50.90
N LEU C 386 -18.83 5.14 -52.19
CA LEU C 386 -17.61 5.17 -52.97
C LEU C 386 -16.79 6.41 -52.66
N VAL C 387 -17.45 7.56 -52.56
CA VAL C 387 -16.78 8.74 -52.01
C VAL C 387 -16.51 8.54 -50.53
N GLY C 388 -17.34 7.73 -49.86
CA GLY C 388 -17.00 7.28 -48.53
C GLY C 388 -15.80 6.36 -48.53
N GLU C 389 -15.62 5.59 -49.61
CA GLU C 389 -14.45 4.70 -49.69
C GLU C 389 -13.15 5.42 -49.92
N LEU C 390 -12.97 6.06 -51.07
CA LEU C 390 -11.61 6.31 -51.54
C LEU C 390 -10.94 7.42 -50.75
N VAL C 391 -11.68 8.17 -49.94
CA VAL C 391 -11.07 9.06 -48.96
C VAL C 391 -10.29 8.26 -47.94
N THR C 392 -10.72 7.03 -47.64
CA THR C 392 -10.01 6.24 -46.65
C THR C 392 -8.71 5.68 -47.21
N VAL C 393 -8.76 5.13 -48.41
CA VAL C 393 -7.56 4.48 -48.95
C VAL C 393 -6.53 5.52 -49.36
N ILE C 394 -6.99 6.70 -49.77
CA ILE C 394 -6.05 7.81 -49.95
C ILE C 394 -5.55 8.27 -48.60
N GLY C 395 -6.43 8.31 -47.60
CA GLY C 395 -6.02 8.67 -46.25
C GLY C 395 -5.00 7.72 -45.65
N ALA C 396 -5.00 6.46 -46.08
CA ALA C 396 -3.89 5.60 -45.77
C ALA C 396 -2.61 6.08 -46.45
N ILE C 397 -2.72 6.45 -47.73
CA ILE C 397 -1.54 6.80 -48.52
C ILE C 397 -0.91 8.09 -47.99
N ILE C 398 -1.71 8.98 -47.38
CA ILE C 398 -1.14 10.07 -46.60
C ILE C 398 -0.27 9.52 -45.46
N ILE C 399 -0.77 8.55 -44.71
CA ILE C 399 0.06 8.06 -43.62
C ILE C 399 0.97 6.94 -44.09
N LEU C 400 0.89 6.59 -45.37
CA LEU C 400 2.04 5.92 -45.99
C LEU C 400 3.19 6.89 -46.23
N LEU C 401 2.89 8.07 -46.77
CA LEU C 401 3.95 9.00 -47.13
C LEU C 401 4.60 9.64 -45.91
N VAL C 402 4.01 9.46 -44.73
CA VAL C 402 4.69 9.78 -43.49
C VAL C 402 5.90 8.85 -43.31
N GLU C 403 5.84 7.63 -43.82
CA GLU C 403 6.80 6.63 -43.43
C GLU C 403 7.84 6.28 -44.48
N VAL C 404 7.62 6.61 -45.75
CA VAL C 404 8.64 6.35 -46.77
C VAL C 404 9.92 7.13 -46.51
N PRO C 405 9.91 8.37 -46.01
CA PRO C 405 11.13 8.88 -45.38
C PRO C 405 11.40 8.29 -44.01
N ASP C 406 10.37 7.91 -43.25
CA ASP C 406 10.61 7.54 -41.86
C ASP C 406 11.11 6.11 -41.69
N ILE C 407 10.69 5.20 -42.55
CA ILE C 407 11.36 3.91 -42.60
C ILE C 407 12.78 4.07 -43.12
N PHE C 408 12.96 4.98 -44.09
CA PHE C 408 14.29 5.39 -44.53
C PHE C 408 15.08 6.11 -43.44
N ARG C 409 14.38 6.69 -42.46
CA ARG C 409 15.06 7.43 -41.41
C ARG C 409 15.75 6.50 -40.41
N MET C 410 14.98 5.68 -39.70
CA MET C 410 15.49 4.98 -38.54
C MET C 410 15.36 3.46 -38.70
N GLY C 411 15.47 2.99 -39.94
CA GLY C 411 15.50 1.56 -40.22
C GLY C 411 14.16 0.89 -40.02
N VAL C 412 14.18 -0.45 -40.03
CA VAL C 412 13.00 -1.26 -39.79
C VAL C 412 13.10 -2.02 -38.47
N THR C 413 14.20 -2.73 -38.25
CA THR C 413 14.34 -3.58 -37.07
C THR C 413 14.60 -2.76 -35.82
N ARG C 414 15.44 -1.73 -35.91
CA ARG C 414 15.63 -0.86 -34.76
C ARG C 414 14.58 0.24 -34.69
N PHE C 415 13.70 0.31 -35.70
CA PHE C 415 12.49 1.12 -35.55
C PHE C 415 11.59 0.57 -34.45
N PHE C 416 11.56 -0.76 -34.27
CA PHE C 416 10.97 -1.35 -33.08
C PHE C 416 11.66 -0.84 -31.81
N GLY C 417 12.96 -0.58 -31.90
CA GLY C 417 13.68 0.04 -30.80
C GLY C 417 13.38 1.52 -30.65
N GLN C 418 12.66 2.10 -31.63
CA GLN C 418 12.13 3.45 -31.45
C GLN C 418 10.72 3.43 -30.87
N THR C 419 10.02 2.30 -30.97
CA THR C 419 8.57 2.30 -30.75
C THR C 419 8.19 2.34 -29.27
N ILE C 420 8.62 1.33 -28.50
CA ILE C 420 7.98 0.95 -27.24
C ILE C 420 8.15 2.03 -26.17
N LEU C 421 9.23 2.79 -26.23
CA LEU C 421 9.50 3.82 -25.23
C LEU C 421 8.57 5.01 -25.37
N GLY C 422 8.37 5.50 -26.59
CA GLY C 422 7.44 6.57 -26.82
C GLY C 422 6.69 6.32 -28.11
N GLY C 423 5.37 6.22 -28.01
CA GLY C 423 4.55 5.86 -29.13
C GLY C 423 4.83 4.48 -29.73
N PRO C 424 4.47 3.40 -29.02
CA PRO C 424 4.27 2.13 -29.71
C PRO C 424 2.92 2.04 -30.34
N PHE C 425 2.10 3.05 -30.16
CA PHE C 425 0.86 3.20 -30.90
C PHE C 425 1.13 3.67 -32.32
N HIS C 426 2.34 4.18 -32.57
CA HIS C 426 2.72 4.64 -33.89
C HIS C 426 2.88 3.49 -34.86
N VAL C 427 3.31 2.32 -34.37
CA VAL C 427 3.64 1.27 -35.32
C VAL C 427 2.39 0.61 -35.86
N LEU C 428 1.33 0.46 -35.06
CA LEU C 428 0.20 -0.30 -35.56
C LEU C 428 -0.73 0.56 -36.38
N ILE C 429 -0.50 1.87 -36.41
CA ILE C 429 -1.21 2.67 -37.41
C ILE C 429 -0.63 2.42 -38.80
N ILE C 430 0.52 1.75 -38.87
CA ILE C 430 1.08 1.43 -40.17
C ILE C 430 0.61 0.05 -40.61
N THR C 431 0.44 -0.86 -39.65
CA THR C 431 -0.20 -2.12 -39.98
C THR C 431 -1.69 -1.92 -40.20
N TYR C 432 -2.24 -0.83 -39.69
CA TYR C 432 -3.51 -0.33 -40.19
C TYR C 432 -3.45 -0.12 -41.68
N ALA C 433 -2.38 0.52 -42.14
CA ALA C 433 -2.31 0.93 -43.53
C ALA C 433 -2.05 -0.25 -44.45
N PHE C 434 -1.28 -1.25 -44.00
CA PHE C 434 -1.05 -2.43 -44.83
C PHE C 434 -2.34 -3.18 -45.07
N MET C 435 -3.14 -3.34 -44.02
CA MET C 435 -4.39 -4.06 -44.17
C MET C 435 -5.40 -3.25 -44.97
N VAL C 436 -5.49 -1.95 -44.73
CA VAL C 436 -6.53 -1.18 -45.39
C VAL C 436 -6.14 -0.91 -46.83
N LEU C 437 -4.86 -1.06 -47.16
CA LEU C 437 -4.50 -1.05 -48.56
C LEU C 437 -4.83 -2.37 -49.22
N VAL C 438 -4.56 -3.49 -48.54
CA VAL C 438 -4.71 -4.80 -49.16
C VAL C 438 -6.18 -5.15 -49.31
N THR C 439 -7.05 -4.53 -48.51
CA THR C 439 -8.45 -4.82 -48.72
C THR C 439 -9.01 -4.11 -49.94
N MET C 440 -8.35 -3.06 -50.44
CA MET C 440 -8.78 -2.48 -51.69
C MET C 440 -8.17 -3.25 -52.85
N VAL C 441 -6.97 -3.79 -52.64
CA VAL C 441 -6.45 -4.80 -53.54
C VAL C 441 -7.38 -6.00 -53.58
N MET C 442 -7.97 -6.34 -52.43
CA MET C 442 -8.89 -7.45 -52.35
C MET C 442 -10.18 -7.19 -53.10
N ARG C 443 -10.72 -5.97 -53.01
CA ARG C 443 -11.98 -5.69 -53.70
C ARG C 443 -11.81 -5.58 -55.21
N LEU C 444 -10.60 -5.31 -55.70
CA LEU C 444 -10.41 -5.31 -57.14
C LEU C 444 -10.28 -6.72 -57.67
N ILE C 445 -9.83 -7.65 -56.84
CA ILE C 445 -9.79 -9.05 -57.25
C ILE C 445 -11.09 -9.74 -56.85
N SER C 446 -11.72 -9.27 -55.78
CA SER C 446 -12.98 -9.81 -55.22
C SER C 446 -12.84 -11.28 -54.84
N ALA C 447 -11.75 -11.60 -54.15
CA ALA C 447 -11.63 -12.93 -53.58
C ALA C 447 -12.52 -13.04 -52.35
N SER C 448 -12.77 -14.29 -51.94
CA SER C 448 -13.73 -14.52 -50.85
C SER C 448 -13.16 -14.07 -49.51
N GLY C 449 -11.84 -14.15 -49.35
CA GLY C 449 -11.21 -13.75 -48.11
C GLY C 449 -11.16 -12.25 -47.94
N GLU C 450 -12.32 -11.65 -47.71
CA GLU C 450 -12.44 -10.21 -47.59
C GLU C 450 -12.49 -9.74 -46.14
N VAL C 451 -12.95 -10.58 -45.23
CA VAL C 451 -13.18 -10.09 -43.87
C VAL C 451 -11.90 -10.12 -43.06
N VAL C 452 -10.93 -10.90 -43.50
CA VAL C 452 -9.65 -11.06 -42.80
C VAL C 452 -8.87 -9.74 -42.74
N PRO C 453 -8.83 -8.87 -43.76
CA PRO C 453 -8.32 -7.53 -43.47
C PRO C 453 -9.34 -6.73 -42.70
N MET C 454 -10.60 -6.88 -43.09
CA MET C 454 -11.63 -5.95 -42.65
C MET C 454 -11.92 -6.11 -41.18
N SER C 455 -11.66 -7.29 -40.64
CA SER C 455 -11.60 -7.43 -39.19
C SER C 455 -10.47 -6.62 -38.61
N PHE C 456 -9.23 -6.88 -39.05
CA PHE C 456 -8.08 -6.18 -38.51
C PHE C 456 -8.10 -4.70 -38.84
N ALA C 457 -8.57 -4.34 -40.03
CA ALA C 457 -8.52 -2.95 -40.43
C ALA C 457 -9.54 -2.11 -39.68
N LEU C 458 -10.46 -2.75 -38.97
CA LEU C 458 -11.41 -1.98 -38.21
C LEU C 458 -10.99 -1.86 -36.76
N VAL C 459 -10.48 -2.94 -36.18
CA VAL C 459 -10.34 -2.98 -34.74
C VAL C 459 -9.19 -2.13 -34.24
N LEU C 460 -8.06 -2.12 -34.92
CA LEU C 460 -6.98 -1.30 -34.44
C LEU C 460 -7.04 0.09 -35.04
N GLY C 461 -7.97 0.31 -35.96
CA GLY C 461 -8.33 1.67 -36.28
C GLY C 461 -8.92 2.39 -35.09
N TRP C 462 -9.90 1.78 -34.43
CA TRP C 462 -10.43 2.35 -33.20
C TRP C 462 -9.45 2.25 -32.06
N CYS C 463 -8.69 1.15 -32.00
CA CYS C 463 -7.80 0.96 -30.86
C CYS C 463 -6.63 1.93 -30.91
N ASN C 464 -6.42 2.62 -32.02
CA ASN C 464 -5.37 3.59 -32.07
C ASN C 464 -5.85 5.01 -31.81
N VAL C 465 -7.14 5.19 -31.52
CA VAL C 465 -7.55 6.53 -31.10
C VAL C 465 -7.13 6.78 -29.67
N MET C 466 -6.79 5.73 -28.92
CA MET C 466 -6.35 5.92 -27.55
C MET C 466 -4.94 6.45 -27.50
N ALA C 467 -4.24 6.48 -28.63
CA ALA C 467 -3.00 7.22 -28.70
C ALA C 467 -3.23 8.69 -28.44
N PHE C 468 -4.39 9.21 -28.83
CA PHE C 468 -4.72 10.60 -28.64
C PHE C 468 -5.27 10.89 -27.26
N ALA C 469 -5.33 9.88 -26.40
CA ALA C 469 -5.76 10.09 -25.04
C ALA C 469 -4.78 10.92 -24.23
N ARG C 470 -3.51 10.93 -24.65
CA ARG C 470 -2.51 11.75 -23.99
C ARG C 470 -2.79 13.23 -24.17
N GLY C 471 -3.48 13.62 -25.24
CA GLY C 471 -3.63 15.03 -25.54
C GLY C 471 -4.69 15.67 -24.69
N PHE C 472 -5.89 15.08 -24.72
CA PHE C 472 -6.93 15.48 -23.81
C PHE C 472 -6.47 15.17 -22.39
N GLN C 473 -6.69 16.12 -21.48
CA GLN C 473 -6.05 16.05 -20.18
C GLN C 473 -6.65 14.94 -19.34
N MET C 474 -5.88 14.50 -18.35
CA MET C 474 -6.20 13.52 -17.30
C MET C 474 -6.55 12.12 -17.83
N LEU C 475 -6.61 11.94 -19.13
CA LEU C 475 -7.04 10.69 -19.76
C LEU C 475 -5.86 9.86 -20.20
N GLY C 476 -4.78 10.51 -20.61
CA GLY C 476 -3.49 9.92 -20.87
C GLY C 476 -2.93 8.86 -19.93
N PRO C 477 -2.79 9.12 -18.61
CA PRO C 477 -1.88 8.29 -17.81
C PRO C 477 -2.31 6.86 -17.64
N PHE C 478 -3.61 6.59 -17.71
CA PHE C 478 -4.05 5.21 -17.73
C PHE C 478 -3.72 4.55 -19.05
N THR C 479 -3.80 5.33 -20.13
CA THR C 479 -3.43 4.77 -21.43
C THR C 479 -1.93 4.56 -21.51
N ILE C 480 -1.17 5.41 -20.82
CA ILE C 480 0.23 5.09 -20.52
C ILE C 480 0.31 3.81 -19.69
N MET C 481 -0.55 3.68 -18.68
CA MET C 481 -0.47 2.49 -17.87
C MET C 481 -1.09 1.30 -18.58
N ILE C 482 -1.95 1.55 -19.59
CA ILE C 482 -2.35 0.50 -20.51
C ILE C 482 -1.13 -0.08 -21.19
N GLN C 483 -0.28 0.79 -21.73
CA GLN C 483 0.92 0.38 -22.45
C GLN C 483 1.86 -0.43 -21.57
N LYS C 484 2.17 0.07 -20.38
CA LYS C 484 3.18 -0.59 -19.56
C LYS C 484 2.67 -1.85 -18.88
N MET C 485 1.37 -2.12 -18.91
CA MET C 485 0.92 -3.40 -18.40
C MET C 485 0.87 -4.45 -19.49
N ILE C 486 0.57 -4.06 -20.72
CA ILE C 486 0.39 -5.08 -21.76
C ILE C 486 1.73 -5.60 -22.25
N PHE C 487 2.68 -4.72 -22.54
CA PHE C 487 3.88 -5.17 -23.22
C PHE C 487 4.94 -5.72 -22.27
N GLY C 488 4.74 -5.63 -20.97
CA GLY C 488 5.74 -6.12 -20.05
C GLY C 488 5.20 -7.12 -19.06
N ASP C 489 3.89 -7.08 -18.84
CA ASP C 489 3.28 -7.91 -17.82
C ASP C 489 2.23 -8.87 -18.35
N LEU C 490 1.30 -8.42 -19.18
CA LEU C 490 0.25 -9.32 -19.61
C LEU C 490 0.73 -10.30 -20.67
N MET C 491 1.58 -9.85 -21.59
CA MET C 491 2.20 -10.80 -22.51
C MET C 491 3.19 -11.69 -21.77
N ARG C 492 3.79 -11.19 -20.70
CA ARG C 492 4.50 -12.07 -19.80
C ARG C 492 3.55 -13.01 -19.08
N PHE C 493 2.37 -12.54 -18.75
CA PHE C 493 1.36 -13.43 -18.19
C PHE C 493 0.85 -14.40 -19.23
N CYS C 494 0.71 -13.95 -20.48
CA CYS C 494 0.13 -14.79 -21.50
C CYS C 494 1.08 -15.89 -21.94
N TRP C 495 2.38 -15.76 -21.66
CA TRP C 495 3.24 -16.94 -21.68
C TRP C 495 2.73 -17.97 -20.70
N LEU C 496 2.52 -17.55 -19.45
CA LEU C 496 2.17 -18.50 -18.42
C LEU C 496 0.75 -18.99 -18.58
N MET C 497 -0.11 -18.17 -19.15
CA MET C 497 -1.50 -18.57 -19.20
C MET C 497 -1.76 -19.51 -20.36
N ALA C 498 -0.98 -19.37 -21.43
CA ALA C 498 -1.24 -20.17 -22.61
C ALA C 498 -0.78 -21.61 -22.48
N VAL C 499 -0.27 -22.02 -21.32
CA VAL C 499 0.12 -23.40 -21.16
C VAL C 499 -0.75 -24.07 -20.11
N VAL C 500 -1.26 -23.30 -19.15
CA VAL C 500 -2.15 -23.89 -18.16
C VAL C 500 -3.50 -24.16 -18.79
N ILE C 501 -3.79 -23.51 -19.91
CA ILE C 501 -5.01 -23.84 -20.63
C ILE C 501 -4.88 -25.18 -21.34
N LEU C 502 -3.76 -25.42 -22.02
CA LEU C 502 -3.64 -26.50 -22.98
C LEU C 502 -3.75 -27.86 -22.34
N GLY C 503 -3.44 -27.96 -21.06
CA GLY C 503 -3.67 -29.16 -20.31
C GLY C 503 -5.15 -29.45 -20.27
N PHE C 504 -5.88 -28.59 -19.55
CA PHE C 504 -7.30 -28.79 -19.33
C PHE C 504 -8.08 -28.81 -20.62
N ALA C 505 -7.66 -27.98 -21.58
CA ALA C 505 -8.35 -27.87 -22.85
C ALA C 505 -8.25 -29.18 -23.61
N SER C 506 -7.05 -29.72 -23.70
CA SER C 506 -6.93 -31.01 -24.35
C SER C 506 -7.47 -32.11 -23.45
N ALA C 507 -7.39 -31.93 -22.13
CA ALA C 507 -8.00 -32.90 -21.21
C ALA C 507 -9.50 -32.87 -21.34
N PHE C 508 -10.07 -31.69 -21.54
CA PHE C 508 -11.49 -31.65 -21.90
C PHE C 508 -11.71 -32.27 -23.27
N TYR C 509 -10.76 -32.11 -24.17
CA TYR C 509 -10.96 -32.59 -25.52
C TYR C 509 -10.97 -34.10 -25.59
N ILE C 510 -10.13 -34.76 -24.80
CA ILE C 510 -10.15 -36.21 -24.87
C ILE C 510 -11.29 -36.77 -24.06
N ILE C 511 -11.74 -36.03 -23.04
CA ILE C 511 -12.74 -36.58 -22.13
C ILE C 511 -14.12 -36.45 -22.75
N PHE C 512 -14.23 -35.65 -23.78
CA PHE C 512 -15.48 -35.49 -24.47
C PHE C 512 -15.43 -35.96 -25.90
N GLN C 513 -14.29 -36.53 -26.32
CA GLN C 513 -14.32 -37.41 -27.47
C GLN C 513 -15.24 -38.58 -27.23
N THR C 514 -15.30 -39.07 -25.99
CA THR C 514 -16.18 -40.16 -25.63
C THR C 514 -17.64 -39.79 -25.84
N GLU C 515 -17.98 -38.55 -25.57
CA GLU C 515 -19.37 -38.14 -25.51
C GLU C 515 -19.84 -37.59 -26.84
N ASP C 516 -21.15 -37.71 -27.06
CA ASP C 516 -21.82 -37.18 -28.24
C ASP C 516 -21.70 -35.66 -28.23
N PRO C 517 -21.23 -35.04 -29.31
CA PRO C 517 -21.27 -33.58 -29.41
C PRO C 517 -22.60 -33.03 -29.89
N GLU C 518 -23.67 -33.81 -29.90
CA GLU C 518 -24.96 -33.22 -30.25
C GLU C 518 -25.48 -32.33 -29.14
N GLU C 519 -25.74 -32.88 -27.96
CA GLU C 519 -25.84 -32.09 -26.75
C GLU C 519 -24.44 -31.99 -26.20
N LEU C 520 -24.20 -30.95 -25.38
CA LEU C 520 -22.90 -30.66 -24.76
C LEU C 520 -21.83 -30.55 -25.84
N GLY C 521 -22.01 -29.60 -26.73
CA GLY C 521 -21.21 -29.63 -27.93
C GLY C 521 -20.12 -28.59 -27.94
N HIS C 522 -19.59 -28.25 -26.78
CA HIS C 522 -18.52 -27.25 -26.76
C HIS C 522 -17.23 -27.78 -27.35
N PHE C 523 -17.03 -29.09 -27.34
CA PHE C 523 -15.71 -29.65 -27.53
C PHE C 523 -15.74 -30.71 -28.62
N TYR C 524 -16.40 -30.42 -29.72
CA TYR C 524 -16.53 -31.44 -30.76
C TYR C 524 -15.24 -31.65 -31.53
N ASP C 525 -14.35 -30.67 -31.53
CA ASP C 525 -13.04 -30.86 -32.12
C ASP C 525 -12.04 -30.01 -31.36
N TYR C 526 -10.79 -30.35 -31.54
CA TYR C 526 -9.66 -29.74 -30.86
C TYR C 526 -9.46 -28.23 -31.07
N PRO C 527 -9.61 -27.64 -32.27
CA PRO C 527 -9.35 -26.19 -32.37
C PRO C 527 -10.33 -25.34 -31.62
N MET C 528 -11.59 -25.73 -31.60
CA MET C 528 -12.53 -24.93 -30.84
C MET C 528 -12.44 -25.28 -29.37
N ALA C 529 -11.86 -26.43 -29.07
CA ALA C 529 -11.71 -26.86 -27.68
C ALA C 529 -10.74 -25.98 -26.93
N LEU C 530 -9.72 -25.48 -27.60
CA LEU C 530 -8.86 -24.47 -26.99
C LEU C 530 -9.62 -23.19 -26.74
N PHE C 531 -10.28 -22.67 -27.77
CA PHE C 531 -10.98 -21.39 -27.67
C PHE C 531 -12.09 -21.43 -26.65
N SER C 532 -12.86 -22.51 -26.63
CA SER C 532 -13.93 -22.64 -25.67
C SER C 532 -13.40 -22.78 -24.25
N THR C 533 -12.22 -23.38 -24.11
CA THR C 533 -11.59 -23.36 -22.80
C THR C 533 -11.07 -21.98 -22.47
N PHE C 534 -10.56 -21.28 -23.46
CA PHE C 534 -9.96 -19.96 -23.26
C PHE C 534 -10.96 -18.96 -22.76
N GLU C 535 -12.11 -18.91 -23.37
CA GLU C 535 -13.16 -18.03 -22.91
C GLU C 535 -13.81 -18.56 -21.65
N LEU C 536 -13.70 -19.86 -21.40
CA LEU C 536 -14.08 -20.37 -20.09
C LEU C 536 -13.09 -19.93 -19.03
N PHE C 537 -11.83 -19.76 -19.41
CA PHE C 537 -10.83 -19.37 -18.45
C PHE C 537 -11.09 -18.00 -17.87
N LEU C 538 -11.58 -17.06 -18.66
CA LEU C 538 -11.92 -15.75 -18.13
C LEU C 538 -13.33 -15.71 -17.57
N THR C 539 -13.92 -16.88 -17.29
CA THR C 539 -15.21 -17.07 -16.64
C THR C 539 -16.33 -16.36 -17.41
N ILE C 540 -16.17 -16.32 -18.73
CA ILE C 540 -17.13 -15.67 -19.59
C ILE C 540 -18.23 -16.62 -20.02
N ILE C 541 -17.99 -17.66 -20.30
CA ILE C 541 -19.03 -18.62 -20.64
C ILE C 541 -19.58 -19.23 -19.36
N ASP C 542 -20.76 -19.81 -19.46
CA ASP C 542 -21.56 -20.23 -18.32
C ASP C 542 -20.93 -21.39 -17.57
N GLY C 543 -20.00 -22.11 -18.17
CA GLY C 543 -19.51 -23.32 -17.56
C GLY C 543 -20.41 -24.43 -18.03
N PRO C 544 -19.87 -25.35 -18.81
CA PRO C 544 -20.72 -26.30 -19.53
C PRO C 544 -21.41 -27.31 -18.63
N ALA C 545 -22.57 -27.68 -19.03
CA ALA C 545 -23.26 -28.61 -18.16
C ALA C 545 -24.64 -28.81 -18.74
N ASN C 546 -24.94 -30.03 -19.18
CA ASN C 546 -26.26 -30.27 -19.75
C ASN C 546 -27.33 -30.31 -18.70
N TYR C 547 -27.09 -31.09 -17.64
CA TYR C 547 -28.03 -31.38 -16.55
C TYR C 547 -29.28 -32.07 -17.04
N ASN C 548 -29.22 -32.67 -18.22
CA ASN C 548 -30.31 -33.44 -18.78
C ASN C 548 -29.88 -34.89 -18.95
N VAL C 549 -28.59 -35.09 -19.20
CA VAL C 549 -28.00 -36.42 -19.28
C VAL C 549 -26.95 -36.53 -18.20
N ASP C 550 -26.28 -37.66 -18.14
CA ASP C 550 -25.12 -37.79 -17.28
C ASP C 550 -23.88 -37.31 -18.00
N LEU C 551 -22.93 -36.80 -17.25
CA LEU C 551 -21.60 -36.39 -17.68
C LEU C 551 -20.57 -37.39 -17.19
N PRO C 552 -19.48 -37.58 -17.92
CA PRO C 552 -18.47 -38.55 -17.48
C PRO C 552 -17.72 -38.08 -16.25
N PHE C 553 -17.09 -39.04 -15.58
CA PHE C 553 -16.85 -38.88 -14.15
C PHE C 553 -15.70 -37.93 -13.89
N MET C 554 -14.63 -38.03 -14.67
CA MET C 554 -13.50 -37.13 -14.46
C MET C 554 -13.78 -35.73 -15.00
N TYR C 555 -14.89 -35.52 -15.72
CA TYR C 555 -15.26 -34.14 -16.05
C TYR C 555 -15.54 -33.36 -14.80
N SER C 556 -16.23 -33.98 -13.85
CA SER C 556 -16.78 -33.28 -12.70
C SER C 556 -15.69 -32.79 -11.75
N ILE C 557 -14.50 -33.38 -11.80
CA ILE C 557 -13.44 -32.88 -10.94
C ILE C 557 -12.47 -32.02 -11.72
N THR C 558 -12.23 -32.36 -12.99
CA THR C 558 -11.17 -31.67 -13.72
C THR C 558 -11.60 -30.27 -14.07
N TYR C 559 -12.88 -30.10 -14.38
CA TYR C 559 -13.45 -28.78 -14.49
C TYR C 559 -13.37 -28.03 -13.18
N ALA C 560 -13.61 -28.72 -12.07
CA ALA C 560 -13.38 -28.10 -10.77
C ALA C 560 -11.90 -27.85 -10.56
N ALA C 561 -11.05 -28.76 -11.03
CA ALA C 561 -9.61 -28.53 -10.96
C ALA C 561 -9.18 -27.43 -11.90
N PHE C 562 -9.99 -27.11 -12.89
CA PHE C 562 -9.76 -25.88 -13.62
C PHE C 562 -10.27 -24.69 -12.86
N ALA C 563 -11.29 -24.88 -12.05
CA ALA C 563 -11.92 -23.73 -11.40
C ALA C 563 -11.04 -23.13 -10.33
N ILE C 564 -10.38 -23.95 -9.50
CA ILE C 564 -9.55 -23.40 -8.44
C ILE C 564 -8.27 -22.83 -9.01
N ILE C 565 -7.91 -23.24 -10.22
CA ILE C 565 -6.89 -22.47 -10.92
C ILE C 565 -7.46 -21.19 -11.49
N ALA C 566 -8.71 -21.23 -11.96
CA ALA C 566 -9.32 -20.04 -12.55
C ALA C 566 -9.57 -18.97 -11.51
N THR C 567 -9.81 -19.36 -10.27
CA THR C 567 -9.86 -18.35 -9.22
C THR C 567 -8.50 -18.04 -8.66
N LEU C 568 -7.45 -18.70 -9.12
CA LEU C 568 -6.16 -18.35 -8.57
C LEU C 568 -5.41 -17.36 -9.44
N LEU C 569 -5.08 -17.75 -10.67
CA LEU C 569 -4.00 -17.01 -11.31
C LEU C 569 -4.50 -15.74 -11.96
N MET C 570 -5.76 -15.67 -12.37
CA MET C 570 -6.25 -14.38 -12.85
C MET C 570 -6.51 -13.47 -11.66
N LEU C 571 -6.77 -14.06 -10.50
CA LEU C 571 -6.72 -13.27 -9.28
C LEU C 571 -5.28 -12.92 -8.93
N ASN C 572 -4.35 -13.80 -9.24
CA ASN C 572 -2.96 -13.42 -9.06
C ASN C 572 -2.53 -12.42 -10.12
N LEU C 573 -3.11 -12.52 -11.32
CA LEU C 573 -2.88 -11.51 -12.34
C LEU C 573 -3.45 -10.16 -11.95
N LEU C 574 -4.55 -10.17 -11.18
CA LEU C 574 -5.07 -8.94 -10.62
C LEU C 574 -4.06 -8.28 -9.71
N ILE C 575 -3.29 -9.09 -8.99
CA ILE C 575 -2.34 -8.48 -8.08
C ILE C 575 -0.96 -8.43 -8.70
N ALA C 576 -0.78 -9.05 -9.86
CA ALA C 576 0.39 -8.79 -10.68
C ALA C 576 0.41 -7.34 -11.12
N MET C 577 -0.77 -6.76 -11.29
CA MET C 577 -0.91 -5.35 -11.59
C MET C 577 -0.39 -4.49 -10.44
N MET C 578 -0.58 -4.95 -9.20
CA MET C 578 -0.38 -4.07 -8.05
C MET C 578 1.09 -3.91 -7.71
N GLY C 579 1.87 -4.99 -7.84
CA GLY C 579 3.30 -4.90 -7.60
C GLY C 579 4.03 -3.99 -8.55
N ASP C 580 3.46 -3.76 -9.73
CA ASP C 580 3.89 -2.64 -10.56
C ASP C 580 3.23 -1.33 -10.16
N THR C 581 1.99 -1.38 -9.67
CA THR C 581 1.24 -0.15 -9.40
C THR C 581 1.75 0.61 -8.18
N HIS C 582 2.33 -0.09 -7.21
CA HIS C 582 3.02 0.62 -6.15
C HIS C 582 4.32 1.25 -6.65
N TRP C 583 4.91 0.67 -7.69
CA TRP C 583 6.05 1.29 -8.33
C TRP C 583 5.63 2.40 -9.27
N ARG C 584 4.34 2.44 -9.62
CA ARG C 584 3.67 3.47 -10.40
C ARG C 584 3.34 4.70 -9.58
N VAL C 585 2.19 5.31 -9.88
CA VAL C 585 1.71 6.67 -9.63
C VAL C 585 2.21 7.35 -8.36
N ALA C 586 2.39 6.60 -7.27
CA ALA C 586 3.01 7.11 -6.06
C ALA C 586 4.44 7.57 -6.32
N HIS C 587 5.11 6.98 -7.32
CA HIS C 587 6.46 7.42 -7.63
C HIS C 587 6.70 7.88 -9.06
N GLU C 588 6.45 7.06 -10.09
CA GLU C 588 6.97 7.46 -11.40
C GLU C 588 6.13 7.19 -12.64
N ARG C 589 4.80 7.30 -12.59
CA ARG C 589 4.10 7.36 -13.88
C ARG C 589 3.94 8.81 -14.34
N ASP C 590 3.86 9.75 -13.38
CA ASP C 590 3.60 11.14 -13.70
C ASP C 590 4.73 11.76 -14.52
N GLU C 591 5.96 11.34 -14.26
CA GLU C 591 7.04 11.75 -15.14
C GLU C 591 6.94 11.07 -16.49
N LEU C 592 6.51 9.81 -16.51
CA LEU C 592 6.43 9.08 -17.77
C LEU C 592 5.32 9.66 -18.65
N TRP C 593 4.33 10.29 -18.03
CA TRP C 593 3.31 10.99 -18.79
C TRP C 593 3.91 12.19 -19.52
N ARG C 594 4.60 13.06 -18.81
CA ARG C 594 5.18 14.21 -19.49
C ARG C 594 6.45 13.84 -20.24
N ALA C 595 7.05 12.70 -19.94
CA ALA C 595 8.06 12.19 -20.86
C ALA C 595 7.41 11.75 -22.15
N GLN C 596 6.19 11.24 -22.08
CA GLN C 596 5.49 10.85 -23.29
C GLN C 596 5.01 12.07 -24.05
N ILE C 597 4.71 13.16 -23.34
CA ILE C 597 4.14 14.31 -24.01
C ILE C 597 5.19 15.03 -24.84
N VAL C 598 6.47 14.84 -24.53
CA VAL C 598 7.45 15.55 -25.32
C VAL C 598 7.94 14.68 -26.45
N ALA C 599 7.78 13.36 -26.32
CA ALA C 599 7.97 12.48 -27.45
C ALA C 599 6.94 12.74 -28.52
N THR C 600 5.75 13.18 -28.12
CA THR C 600 4.83 13.77 -29.08
C THR C 600 5.40 15.05 -29.65
N THR C 601 6.00 15.88 -28.78
CA THR C 601 6.22 17.28 -29.10
C THR C 601 7.23 17.46 -30.22
N VAL C 602 8.39 16.81 -30.11
CA VAL C 602 9.38 16.97 -31.16
C VAL C 602 8.94 16.23 -32.42
N MET C 603 8.08 15.22 -32.28
CA MET C 603 7.74 14.45 -33.45
C MET C 603 6.70 15.13 -34.31
N LEU C 604 5.73 15.81 -33.71
CA LEU C 604 4.85 16.57 -34.59
C LEU C 604 5.50 17.88 -34.98
N GLU C 605 6.50 18.33 -34.21
CA GLU C 605 7.34 19.42 -34.69
C GLU C 605 8.09 19.02 -35.95
N ARG C 606 8.53 17.78 -36.02
CA ARG C 606 9.29 17.33 -37.16
C ARG C 606 8.37 17.08 -38.34
N LYS C 607 7.31 16.31 -38.13
CA LYS C 607 6.50 15.84 -39.24
C LYS C 607 5.63 16.94 -39.82
N LEU C 608 5.09 17.80 -38.97
CA LEU C 608 4.41 18.98 -39.48
C LEU C 608 5.46 20.00 -39.89
N PRO C 609 5.46 20.48 -41.12
CA PRO C 609 6.44 21.48 -41.55
C PRO C 609 6.15 22.86 -40.99
N ARG C 610 6.85 23.84 -41.52
CA ARG C 610 6.79 25.20 -40.99
C ARG C 610 5.54 25.94 -41.42
N CYS C 611 5.55 27.26 -41.22
CA CYS C 611 4.52 28.25 -41.54
C CYS C 611 3.20 27.99 -40.84
N LEU C 612 3.19 27.10 -39.85
CA LEU C 612 2.13 27.05 -38.87
C LEU C 612 2.65 26.93 -37.45
N TRP C 613 3.81 26.34 -37.25
CA TRP C 613 4.45 26.38 -35.95
C TRP C 613 5.42 27.55 -35.98
N PRO C 614 5.31 28.50 -35.07
CA PRO C 614 6.44 29.40 -34.82
C PRO C 614 7.30 28.81 -33.71
N ARG C 615 8.60 28.74 -33.97
CA ARG C 615 9.49 28.04 -33.06
C ARG C 615 9.59 28.78 -31.74
N SER C 616 9.86 28.01 -30.69
CA SER C 616 9.53 28.42 -29.34
C SER C 616 10.49 29.48 -28.81
N GLY C 617 10.03 30.21 -27.82
CA GLY C 617 10.83 31.24 -27.20
C GLY C 617 10.90 32.51 -28.03
N ILE C 618 11.46 33.53 -27.43
CA ILE C 618 11.60 34.79 -28.12
C ILE C 618 12.85 34.74 -28.98
N CYS C 619 12.74 35.29 -30.18
CA CYS C 619 13.88 35.49 -31.05
C CYS C 619 14.78 36.60 -30.52
N GLY C 620 16.07 36.45 -30.78
CA GLY C 620 17.02 37.50 -30.47
C GLY C 620 17.08 38.52 -31.59
N ARG C 621 18.29 38.99 -31.91
CA ARG C 621 18.66 39.69 -33.14
C ARG C 621 18.09 41.11 -33.22
N GLU C 622 17.22 41.47 -32.29
CA GLU C 622 16.73 42.83 -32.18
C GLU C 622 17.15 43.47 -30.89
N TYR C 623 17.87 42.74 -30.03
CA TYR C 623 18.06 43.16 -28.66
C TYR C 623 19.50 42.95 -28.23
N GLY C 624 20.44 43.12 -29.15
CA GLY C 624 21.84 42.93 -28.84
C GLY C 624 22.22 41.49 -28.59
N LEU C 625 21.44 40.55 -29.12
CA LEU C 625 21.63 39.14 -28.84
C LEU C 625 22.01 38.33 -30.05
N GLY C 626 21.51 38.69 -31.23
CA GLY C 626 21.89 37.99 -32.44
C GLY C 626 21.01 36.81 -32.74
N ASP C 627 21.59 35.81 -33.42
CA ASP C 627 20.83 34.69 -33.95
C ASP C 627 20.29 33.77 -32.87
N ARG C 628 20.83 33.84 -31.66
CA ARG C 628 20.33 33.01 -30.57
C ARG C 628 18.94 33.46 -30.17
N TRP C 629 18.03 32.52 -30.09
CA TRP C 629 16.69 32.79 -29.58
C TRP C 629 16.66 32.43 -28.11
N PHE C 630 15.80 33.07 -27.35
CA PHE C 630 15.88 32.94 -25.91
C PHE C 630 14.52 32.64 -25.32
N LEU C 631 14.52 32.38 -24.01
CA LEU C 631 13.34 32.13 -23.22
C LEU C 631 13.61 32.50 -21.78
N ARG C 632 12.67 33.20 -21.18
CA ARG C 632 12.78 33.67 -19.81
C ARG C 632 11.71 33.03 -18.94
N VAL C 633 11.87 33.21 -17.62
CA VAL C 633 10.89 32.75 -16.66
C VAL C 633 11.05 33.61 -15.41
N GLU C 634 9.96 33.79 -14.69
CA GLU C 634 10.02 34.37 -13.36
C GLU C 634 10.17 33.26 -12.35
N ASP C 635 10.30 33.63 -11.08
CA ASP C 635 10.35 32.65 -10.01
C ASP C 635 9.93 33.31 -8.72
N ARG C 636 10.20 32.62 -7.62
CA ARG C 636 10.23 33.25 -6.30
C ARG C 636 11.14 32.45 -5.39
N GLN C 637 12.14 33.13 -4.84
CA GLN C 637 13.04 32.55 -3.86
C GLN C 637 12.46 32.65 -2.46
N ASP C 638 13.31 32.45 -1.45
CA ASP C 638 12.93 32.53 -0.04
C ASP C 638 12.33 33.87 0.39
N SER D 28 -2.66 34.20 -27.04
CA SER D 28 -1.21 34.32 -26.94
C SER D 28 -0.82 35.64 -26.31
N TRP D 29 -1.27 35.83 -25.06
CA TRP D 29 -1.11 37.12 -24.39
C TRP D 29 0.27 37.27 -23.76
N ALA D 30 0.74 36.23 -23.09
CA ALA D 30 1.94 36.30 -22.24
C ALA D 30 3.22 36.55 -23.02
N GLN D 31 3.18 36.42 -24.35
CA GLN D 31 4.32 36.77 -25.18
C GLN D 31 4.65 38.25 -25.06
N SER D 32 3.63 39.11 -24.94
CA SER D 32 3.85 40.55 -24.85
C SER D 32 4.54 40.97 -23.57
N ARG D 33 4.49 40.13 -22.53
CA ARG D 33 5.25 40.40 -21.31
C ARG D 33 6.73 40.44 -21.60
N ASP D 34 7.22 39.40 -22.27
CA ASP D 34 8.62 39.21 -22.53
C ASP D 34 9.12 40.09 -23.65
N GLU D 35 8.29 40.39 -24.65
CA GLU D 35 8.71 41.25 -25.75
C GLU D 35 9.05 42.63 -25.25
N GLN D 36 8.24 43.15 -24.35
CA GLN D 36 8.52 44.42 -23.71
C GLN D 36 9.63 44.29 -22.69
N ASN D 37 9.83 43.10 -22.13
CA ASN D 37 10.87 43.00 -21.11
C ASN D 37 12.25 42.90 -21.74
N LEU D 38 12.35 42.39 -22.96
CA LEU D 38 13.61 42.56 -23.66
C LEU D 38 13.76 43.98 -24.16
N LEU D 39 12.64 44.66 -24.40
CA LEU D 39 12.70 46.04 -24.84
C LEU D 39 13.23 46.93 -23.72
N GLN D 40 13.03 46.53 -22.47
CA GLN D 40 13.78 47.11 -21.36
C GLN D 40 15.27 46.98 -21.59
N GLN D 41 15.73 45.79 -21.93
CA GLN D 41 17.14 45.61 -22.17
C GLN D 41 17.59 46.22 -23.48
N LYS D 42 16.66 46.59 -24.35
CA LYS D 42 17.01 47.33 -25.55
C LYS D 42 17.27 48.80 -25.26
N ARG D 43 16.40 49.42 -24.48
CA ARG D 43 16.49 50.86 -24.28
C ARG D 43 17.67 51.21 -23.38
N ILE D 44 18.02 50.34 -22.44
CA ILE D 44 19.21 50.58 -21.62
C ILE D 44 20.46 50.35 -22.45
N TRP D 45 20.33 49.54 -23.50
CA TRP D 45 21.49 49.23 -24.31
C TRP D 45 21.86 50.40 -25.20
N GLU D 46 20.86 51.06 -25.78
CA GLU D 46 21.15 52.22 -26.61
C GLU D 46 21.52 53.44 -25.80
N SER D 47 21.11 53.51 -24.55
CA SER D 47 21.28 54.75 -23.83
C SER D 47 22.52 54.69 -22.95
N PRO D 48 23.50 55.54 -23.20
CA PRO D 48 24.70 55.54 -22.34
C PRO D 48 24.43 56.05 -20.95
N LEU D 49 23.39 56.89 -20.78
CA LEU D 49 22.96 57.25 -19.43
C LEU D 49 22.39 56.04 -18.73
N LEU D 50 21.53 55.29 -19.41
CA LEU D 50 20.98 54.11 -18.79
C LEU D 50 21.98 52.98 -18.76
N LEU D 51 22.99 53.00 -19.63
CA LEU D 51 24.08 52.04 -19.50
C LEU D 51 24.83 52.26 -18.20
N ALA D 52 25.01 53.51 -17.80
CA ALA D 52 25.59 53.78 -16.49
C ALA D 52 24.57 53.60 -15.38
N ALA D 53 23.29 53.52 -15.72
CA ALA D 53 22.30 53.17 -14.71
C ALA D 53 22.27 51.67 -14.45
N LYS D 54 22.92 50.88 -15.30
CA LYS D 54 22.98 49.45 -15.08
C LYS D 54 23.87 49.13 -13.89
N ASP D 55 25.14 49.51 -13.98
CA ASP D 55 26.09 49.22 -12.92
C ASP D 55 26.61 50.51 -12.30
N ASN D 56 27.66 50.37 -11.52
CA ASN D 56 28.08 51.42 -10.58
C ASN D 56 29.03 52.39 -11.28
N ASP D 57 28.54 52.99 -12.36
CA ASP D 57 29.38 53.88 -13.16
C ASP D 57 29.13 55.34 -12.78
N VAL D 58 29.43 55.63 -11.52
CA VAL D 58 29.29 56.98 -11.01
C VAL D 58 30.37 57.89 -11.59
N GLN D 59 31.58 57.35 -11.79
CA GLN D 59 32.62 58.12 -12.46
C GLN D 59 32.29 58.30 -13.93
N ALA D 60 31.53 57.38 -14.50
CA ALA D 60 30.96 57.61 -15.81
C ALA D 60 29.66 58.41 -15.73
N LEU D 61 29.05 58.48 -14.54
CA LEU D 61 27.96 59.44 -14.39
C LEU D 61 28.52 60.85 -14.33
N ASN D 62 29.74 60.99 -13.81
CA ASN D 62 30.47 62.25 -13.93
C ASN D 62 30.69 62.62 -15.38
N LYS D 63 30.88 61.61 -16.22
CA LYS D 63 30.96 61.77 -17.67
C LYS D 63 29.60 62.00 -18.32
N LEU D 64 28.52 62.10 -17.54
CA LEU D 64 27.21 62.13 -18.17
C LEU D 64 26.39 63.36 -17.85
N LEU D 65 26.55 63.96 -16.69
CA LEU D 65 25.59 65.00 -16.32
C LEU D 65 26.24 66.36 -16.13
N LYS D 66 27.49 66.40 -15.68
CA LYS D 66 28.10 67.69 -15.41
C LYS D 66 28.60 68.33 -16.69
N TYR D 67 28.75 67.54 -17.75
CA TYR D 67 29.42 68.04 -18.94
C TYR D 67 28.40 68.70 -19.88
N GLU D 68 27.16 68.23 -19.87
CA GLU D 68 26.12 68.84 -20.68
C GLU D 68 24.76 68.66 -20.04
N ASP D 69 23.76 69.27 -20.65
CA ASP D 69 22.39 69.15 -20.23
C ASP D 69 21.73 68.03 -21.03
N CYS D 70 21.77 66.81 -20.48
CA CYS D 70 20.96 65.71 -20.95
C CYS D 70 19.56 65.85 -20.36
N LYS D 71 18.56 65.47 -21.13
CA LYS D 71 17.20 65.66 -20.69
C LYS D 71 16.85 64.67 -19.59
N VAL D 72 16.02 65.13 -18.65
CA VAL D 72 15.70 64.34 -17.47
C VAL D 72 14.59 63.33 -17.72
N HIS D 73 14.02 63.32 -18.91
CA HIS D 73 12.91 62.44 -19.25
C HIS D 73 13.33 61.38 -20.25
N GLN D 74 14.51 60.77 -20.08
CA GLN D 74 14.93 59.75 -21.02
C GLN D 74 14.16 58.48 -20.71
N ARG D 75 13.04 58.29 -21.41
CA ARG D 75 12.08 57.25 -21.08
C ARG D 75 12.55 55.91 -21.65
N GLY D 76 12.45 54.86 -20.84
CA GLY D 76 12.85 53.54 -21.28
C GLY D 76 11.81 52.84 -22.13
N ALA D 77 11.59 51.55 -21.92
CA ALA D 77 10.61 50.84 -22.73
C ALA D 77 9.19 51.16 -22.27
N MET D 78 8.91 50.99 -20.98
CA MET D 78 7.68 51.53 -20.39
C MET D 78 7.96 52.72 -19.48
N GLY D 79 8.85 53.60 -19.90
CA GLY D 79 8.92 54.92 -19.31
C GLY D 79 9.67 54.98 -18.01
N GLU D 80 10.96 54.69 -18.07
CA GLU D 80 11.77 54.69 -16.88
C GLU D 80 12.66 55.90 -16.83
N THR D 81 13.18 56.17 -15.64
CA THR D 81 14.28 57.09 -15.46
C THR D 81 15.37 56.37 -14.70
N ALA D 82 16.43 57.11 -14.35
CA ALA D 82 17.65 56.50 -13.86
C ALA D 82 17.47 55.91 -12.47
N LEU D 83 16.85 56.66 -11.55
CA LEU D 83 16.73 56.16 -10.19
C LEU D 83 15.75 55.02 -10.10
N HIS D 84 14.85 54.90 -11.08
CA HIS D 84 14.14 53.65 -11.24
C HIS D 84 15.10 52.52 -11.54
N ILE D 85 15.97 52.72 -12.53
CA ILE D 85 16.85 51.64 -12.95
C ILE D 85 17.93 51.40 -11.91
N ALA D 86 18.40 52.46 -11.26
CA ALA D 86 19.48 52.32 -10.28
C ALA D 86 19.02 51.57 -9.04
N ALA D 87 17.88 51.94 -8.49
CA ALA D 87 17.39 51.23 -7.32
C ALA D 87 16.93 49.84 -7.66
N LEU D 88 16.50 49.61 -8.90
CA LEU D 88 16.11 48.28 -9.32
C LEU D 88 17.33 47.37 -9.44
N TYR D 89 18.43 47.88 -9.96
CA TYR D 89 19.66 47.11 -9.87
C TYR D 89 20.49 47.47 -8.65
N ASP D 90 19.86 47.65 -7.49
CA ASP D 90 20.52 47.70 -6.17
C ASP D 90 21.66 48.70 -6.07
N ASN D 91 21.39 49.96 -6.43
CA ASN D 91 22.46 50.96 -6.51
C ASN D 91 22.00 52.28 -5.89
N LEU D 92 22.29 52.47 -4.60
CA LEU D 92 22.09 53.79 -4.02
C LEU D 92 23.15 54.76 -4.53
N GLU D 93 24.32 54.24 -4.89
CA GLU D 93 25.42 55.07 -5.33
C GLU D 93 25.12 55.74 -6.66
N ALA D 94 24.33 55.09 -7.50
CA ALA D 94 23.85 55.75 -8.70
C ALA D 94 22.61 56.56 -8.41
N ALA D 95 21.99 56.34 -7.25
CA ALA D 95 20.72 56.99 -6.98
C ALA D 95 20.91 58.40 -6.45
N MET D 96 21.95 58.65 -5.68
CA MET D 96 22.09 59.97 -5.08
C MET D 96 22.72 60.98 -6.01
N VAL D 97 23.35 60.52 -7.09
CA VAL D 97 24.07 61.45 -7.94
C VAL D 97 23.14 62.13 -8.93
N LEU D 98 21.94 61.59 -9.12
CA LEU D 98 20.96 62.30 -9.93
C LEU D 98 20.13 63.28 -9.12
N MET D 99 20.35 63.36 -7.81
CA MET D 99 19.45 64.16 -6.97
C MET D 99 19.69 65.64 -7.16
N GLU D 100 20.96 66.04 -7.28
CA GLU D 100 21.25 67.41 -7.66
C GLU D 100 21.01 67.61 -9.16
N ALA D 101 20.92 66.51 -9.90
CA ALA D 101 20.63 66.63 -11.32
C ALA D 101 19.13 66.77 -11.56
N ALA D 102 18.30 66.03 -10.84
CA ALA D 102 16.87 66.03 -11.09
C ALA D 102 16.12 65.58 -9.84
N PRO D 103 15.69 66.52 -9.00
CA PRO D 103 14.88 66.15 -7.83
C PRO D 103 13.43 65.82 -8.15
N GLU D 104 12.95 66.15 -9.34
CA GLU D 104 11.55 65.93 -9.69
C GLU D 104 11.28 64.54 -10.20
N LEU D 105 12.33 63.76 -10.45
CA LEU D 105 12.16 62.42 -11.00
C LEU D 105 11.68 61.40 -9.98
N VAL D 106 11.69 61.77 -8.70
CA VAL D 106 10.94 61.00 -7.72
C VAL D 106 9.44 61.10 -8.00
N PHE D 107 8.99 62.29 -8.38
CA PHE D 107 7.59 62.54 -8.70
C PHE D 107 7.18 61.97 -10.05
N GLU D 108 8.09 61.33 -10.77
CA GLU D 108 7.81 60.75 -12.06
C GLU D 108 7.58 59.26 -11.91
N PRO D 109 6.38 58.74 -12.13
CA PRO D 109 6.16 57.30 -12.05
C PRO D 109 6.43 56.62 -13.39
N MET D 110 6.53 55.30 -13.32
CA MET D 110 6.68 54.49 -14.53
C MET D 110 5.37 54.50 -15.30
N THR D 111 5.48 54.46 -16.62
CA THR D 111 4.45 55.05 -17.46
C THR D 111 3.16 54.25 -17.51
N SER D 112 3.17 53.04 -18.06
CA SER D 112 1.89 52.41 -18.36
C SER D 112 2.03 50.93 -18.60
N GLU D 113 0.86 50.31 -18.76
CA GLU D 113 0.48 49.06 -19.42
C GLU D 113 0.99 47.81 -18.73
N LEU D 114 1.97 47.93 -17.90
CA LEU D 114 2.30 46.91 -16.93
C LEU D 114 2.49 47.49 -15.56
N TYR D 115 3.12 48.67 -15.48
CA TYR D 115 3.58 49.27 -14.25
C TYR D 115 3.01 50.68 -14.25
N GLU D 116 1.76 50.80 -13.85
CA GLU D 116 1.02 52.04 -14.00
C GLU D 116 1.08 52.80 -12.69
N GLY D 117 2.04 53.70 -12.59
CA GLY D 117 2.21 54.44 -11.36
C GLY D 117 3.28 53.89 -10.45
N GLN D 118 4.23 53.16 -10.98
CA GLN D 118 5.29 52.64 -10.14
C GLN D 118 6.38 53.69 -10.00
N THR D 119 6.77 53.98 -8.76
CA THR D 119 7.86 54.91 -8.53
C THR D 119 8.97 54.21 -7.78
N ALA D 120 10.06 54.95 -7.59
CA ALA D 120 11.25 54.43 -6.93
C ALA D 120 11.00 54.08 -5.48
N LEU D 121 10.03 54.73 -4.85
CA LEU D 121 9.66 54.38 -3.48
C LEU D 121 9.13 52.96 -3.40
N HIS D 122 8.40 52.53 -4.43
CA HIS D 122 7.85 51.19 -4.39
C HIS D 122 8.95 50.15 -4.56
N ILE D 123 9.91 50.39 -5.44
CA ILE D 123 10.97 49.39 -5.60
C ILE D 123 12.02 49.56 -4.53
N ALA D 124 11.94 50.62 -3.75
CA ALA D 124 12.87 50.82 -2.65
C ALA D 124 12.73 49.72 -1.61
N VAL D 125 11.49 49.36 -1.28
CA VAL D 125 11.26 48.37 -0.25
C VAL D 125 11.32 46.97 -0.84
N VAL D 126 11.38 46.87 -2.15
CA VAL D 126 11.49 45.56 -2.79
C VAL D 126 12.84 44.95 -2.49
N ASN D 127 13.88 45.76 -2.43
CA ASN D 127 15.24 45.29 -2.20
C ASN D 127 15.61 45.28 -0.74
N GLN D 128 14.61 45.24 0.14
CA GLN D 128 14.61 45.10 1.60
C GLN D 128 15.11 46.32 2.34
N ASN D 129 15.95 47.14 1.70
CA ASN D 129 16.49 48.44 2.11
C ASN D 129 17.48 48.83 1.03
N MET D 130 17.88 50.10 1.03
CA MET D 130 19.27 50.42 0.71
C MET D 130 19.79 51.58 1.55
N ASN D 131 19.01 52.05 2.54
CA ASN D 131 19.02 53.37 3.18
C ASN D 131 18.67 54.47 2.19
N LEU D 132 18.21 54.08 1.01
CA LEU D 132 17.66 55.04 0.05
C LEU D 132 16.30 55.48 0.47
N VAL D 133 15.68 54.71 1.37
CA VAL D 133 14.34 54.98 1.85
C VAL D 133 14.31 56.27 2.65
N ARG D 134 15.37 56.52 3.44
CA ARG D 134 15.49 57.86 4.00
C ARG D 134 15.93 58.84 2.94
N ALA D 135 16.70 58.36 1.97
CA ALA D 135 17.35 59.27 1.05
C ALA D 135 16.40 59.75 -0.05
N LEU D 136 15.45 58.91 -0.47
CA LEU D 136 14.47 59.48 -1.39
C LEU D 136 13.38 60.20 -0.61
N LEU D 137 13.25 59.92 0.68
CA LEU D 137 12.40 60.74 1.53
C LEU D 137 13.05 62.07 1.86
N ALA D 138 14.35 62.20 1.60
CA ALA D 138 14.97 63.53 1.66
C ALA D 138 14.53 64.40 0.51
N ARG D 139 13.97 63.82 -0.55
CA ARG D 139 13.21 64.57 -1.53
C ARG D 139 11.72 64.48 -1.33
N ARG D 140 11.29 64.21 -0.09
CA ARG D 140 9.90 64.15 0.38
C ARG D 140 8.99 63.39 -0.60
N ALA D 141 9.36 62.12 -0.79
CA ALA D 141 8.63 61.24 -1.68
C ALA D 141 7.24 60.96 -1.15
N SER D 142 6.33 60.64 -2.06
CA SER D 142 4.92 60.48 -1.72
C SER D 142 4.57 59.01 -1.56
N VAL D 143 4.08 58.64 -0.38
CA VAL D 143 3.54 57.30 -0.19
C VAL D 143 2.13 57.18 -0.72
N SER D 144 1.55 58.26 -1.22
CA SER D 144 0.23 58.20 -1.83
C SER D 144 0.28 57.72 -3.26
N ALA D 145 1.45 57.36 -3.75
CA ALA D 145 1.56 56.82 -5.09
C ALA D 145 0.96 55.42 -5.14
N ARG D 146 0.13 55.18 -6.14
CA ARG D 146 -0.56 53.91 -6.30
C ARG D 146 -0.17 53.28 -7.63
N ALA D 147 0.51 52.15 -7.58
CA ALA D 147 0.98 51.46 -8.78
C ALA D 147 0.01 50.34 -9.12
N THR D 148 -1.06 50.72 -9.80
CA THR D 148 -2.14 49.80 -10.12
C THR D 148 -1.95 49.08 -11.45
N GLY D 149 -0.72 48.90 -11.90
CA GLY D 149 -0.45 48.34 -13.20
C GLY D 149 -0.80 46.87 -13.34
N THR D 150 -0.50 46.35 -14.53
CA THR D 150 -1.00 45.04 -14.94
C THR D 150 -0.42 43.94 -14.08
N ALA D 151 0.88 43.99 -13.85
CA ALA D 151 1.55 42.97 -13.06
C ALA D 151 1.29 43.10 -11.57
N PHE D 152 0.52 44.07 -11.13
CA PHE D 152 0.37 44.26 -9.69
C PHE D 152 -0.93 43.74 -9.11
N ARG D 153 -1.92 43.38 -9.92
CA ARG D 153 -3.12 42.82 -9.34
C ARG D 153 -3.00 41.31 -9.27
N ARG D 154 -3.81 40.72 -8.39
CA ARG D 154 -3.87 39.29 -8.14
C ARG D 154 -4.30 38.53 -9.38
N SER D 155 -3.42 37.69 -9.92
CA SER D 155 -3.69 36.91 -11.10
C SER D 155 -2.73 35.74 -11.12
N PRO D 156 -3.14 34.59 -11.63
CA PRO D 156 -2.19 33.48 -11.78
C PRO D 156 -1.13 33.71 -12.84
N CYS D 157 -1.30 34.71 -13.70
CA CYS D 157 -0.24 35.07 -14.62
C CYS D 157 0.88 35.85 -13.95
N ASN D 158 0.64 36.40 -12.77
CA ASN D 158 1.69 37.05 -11.98
C ASN D 158 2.05 36.17 -10.82
N LEU D 159 3.35 35.91 -10.64
CA LEU D 159 3.75 34.97 -9.61
C LEU D 159 3.79 35.58 -8.23
N ILE D 160 3.36 36.83 -8.07
CA ILE D 160 3.43 37.55 -6.82
C ILE D 160 2.24 38.49 -6.73
N TYR D 161 1.98 38.96 -5.52
CA TYR D 161 0.90 39.92 -5.30
C TYR D 161 1.25 40.82 -4.15
N PHE D 162 1.07 42.11 -4.34
CA PHE D 162 1.62 43.07 -3.40
C PHE D 162 0.72 44.24 -3.07
N GLY D 163 -0.37 44.47 -3.80
CA GLY D 163 -1.11 45.70 -3.61
C GLY D 163 -0.46 46.81 -4.40
N GLU D 164 -0.66 48.06 -4.02
CA GLU D 164 0.01 49.13 -4.75
C GLU D 164 0.54 50.25 -3.87
N HIS D 165 0.16 50.28 -2.60
CA HIS D 165 0.78 51.33 -1.80
C HIS D 165 2.16 50.87 -1.34
N PRO D 166 3.11 51.76 -1.05
CA PRO D 166 4.45 51.30 -0.67
C PRO D 166 4.48 50.61 0.67
N LEU D 167 3.65 51.04 1.62
CA LEU D 167 3.59 50.34 2.89
C LEU D 167 2.95 48.97 2.71
N SER D 168 2.11 48.81 1.68
CA SER D 168 1.60 47.50 1.36
C SER D 168 2.69 46.60 0.85
N PHE D 169 3.73 47.16 0.26
CA PHE D 169 4.80 46.30 -0.22
C PHE D 169 5.69 45.89 0.93
N ALA D 170 5.88 46.82 1.87
CA ALA D 170 6.81 46.59 2.97
C ALA D 170 6.30 45.54 3.94
N ALA D 171 4.99 45.35 4.00
CA ALA D 171 4.45 44.26 4.80
C ALA D 171 4.79 42.92 4.18
N CYS D 172 4.86 42.87 2.85
CA CYS D 172 5.14 41.61 2.18
C CYS D 172 6.60 41.21 2.35
N VAL D 173 7.50 42.18 2.29
CA VAL D 173 8.92 41.86 2.29
C VAL D 173 9.45 41.52 3.66
N ASN D 174 8.65 41.73 4.71
CA ASN D 174 9.01 41.49 6.11
C ASN D 174 10.25 42.28 6.51
N SER D 175 10.15 43.60 6.38
CA SER D 175 11.23 44.51 6.74
C SER D 175 10.70 45.48 7.79
N GLU D 176 11.22 45.38 9.01
CA GLU D 176 10.55 45.90 10.20
C GLU D 176 10.56 47.43 10.25
N GLU D 177 11.74 48.02 10.47
CA GLU D 177 11.84 49.45 10.67
C GLU D 177 11.53 50.24 9.42
N ILE D 178 11.58 49.59 8.26
CA ILE D 178 11.12 50.19 7.01
C ILE D 178 9.66 50.56 7.13
N VAL D 179 8.86 49.65 7.70
CA VAL D 179 7.46 49.96 7.98
C VAL D 179 7.36 51.08 9.00
N ARG D 180 8.25 51.05 10.00
CA ARG D 180 8.27 52.12 11.00
C ARG D 180 8.71 53.44 10.40
N LEU D 181 9.47 53.40 9.31
CA LEU D 181 10.04 54.62 8.79
C LEU D 181 9.01 55.45 8.06
N LEU D 182 8.17 54.81 7.25
CA LEU D 182 7.26 55.57 6.41
C LEU D 182 6.03 56.03 7.15
N ILE D 183 5.62 55.33 8.21
CA ILE D 183 4.52 55.80 9.04
C ILE D 183 4.96 57.01 9.85
N GLU D 184 6.26 57.14 10.08
CA GLU D 184 6.85 58.35 10.63
C GLU D 184 7.05 59.42 9.58
N HIS D 185 6.59 59.20 8.36
CA HIS D 185 6.65 60.23 7.34
C HIS D 185 5.34 60.35 6.57
N GLY D 186 4.24 59.91 7.15
CA GLY D 186 2.93 60.21 6.63
C GLY D 186 2.24 59.08 5.93
N ALA D 187 2.57 57.83 6.25
CA ALA D 187 1.93 56.71 5.58
C ALA D 187 0.53 56.49 6.14
N ASP D 188 -0.43 56.25 5.25
CA ASP D 188 -1.76 55.88 5.68
C ASP D 188 -1.96 54.38 5.60
N ILE D 189 -2.25 53.78 6.74
CA ILE D 189 -2.47 52.35 6.80
C ILE D 189 -3.87 51.99 6.31
N ARG D 190 -4.84 52.88 6.48
CA ARG D 190 -6.21 52.61 6.09
C ARG D 190 -6.44 52.66 4.59
N ALA D 191 -5.42 52.91 3.78
CA ALA D 191 -5.60 52.98 2.34
C ALA D 191 -5.92 51.61 1.76
N GLN D 192 -6.67 51.61 0.67
CA GLN D 192 -7.20 50.38 0.08
C GLN D 192 -6.76 50.24 -1.36
N ASP D 193 -6.80 49.01 -1.86
CA ASP D 193 -6.23 48.69 -3.16
C ASP D 193 -7.25 49.00 -4.27
N SER D 194 -7.02 48.44 -5.46
CA SER D 194 -8.01 48.51 -6.52
C SER D 194 -9.29 47.74 -6.16
N LEU D 195 -9.17 46.67 -5.39
CA LEU D 195 -10.33 45.88 -5.00
C LEU D 195 -10.94 46.33 -3.68
N GLY D 196 -10.36 47.33 -3.04
CA GLY D 196 -10.83 47.75 -1.72
C GLY D 196 -10.13 47.06 -0.58
N ASN D 197 -9.28 46.07 -0.86
CA ASN D 197 -8.47 45.45 0.18
C ASN D 197 -7.45 46.45 0.71
N THR D 198 -7.38 46.57 2.02
CA THR D 198 -6.32 47.35 2.63
C THR D 198 -5.03 46.53 2.71
N VAL D 199 -4.03 47.14 3.34
CA VAL D 199 -2.73 46.52 3.53
C VAL D 199 -2.83 45.25 4.38
N LEU D 200 -3.84 45.18 5.25
CA LEU D 200 -3.97 44.03 6.12
C LEU D 200 -4.37 42.79 5.31
N HIS D 201 -5.15 42.96 4.25
CA HIS D 201 -5.44 41.83 3.37
C HIS D 201 -4.20 41.36 2.66
N ILE D 202 -3.29 42.28 2.37
CA ILE D 202 -2.13 41.94 1.57
C ILE D 202 -1.18 41.09 2.37
N LEU D 203 -1.16 41.29 3.69
CA LEU D 203 -0.35 40.43 4.54
C LEU D 203 -0.93 39.02 4.59
N ILE D 204 -2.24 38.88 4.41
CA ILE D 204 -2.87 37.56 4.47
C ILE D 204 -2.48 36.72 3.29
N LEU D 205 -2.41 37.30 2.11
CA LEU D 205 -2.18 36.54 0.89
C LEU D 205 -0.72 36.32 0.61
N GLN D 206 0.12 36.33 1.63
CA GLN D 206 1.48 35.98 1.29
C GLN D 206 1.72 34.49 1.53
N PRO D 207 2.36 33.84 0.56
CA PRO D 207 2.59 32.39 0.69
C PRO D 207 3.65 32.05 1.70
N ASN D 208 4.50 33.00 2.08
CA ASN D 208 5.32 32.81 3.26
C ASN D 208 4.51 33.28 4.47
N LYS D 209 3.95 32.33 5.21
CA LYS D 209 2.78 32.62 6.02
C LYS D 209 3.16 33.01 7.45
N THR D 210 3.83 32.11 8.16
CA THR D 210 4.30 32.45 9.49
C THR D 210 5.42 33.47 9.49
N PHE D 211 6.18 33.56 8.40
CA PHE D 211 7.26 34.54 8.32
C PHE D 211 6.72 35.94 8.19
N ALA D 212 5.50 36.09 7.70
CA ALA D 212 4.82 37.37 7.66
C ALA D 212 3.85 37.54 8.80
N CYS D 213 3.65 36.51 9.62
CA CYS D 213 2.67 36.59 10.70
C CYS D 213 3.09 37.58 11.76
N GLN D 214 4.39 37.78 11.94
CA GLN D 214 4.87 38.67 12.99
C GLN D 214 4.57 40.13 12.67
N MET D 215 4.22 40.43 11.42
CA MET D 215 3.88 41.81 11.10
C MET D 215 2.39 42.05 11.16
N TYR D 216 1.61 41.08 11.62
CA TYR D 216 0.21 41.38 11.82
C TYR D 216 0.01 42.34 12.97
N ASN D 217 0.42 41.94 14.17
CA ASN D 217 0.21 42.75 15.35
C ASN D 217 1.01 44.03 15.34
N LEU D 218 2.10 44.07 14.56
CA LEU D 218 2.81 45.32 14.35
C LEU D 218 1.94 46.30 13.59
N LEU D 219 1.22 45.83 12.60
CA LEU D 219 0.29 46.72 11.94
C LEU D 219 -1.00 46.91 12.71
N LEU D 220 -1.30 46.06 13.69
CA LEU D 220 -2.32 46.44 14.65
C LEU D 220 -1.82 47.53 15.58
N SER D 221 -0.51 47.63 15.77
CA SER D 221 0.03 48.49 16.81
C SER D 221 -0.09 49.95 16.45
N TYR D 222 -0.38 50.26 15.19
CA TYR D 222 -0.57 51.63 14.75
C TYR D 222 -2.02 51.92 14.41
N ASP D 223 -2.94 51.31 15.16
CA ASP D 223 -4.36 51.56 15.02
C ASP D 223 -4.79 52.84 15.75
N ARG D 224 -3.90 53.40 16.58
CA ARG D 224 -4.21 54.14 17.82
C ARG D 224 -5.42 55.07 17.76
N HIS D 225 -5.57 55.81 16.68
CA HIS D 225 -6.73 56.69 16.52
C HIS D 225 -7.92 55.83 16.14
N GLY D 226 -8.78 55.54 17.12
CA GLY D 226 -9.98 54.79 16.85
C GLY D 226 -10.97 55.58 16.04
N ASP D 227 -11.07 55.23 14.76
CA ASP D 227 -12.07 55.86 13.90
C ASP D 227 -13.45 55.35 14.30
N HIS D 228 -14.47 56.16 14.02
CA HIS D 228 -15.81 55.81 14.46
C HIS D 228 -16.42 54.67 13.65
N LEU D 229 -15.86 54.35 12.48
CA LEU D 229 -16.38 53.26 11.66
C LEU D 229 -15.69 51.93 11.94
N GLN D 230 -14.37 51.89 11.83
CA GLN D 230 -13.62 50.67 12.12
C GLN D 230 -12.32 51.02 12.79
N PRO D 231 -11.83 50.15 13.63
CA PRO D 231 -10.39 50.09 13.89
C PRO D 231 -9.68 49.16 12.92
N LEU D 232 -9.97 49.31 11.62
CA LEU D 232 -9.26 48.71 10.48
C LEU D 232 -9.36 47.19 10.35
N ASP D 233 -9.72 46.48 11.41
CA ASP D 233 -9.75 45.04 11.35
C ASP D 233 -11.14 44.52 11.04
N LEU D 234 -12.05 45.43 10.71
CA LEU D 234 -13.38 45.06 10.27
C LEU D 234 -13.67 45.62 8.90
N VAL D 235 -12.63 45.97 8.16
CA VAL D 235 -12.79 46.65 6.87
C VAL D 235 -13.20 45.63 5.82
N PRO D 236 -14.31 45.85 5.13
CA PRO D 236 -14.65 44.97 4.01
C PRO D 236 -13.99 45.46 2.73
N ASN D 237 -13.90 44.54 1.77
CA ASN D 237 -13.47 44.88 0.44
C ASN D 237 -14.68 45.00 -0.48
N HIS D 238 -14.42 45.18 -1.77
CA HIS D 238 -15.53 45.27 -2.71
C HIS D 238 -16.13 43.93 -3.08
N GLN D 239 -15.59 42.83 -2.54
CA GLN D 239 -16.35 41.60 -2.51
C GLN D 239 -16.86 41.30 -1.12
N GLY D 240 -16.74 42.26 -0.20
CA GLY D 240 -17.36 42.16 1.11
C GLY D 240 -16.69 41.15 2.03
N LEU D 241 -15.38 41.25 2.20
CA LEU D 241 -14.63 40.32 3.03
C LEU D 241 -13.75 41.10 3.99
N THR D 242 -14.15 41.15 5.24
CA THR D 242 -13.26 41.50 6.32
C THR D 242 -12.11 40.49 6.37
N PRO D 243 -10.86 40.96 6.53
CA PRO D 243 -9.71 40.07 6.39
C PRO D 243 -9.57 39.00 7.45
N PHE D 244 -10.47 38.94 8.44
CA PHE D 244 -10.56 37.73 9.22
C PHE D 244 -10.95 36.54 8.35
N LYS D 245 -12.17 36.58 7.81
CA LYS D 245 -12.68 35.44 7.06
C LYS D 245 -12.01 35.30 5.71
N LEU D 246 -11.36 36.37 5.23
CA LEU D 246 -10.56 36.25 4.02
C LEU D 246 -9.40 35.30 4.22
N ALA D 247 -8.86 35.26 5.43
CA ALA D 247 -7.88 34.24 5.74
C ALA D 247 -8.52 32.85 5.77
N GLY D 248 -9.78 32.77 6.17
CA GLY D 248 -10.47 31.50 6.15
C GLY D 248 -10.77 31.05 4.74
N VAL D 249 -11.28 31.94 3.90
CA VAL D 249 -11.70 31.54 2.57
C VAL D 249 -10.49 31.30 1.67
N GLU D 250 -9.34 31.83 2.06
CA GLU D 250 -8.13 31.38 1.41
C GLU D 250 -7.50 30.22 2.13
N GLY D 251 -7.73 30.08 3.43
CA GLY D 251 -7.20 28.95 4.13
C GLY D 251 -5.81 29.15 4.66
N ASN D 252 -5.48 30.37 5.08
CA ASN D 252 -4.20 30.63 5.71
C ASN D 252 -4.38 30.20 7.16
N THR D 253 -4.07 28.93 7.39
CA THR D 253 -4.51 28.23 8.60
C THR D 253 -3.76 28.72 9.82
N VAL D 254 -2.45 28.87 9.72
CA VAL D 254 -1.68 29.24 10.90
C VAL D 254 -1.87 30.71 11.18
N MET D 255 -2.17 31.50 10.16
CA MET D 255 -2.48 32.91 10.41
C MET D 255 -3.86 33.04 11.02
N PHE D 256 -4.75 32.11 10.70
CA PHE D 256 -6.09 32.13 11.27
C PHE D 256 -6.05 31.94 12.78
N GLN D 257 -5.16 31.09 13.27
CA GLN D 257 -5.10 30.88 14.70
C GLN D 257 -4.56 32.10 15.41
N HIS D 258 -3.46 32.67 14.90
CA HIS D 258 -2.91 33.88 15.48
C HIS D 258 -3.88 35.04 15.40
N LEU D 259 -4.70 35.06 14.37
CA LEU D 259 -5.78 36.01 14.31
C LEU D 259 -6.89 35.67 15.29
N MET D 260 -7.06 34.39 15.61
CA MET D 260 -8.16 34.01 16.49
C MET D 260 -7.89 34.39 17.93
N GLN D 261 -6.63 34.35 18.36
CA GLN D 261 -6.30 34.34 19.79
C GLN D 261 -6.64 35.67 20.45
N LYS D 262 -6.57 36.77 19.71
CA LYS D 262 -6.99 38.04 20.30
C LYS D 262 -8.50 38.11 20.40
N ARG D 263 -9.20 37.34 19.58
CA ARG D 263 -10.64 37.48 19.54
C ARG D 263 -11.30 36.57 20.56
N LYS D 264 -10.63 35.50 20.97
CA LYS D 264 -11.21 34.63 21.98
C LYS D 264 -11.09 35.27 23.35
N HIS D 265 -12.08 34.99 24.19
CA HIS D 265 -12.16 35.62 25.50
C HIS D 265 -12.06 34.52 26.55
N THR D 266 -10.85 34.29 27.06
CA THR D 266 -10.66 33.18 27.97
C THR D 266 -11.17 33.49 29.37
N GLN D 267 -11.91 32.55 29.91
CA GLN D 267 -12.35 32.60 31.29
C GLN D 267 -11.36 31.82 32.16
N TRP D 268 -11.83 31.41 33.34
CA TRP D 268 -11.04 30.70 34.32
C TRP D 268 -10.39 29.43 33.79
N THR D 269 -9.17 29.21 34.27
CA THR D 269 -8.39 28.02 33.98
C THR D 269 -8.39 27.14 35.22
N TYR D 270 -8.56 25.84 35.02
CA TYR D 270 -8.69 24.92 36.14
C TYR D 270 -7.65 23.83 35.91
N GLY D 271 -6.42 24.12 36.32
CA GLY D 271 -5.32 23.20 36.22
C GLY D 271 -5.02 22.81 34.79
N PRO D 272 -5.22 21.54 34.48
CA PRO D 272 -5.03 21.08 33.10
C PRO D 272 -6.11 21.56 32.15
N LEU D 273 -7.31 21.80 32.63
CA LEU D 273 -8.37 22.24 31.75
C LEU D 273 -8.49 23.74 31.81
N THR D 274 -9.15 24.30 30.79
CA THR D 274 -9.36 25.73 30.69
C THR D 274 -10.70 25.96 30.00
N SER D 275 -11.57 26.71 30.63
CA SER D 275 -12.89 26.99 30.06
C SER D 275 -12.81 28.31 29.33
N THR D 276 -12.11 28.33 28.20
CA THR D 276 -12.11 29.52 27.38
C THR D 276 -13.43 29.63 26.64
N LEU D 277 -13.64 30.78 26.02
CA LEU D 277 -14.94 31.16 25.48
C LEU D 277 -14.72 31.89 24.17
N TYR D 278 -15.13 31.28 23.06
CA TYR D 278 -14.86 31.82 21.75
C TYR D 278 -15.92 32.83 21.32
N ASP D 279 -15.54 33.67 20.36
CA ASP D 279 -16.28 34.89 20.07
C ASP D 279 -17.58 34.62 19.32
N LEU D 280 -17.47 34.01 18.13
CA LEU D 280 -18.60 33.54 17.33
C LEU D 280 -19.54 34.70 16.95
N THR D 281 -19.02 35.65 16.19
CA THR D 281 -19.87 36.72 15.70
C THR D 281 -20.25 36.51 14.25
N GLU D 282 -19.27 36.37 13.38
CA GLU D 282 -19.44 36.17 11.96
C GLU D 282 -19.31 34.72 11.57
N ILE D 283 -18.98 33.86 12.52
CA ILE D 283 -18.71 32.47 12.20
C ILE D 283 -19.99 31.74 11.82
N ASP D 284 -20.97 31.75 12.72
CA ASP D 284 -22.25 31.10 12.44
C ASP D 284 -23.03 31.93 11.42
N SER D 285 -24.00 31.29 10.80
CA SER D 285 -24.94 31.99 9.94
C SER D 285 -25.78 32.95 10.74
N SER D 286 -25.77 34.20 10.32
CA SER D 286 -26.64 35.24 10.83
C SER D 286 -27.35 35.81 9.61
N GLY D 287 -27.94 36.99 9.71
CA GLY D 287 -28.83 37.46 8.66
C GLY D 287 -28.16 37.79 7.34
N ASP D 288 -27.63 36.74 6.69
CA ASP D 288 -27.15 36.69 5.32
C ASP D 288 -26.09 37.73 5.02
N GLU D 289 -25.13 37.92 5.92
CA GLU D 289 -24.11 38.92 5.63
C GLU D 289 -22.87 38.31 4.99
N GLN D 290 -23.04 37.27 4.15
CA GLN D 290 -21.97 36.39 3.67
C GLN D 290 -21.19 35.86 4.86
N SER D 291 -21.85 35.04 5.68
CA SER D 291 -21.24 34.47 6.87
C SER D 291 -20.11 33.52 6.54
N LEU D 292 -19.38 33.11 7.57
CA LEU D 292 -18.12 32.39 7.38
C LEU D 292 -18.31 31.03 6.76
N LEU D 293 -19.18 30.20 7.34
CA LEU D 293 -19.26 28.78 7.03
C LEU D 293 -19.63 28.48 5.60
N GLU D 294 -20.51 29.29 5.01
CA GLU D 294 -20.84 29.09 3.62
C GLU D 294 -19.68 29.43 2.69
N LEU D 295 -18.75 30.26 3.15
CA LEU D 295 -17.62 30.63 2.31
C LEU D 295 -16.52 29.58 2.28
N ILE D 296 -16.37 28.77 3.33
CA ILE D 296 -15.42 27.66 3.21
C ILE D 296 -15.99 26.60 2.28
N ILE D 297 -17.31 26.52 2.20
CA ILE D 297 -17.94 25.60 1.27
C ILE D 297 -17.76 26.09 -0.16
N THR D 298 -18.28 27.28 -0.45
CA THR D 298 -18.42 27.73 -1.83
C THR D 298 -17.11 28.18 -2.45
N THR D 299 -16.00 28.17 -1.73
CA THR D 299 -14.74 28.41 -2.40
C THR D 299 -14.31 27.18 -3.18
N LYS D 300 -13.22 27.33 -3.92
CA LYS D 300 -12.69 26.27 -4.75
C LYS D 300 -11.32 25.78 -4.33
N LYS D 301 -10.60 26.54 -3.52
CA LYS D 301 -9.23 26.16 -3.21
C LYS D 301 -9.21 25.15 -2.08
N ARG D 302 -8.79 23.92 -2.38
CA ARG D 302 -9.06 22.83 -1.47
C ARG D 302 -8.10 22.80 -0.30
N GLU D 303 -7.18 23.75 -0.22
CA GLU D 303 -6.43 23.86 1.01
C GLU D 303 -7.21 24.63 2.07
N ALA D 304 -8.29 25.31 1.68
CA ALA D 304 -9.09 26.08 2.61
C ALA D 304 -9.94 25.23 3.54
N ARG D 305 -10.35 24.04 3.10
CA ARG D 305 -11.23 23.19 3.90
C ARG D 305 -10.58 22.69 5.18
N GLN D 306 -9.26 22.77 5.29
CA GLN D 306 -8.59 22.46 6.54
C GLN D 306 -8.78 23.51 7.61
N ILE D 307 -9.55 24.57 7.36
CA ILE D 307 -9.91 25.46 8.44
C ILE D 307 -10.93 24.79 9.35
N LEU D 308 -11.58 23.73 8.88
CA LEU D 308 -12.47 22.96 9.72
C LEU D 308 -11.73 22.20 10.81
N ASP D 309 -10.43 21.99 10.67
CA ASP D 309 -9.67 21.35 11.73
C ASP D 309 -9.18 22.33 12.79
N GLN D 310 -9.79 23.51 12.91
CA GLN D 310 -9.33 24.46 13.89
C GLN D 310 -10.28 24.51 15.08
N THR D 311 -9.71 24.84 16.24
CA THR D 311 -10.31 24.66 17.55
C THR D 311 -11.69 25.27 17.81
N PRO D 312 -12.08 26.45 17.29
CA PRO D 312 -13.46 26.87 17.59
C PRO D 312 -14.45 26.27 16.62
N VAL D 313 -13.97 25.78 15.48
CA VAL D 313 -14.87 25.53 14.37
C VAL D 313 -15.35 24.09 14.34
N LYS D 314 -14.45 23.12 14.59
CA LYS D 314 -14.82 21.71 14.47
C LYS D 314 -15.83 21.31 15.52
N GLU D 315 -15.78 21.95 16.69
CA GLU D 315 -16.64 21.52 17.76
C GLU D 315 -17.95 22.28 17.63
N LEU D 316 -17.90 23.44 17.00
CA LEU D 316 -19.10 24.22 16.71
C LEU D 316 -20.01 23.47 15.76
N VAL D 317 -19.45 22.94 14.67
CA VAL D 317 -20.28 22.21 13.74
C VAL D 317 -20.68 20.87 14.30
N SER D 318 -19.95 20.37 15.29
CA SER D 318 -20.34 19.14 15.95
C SER D 318 -21.66 19.32 16.70
N LEU D 319 -21.75 20.38 17.49
CA LEU D 319 -23.00 20.65 18.20
C LEU D 319 -24.10 21.05 17.25
N LYS D 320 -23.76 21.65 16.12
CA LYS D 320 -24.76 21.84 15.09
C LYS D 320 -25.12 20.52 14.42
N TRP D 321 -24.30 19.50 14.53
CA TRP D 321 -24.65 18.23 13.95
C TRP D 321 -25.14 17.22 14.97
N LYS D 322 -24.65 17.28 16.20
CA LYS D 322 -25.13 16.32 17.19
C LYS D 322 -26.54 16.67 17.63
N ARG D 323 -26.74 17.86 18.19
CA ARG D 323 -28.08 18.26 18.58
C ARG D 323 -28.74 19.01 17.43
N TYR D 324 -29.95 18.56 17.11
CA TYR D 324 -30.75 18.95 15.94
C TYR D 324 -29.93 19.14 14.67
N GLY D 325 -29.05 18.18 14.43
CA GLY D 325 -28.35 18.09 13.17
C GLY D 325 -28.96 16.95 12.39
N ARG D 326 -28.33 15.78 12.47
CA ARG D 326 -28.87 14.59 11.83
C ARG D 326 -30.30 14.21 12.20
N PRO D 327 -30.80 14.29 13.45
CA PRO D 327 -32.17 13.78 13.66
C PRO D 327 -33.24 14.67 13.08
N TYR D 328 -32.93 15.91 12.75
CA TYR D 328 -33.87 16.66 11.95
C TYR D 328 -33.42 16.71 10.50
N PHE D 329 -32.25 16.15 10.22
CA PHE D 329 -31.88 15.87 8.84
C PHE D 329 -32.42 14.53 8.39
N CYS D 330 -32.12 13.46 9.14
CA CYS D 330 -32.58 12.12 8.80
C CYS D 330 -34.10 12.02 8.85
N MET D 331 -34.76 12.87 9.64
CA MET D 331 -36.21 12.98 9.56
C MET D 331 -36.64 13.42 8.18
N LEU D 332 -35.94 14.39 7.59
CA LEU D 332 -36.24 14.73 6.21
C LEU D 332 -35.84 13.61 5.29
N GLY D 333 -34.83 12.83 5.67
CA GLY D 333 -34.56 11.60 4.94
C GLY D 333 -35.67 10.59 5.12
N ALA D 334 -36.24 10.53 6.32
CA ALA D 334 -37.23 9.50 6.62
C ALA D 334 -38.51 9.71 5.86
N ILE D 335 -38.92 10.96 5.63
CA ILE D 335 -40.11 11.18 4.83
C ILE D 335 -39.78 10.97 3.36
N TYR D 336 -38.51 11.09 3.00
CA TYR D 336 -38.15 11.10 1.60
C TYR D 336 -38.25 9.74 0.97
N LEU D 337 -37.78 8.68 1.64
CA LEU D 337 -37.92 7.37 1.04
C LEU D 337 -39.36 6.91 1.11
N LEU D 338 -40.11 7.40 2.11
CA LEU D 338 -41.55 7.22 2.12
C LEU D 338 -42.21 7.90 0.93
N TYR D 339 -41.71 9.07 0.53
CA TYR D 339 -42.16 9.68 -0.71
C TYR D 339 -41.83 8.80 -1.90
N ILE D 340 -40.67 8.18 -1.87
CA ILE D 340 -40.30 7.30 -2.98
C ILE D 340 -41.11 6.02 -2.95
N ILE D 341 -41.38 5.49 -1.75
CA ILE D 341 -42.22 4.30 -1.62
C ILE D 341 -43.63 4.58 -2.10
N CYS D 342 -44.19 5.72 -1.71
CA CYS D 342 -45.48 6.11 -2.26
C CYS D 342 -45.37 6.59 -3.71
N PHE D 343 -44.16 6.74 -4.25
CA PHE D 343 -44.04 6.92 -5.68
C PHE D 343 -44.04 5.60 -6.41
N THR D 344 -43.25 4.64 -5.92
CA THR D 344 -43.11 3.36 -6.60
C THR D 344 -44.40 2.58 -6.67
N MET D 345 -45.22 2.65 -5.62
CA MET D 345 -46.49 1.95 -5.66
C MET D 345 -47.44 2.62 -6.65
N CYS D 346 -47.32 3.94 -6.82
CA CYS D 346 -48.05 4.60 -7.88
C CYS D 346 -47.25 4.68 -9.16
N CYS D 347 -46.11 3.99 -9.20
CA CYS D 347 -45.41 3.78 -10.45
C CYS D 347 -45.65 2.39 -11.02
N ILE D 348 -45.82 1.39 -10.16
CA ILE D 348 -45.94 0.04 -10.71
C ILE D 348 -47.38 -0.25 -11.11
N TYR D 349 -48.36 0.20 -10.34
CA TYR D 349 -49.73 0.09 -10.77
C TYR D 349 -49.94 1.14 -11.85
N ARG D 350 -50.20 0.69 -13.06
CA ARG D 350 -50.25 1.50 -14.26
C ARG D 350 -51.57 1.24 -14.96
N PRO D 351 -51.97 2.10 -15.94
CA PRO D 351 -53.22 1.87 -16.66
C PRO D 351 -53.39 0.51 -17.33
N LEU D 352 -52.49 0.14 -18.24
CA LEU D 352 -52.09 -1.25 -18.45
C LEU D 352 -53.22 -2.13 -18.97
N LYS D 353 -53.77 -1.77 -20.13
CA LYS D 353 -54.88 -2.55 -20.68
C LYS D 353 -54.37 -3.77 -21.44
N PRO D 354 -55.22 -4.73 -21.77
CA PRO D 354 -54.80 -5.77 -22.70
C PRO D 354 -54.69 -5.25 -24.12
N ARG D 355 -54.16 -6.10 -24.99
CA ARG D 355 -53.94 -5.77 -26.39
C ARG D 355 -55.25 -5.63 -27.14
N THR D 356 -55.63 -4.42 -27.54
CA THR D 356 -56.98 -4.26 -28.08
C THR D 356 -57.04 -3.70 -29.50
N ASN D 357 -56.10 -2.83 -29.90
CA ASN D 357 -56.25 -2.20 -31.21
C ASN D 357 -55.98 -3.19 -32.34
N ASN D 358 -54.84 -3.88 -32.29
CA ASN D 358 -54.59 -4.87 -33.33
C ASN D 358 -53.80 -6.04 -32.78
N ARG D 359 -53.89 -7.15 -33.47
CA ARG D 359 -52.92 -8.23 -33.35
C ARG D 359 -51.52 -7.74 -33.73
N THR D 360 -50.51 -8.37 -33.15
CA THR D 360 -49.13 -8.01 -33.47
C THR D 360 -48.69 -8.58 -34.81
N SER D 361 -48.92 -7.82 -35.86
CA SER D 361 -48.54 -8.27 -37.20
C SER D 361 -47.02 -8.30 -37.47
N PRO D 362 -46.22 -7.19 -37.27
CA PRO D 362 -44.88 -7.17 -37.87
C PRO D 362 -43.88 -8.11 -37.24
N ARG D 363 -43.34 -9.04 -38.04
CA ARG D 363 -42.16 -9.86 -37.74
C ARG D 363 -42.37 -10.88 -36.61
N ASP D 364 -43.50 -10.80 -35.91
CA ASP D 364 -43.72 -11.45 -34.62
C ASP D 364 -42.56 -11.18 -33.67
N ASN D 365 -42.16 -9.90 -33.61
CA ASN D 365 -41.17 -9.48 -32.64
C ASN D 365 -41.76 -8.48 -31.65
N THR D 366 -42.82 -7.80 -32.06
CA THR D 366 -43.45 -6.77 -31.24
C THR D 366 -44.20 -7.50 -30.12
N LEU D 367 -43.47 -7.77 -29.06
CA LEU D 367 -43.89 -8.70 -28.02
C LEU D 367 -44.59 -7.90 -26.90
N LEU D 368 -45.47 -6.99 -27.30
CA LEU D 368 -46.02 -6.04 -26.34
C LEU D 368 -47.53 -6.04 -26.47
N GLN D 369 -48.23 -5.85 -25.34
CA GLN D 369 -49.68 -5.98 -25.38
C GLN D 369 -50.40 -4.95 -24.53
N GLN D 370 -49.75 -3.88 -24.09
CA GLN D 370 -50.31 -3.21 -22.92
C GLN D 370 -50.83 -1.80 -23.16
N LYS D 371 -50.14 -0.97 -23.92
CA LYS D 371 -50.68 0.22 -24.58
C LYS D 371 -51.18 1.35 -23.67
N LEU D 372 -51.20 1.20 -22.34
CA LEU D 372 -51.33 2.30 -21.38
C LEU D 372 -52.60 3.15 -21.53
N LEU D 373 -53.73 2.65 -20.98
CA LEU D 373 -55.10 3.19 -21.12
C LEU D 373 -55.29 4.71 -21.13
N GLN D 374 -56.31 5.15 -21.88
CA GLN D 374 -56.55 6.56 -22.07
C GLN D 374 -57.14 7.23 -20.83
N GLU D 375 -58.37 6.87 -20.47
CA GLU D 375 -59.10 7.60 -19.44
C GLU D 375 -59.88 6.66 -18.53
N ALA D 376 -59.23 5.60 -18.06
CA ALA D 376 -59.87 4.70 -17.11
C ALA D 376 -59.35 5.01 -15.71
N TYR D 377 -60.20 5.63 -14.89
CA TYR D 377 -59.84 5.96 -13.52
C TYR D 377 -60.92 5.73 -12.48
N MET D 378 -62.14 5.39 -12.85
CA MET D 378 -63.22 5.41 -11.87
C MET D 378 -63.33 4.12 -11.06
N THR D 379 -62.45 3.17 -11.29
CA THR D 379 -62.51 1.93 -10.54
C THR D 379 -62.08 2.16 -9.10
N PRO D 380 -62.54 1.34 -8.16
CA PRO D 380 -62.10 1.51 -6.77
C PRO D 380 -60.68 1.05 -6.50
N LYS D 381 -59.93 0.63 -7.52
CA LYS D 381 -58.49 0.57 -7.36
C LYS D 381 -57.85 1.87 -7.83
N ASP D 382 -58.38 2.47 -8.91
CA ASP D 382 -57.73 3.60 -9.52
C ASP D 382 -57.96 4.91 -8.77
N ASP D 383 -58.84 4.92 -7.78
CA ASP D 383 -58.90 6.08 -6.91
C ASP D 383 -57.78 6.05 -5.89
N ILE D 384 -57.39 4.85 -5.47
CA ILE D 384 -56.33 4.68 -4.48
C ILE D 384 -54.99 5.09 -5.06
N ARG D 385 -54.75 4.79 -6.33
CA ARG D 385 -53.51 5.23 -6.96
C ARG D 385 -53.56 6.74 -7.24
N LEU D 386 -54.75 7.32 -7.27
CA LEU D 386 -54.84 8.73 -7.61
C LEU D 386 -54.42 9.60 -6.45
N VAL D 387 -54.86 9.27 -5.24
CA VAL D 387 -54.30 9.90 -4.07
C VAL D 387 -52.85 9.45 -3.87
N GLY D 388 -52.52 8.25 -4.35
CA GLY D 388 -51.13 7.87 -4.45
C GLY D 388 -50.39 8.67 -5.49
N GLU D 389 -51.08 9.12 -6.53
CA GLU D 389 -50.43 9.94 -7.55
C GLU D 389 -50.15 11.35 -7.10
N LEU D 390 -51.17 12.15 -6.83
CA LEU D 390 -50.97 13.60 -6.90
C LEU D 390 -50.17 14.12 -5.71
N VAL D 391 -49.99 13.30 -4.68
CA VAL D 391 -49.02 13.63 -3.64
C VAL D 391 -47.61 13.68 -4.21
N THR D 392 -47.33 12.89 -5.25
CA THR D 392 -45.99 12.87 -5.81
C THR D 392 -45.74 14.11 -6.66
N VAL D 393 -46.70 14.46 -7.52
CA VAL D 393 -46.48 15.57 -8.45
C VAL D 393 -46.53 16.89 -7.70
N ILE D 394 -47.32 16.96 -6.63
CA ILE D 394 -47.24 18.12 -5.75
C ILE D 394 -45.92 18.10 -4.99
N GLY D 395 -45.48 16.91 -4.57
CA GLY D 395 -44.20 16.77 -3.89
C GLY D 395 -43.02 17.16 -4.76
N ALA D 396 -43.16 17.05 -6.08
CA ALA D 396 -42.20 17.67 -6.96
C ALA D 396 -42.27 19.19 -6.85
N ILE D 397 -43.48 19.73 -6.85
CA ILE D 397 -43.66 21.18 -6.88
C ILE D 397 -43.16 21.81 -5.60
N ILE D 398 -43.17 21.07 -4.47
CA ILE D 398 -42.43 21.50 -3.29
C ILE D 398 -40.96 21.64 -3.61
N ILE D 399 -40.36 20.65 -4.25
CA ILE D 399 -38.93 20.78 -4.52
C ILE D 399 -38.69 21.51 -5.83
N LEU D 400 -39.77 21.90 -6.52
CA LEU D 400 -39.62 23.00 -7.47
C LEU D 400 -39.46 24.33 -6.77
N LEU D 401 -40.29 24.60 -5.76
CA LEU D 401 -40.27 25.90 -5.10
C LEU D 401 -39.04 26.10 -4.24
N VAL D 402 -38.27 25.03 -4.01
CA VAL D 402 -36.93 25.16 -3.45
C VAL D 402 -36.02 25.91 -4.43
N GLU D 403 -36.27 25.79 -5.73
CA GLU D 403 -35.28 26.20 -6.70
C GLU D 403 -35.62 27.47 -7.46
N VAL D 404 -36.88 27.91 -7.47
CA VAL D 404 -37.22 29.17 -8.14
C VAL D 404 -36.53 30.36 -7.48
N PRO D 405 -36.35 30.44 -6.16
CA PRO D 405 -35.32 31.36 -5.65
C PRO D 405 -33.90 30.86 -5.87
N ASP D 406 -33.67 29.54 -5.89
CA ASP D 406 -32.29 29.07 -5.88
C ASP D 406 -31.64 29.08 -7.25
N ILE D 407 -32.41 28.86 -8.31
CA ILE D 407 -31.88 29.14 -9.64
C ILE D 407 -31.69 30.65 -9.80
N PHE D 408 -32.60 31.45 -9.24
CA PHE D 408 -32.43 32.89 -9.15
C PHE D 408 -31.24 33.27 -8.26
N ARG D 409 -30.85 32.40 -7.34
CA ARG D 409 -29.76 32.72 -6.43
C ARG D 409 -28.39 32.66 -7.12
N MET D 410 -28.00 31.49 -7.61
CA MET D 410 -26.63 31.26 -8.02
C MET D 410 -26.55 30.85 -9.49
N GLY D 411 -27.48 31.36 -10.30
CA GLY D 411 -27.43 31.16 -11.74
C GLY D 411 -27.76 29.74 -12.15
N VAL D 412 -27.52 29.44 -13.43
CA VAL D 412 -27.72 28.12 -13.99
C VAL D 412 -26.40 27.45 -14.35
N THR D 413 -25.55 28.14 -15.11
CA THR D 413 -24.31 27.55 -15.60
C THR D 413 -23.27 27.43 -14.51
N ARG D 414 -23.14 28.45 -13.66
CA ARG D 414 -22.22 28.34 -12.53
C ARG D 414 -22.88 27.66 -11.34
N PHE D 415 -24.17 27.34 -11.43
CA PHE D 415 -24.77 26.42 -10.47
C PHE D 415 -24.15 25.04 -10.57
N PHE D 416 -23.77 24.61 -11.78
CA PHE D 416 -22.90 23.44 -11.93
C PHE D 416 -21.59 23.62 -11.17
N GLY D 417 -21.09 24.86 -11.13
CA GLY D 417 -19.92 25.16 -10.32
C GLY D 417 -20.22 25.20 -8.83
N GLN D 418 -21.50 25.13 -8.46
CA GLN D 418 -21.86 24.92 -7.06
C GLN D 418 -22.02 23.44 -6.73
N THR D 419 -22.24 22.60 -7.75
CA THR D 419 -22.74 21.24 -7.50
C THR D 419 -21.66 20.29 -7.00
N ILE D 420 -20.61 20.09 -7.80
CA ILE D 420 -19.75 18.90 -7.73
C ILE D 420 -18.96 18.84 -6.42
N LEU D 421 -18.64 20.00 -5.86
CA LEU D 421 -17.84 20.06 -4.63
C LEU D 421 -18.63 19.59 -3.41
N GLY D 422 -19.86 20.07 -3.27
CA GLY D 422 -20.71 19.62 -2.20
C GLY D 422 -22.12 19.46 -2.70
N GLY D 423 -22.65 18.24 -2.59
CA GLY D 423 -23.93 17.92 -3.15
C GLY D 423 -24.05 18.08 -4.66
N PRO D 424 -23.41 17.19 -5.44
CA PRO D 424 -23.86 17.02 -6.83
C PRO D 424 -25.04 16.09 -6.91
N PHE D 425 -25.46 15.55 -5.79
CA PHE D 425 -26.71 14.83 -5.69
C PHE D 425 -27.89 15.78 -5.68
N HIS D 426 -27.62 17.06 -5.42
CA HIS D 426 -28.66 18.07 -5.40
C HIS D 426 -29.20 18.35 -6.79
N VAL D 427 -28.37 18.24 -7.81
CA VAL D 427 -28.82 18.67 -9.13
C VAL D 427 -29.77 17.66 -9.74
N LEU D 428 -29.55 16.36 -9.52
CA LEU D 428 -30.37 15.41 -10.25
C LEU D 428 -31.68 15.15 -9.53
N ILE D 429 -31.86 15.68 -8.32
CA ILE D 429 -33.20 15.69 -7.75
C ILE D 429 -34.05 16.73 -8.46
N ILE D 430 -33.45 17.60 -9.26
CA ILE D 430 -34.24 18.56 -10.00
C ILE D 430 -34.58 18.01 -11.37
N THR D 431 -33.67 17.23 -11.95
CA THR D 431 -34.01 16.50 -13.16
C THR D 431 -34.96 15.36 -12.84
N TYR D 432 -34.99 14.92 -11.58
CA TYR D 432 -36.11 14.15 -11.09
C TYR D 432 -37.42 14.90 -11.32
N ALA D 433 -37.41 16.18 -10.97
CA ALA D 433 -38.64 16.94 -10.99
C ALA D 433 -39.09 17.27 -12.39
N PHE D 434 -38.15 17.51 -13.31
CA PHE D 434 -38.53 17.78 -14.70
C PHE D 434 -39.21 16.57 -15.31
N MET D 435 -38.66 15.39 -15.07
CA MET D 435 -39.25 14.19 -15.63
C MET D 435 -40.57 13.85 -14.96
N VAL D 436 -40.65 13.99 -13.64
CA VAL D 436 -41.86 13.56 -12.97
C VAL D 436 -42.96 14.58 -13.17
N LEU D 437 -42.60 15.80 -13.56
CA LEU D 437 -43.64 16.72 -13.99
C LEU D 437 -44.11 16.39 -15.39
N VAL D 438 -43.19 16.06 -16.29
CA VAL D 438 -43.55 15.88 -17.69
C VAL D 438 -44.31 14.57 -17.89
N THR D 439 -44.16 13.63 -16.96
CA THR D 439 -44.95 12.43 -17.11
C THR D 439 -46.40 12.65 -16.71
N MET D 440 -46.70 13.68 -15.93
CA MET D 440 -48.09 14.00 -15.67
C MET D 440 -48.66 14.83 -16.80
N VAL D 441 -47.81 15.64 -17.42
CA VAL D 441 -48.14 16.24 -18.70
C VAL D 441 -48.39 15.15 -19.73
N MET D 442 -47.62 14.08 -19.65
CA MET D 442 -47.78 12.97 -20.57
C MET D 442 -49.09 12.23 -20.37
N ARG D 443 -49.50 12.01 -19.11
CA ARG D 443 -50.76 11.30 -18.88
C ARG D 443 -51.99 12.12 -19.22
N LEU D 444 -51.87 13.44 -19.26
CA LEU D 444 -53.02 14.22 -19.68
C LEU D 444 -53.15 14.22 -21.19
N ILE D 445 -52.04 14.03 -21.90
CA ILE D 445 -52.11 13.90 -23.34
C ILE D 445 -52.27 12.44 -23.73
N SER D 446 -51.73 11.53 -22.90
CA SER D 446 -51.75 10.07 -23.10
C SER D 446 -51.09 9.67 -24.41
N ALA D 447 -49.92 10.24 -24.67
CA ALA D 447 -49.11 9.78 -25.78
C ALA D 447 -48.46 8.44 -25.42
N SER D 448 -48.00 7.75 -26.46
CA SER D 448 -47.47 6.40 -26.26
C SER D 448 -46.14 6.42 -25.52
N GLY D 449 -45.35 7.48 -25.73
CA GLY D 449 -44.06 7.60 -25.09
C GLY D 449 -44.19 7.93 -23.61
N GLU D 450 -44.64 6.96 -22.82
CA GLU D 450 -44.87 7.16 -21.41
C GLU D 450 -43.74 6.61 -20.56
N VAL D 451 -43.02 5.61 -21.04
CA VAL D 451 -42.05 4.95 -20.16
C VAL D 451 -40.74 5.70 -20.14
N VAL D 452 -40.51 6.55 -21.13
CA VAL D 452 -39.27 7.32 -21.23
C VAL D 452 -39.09 8.30 -20.08
N PRO D 453 -40.12 8.99 -19.53
CA PRO D 453 -39.88 9.63 -18.24
C PRO D 453 -39.84 8.60 -17.14
N MET D 454 -40.76 7.63 -17.22
CA MET D 454 -41.05 6.79 -16.08
C MET D 454 -39.89 5.86 -15.78
N SER D 455 -39.07 5.56 -16.78
CA SER D 455 -37.79 4.96 -16.53
C SER D 455 -36.90 5.90 -15.74
N PHE D 456 -36.64 7.09 -16.28
CA PHE D 456 -35.75 8.04 -15.61
C PHE D 456 -36.31 8.52 -14.29
N ALA D 457 -37.63 8.71 -14.22
CA ALA D 457 -38.22 9.26 -13.01
C ALA D 457 -38.22 8.27 -11.87
N LEU D 458 -37.93 7.01 -12.16
CA LEU D 458 -37.88 6.02 -11.09
C LEU D 458 -36.45 5.81 -10.62
N VAL D 459 -35.51 5.74 -11.56
CA VAL D 459 -34.19 5.23 -11.22
C VAL D 459 -33.38 6.22 -10.40
N LEU D 460 -33.42 7.50 -10.74
CA LEU D 460 -32.64 8.44 -9.97
C LEU D 460 -33.45 8.98 -8.80
N GLY D 461 -34.72 8.61 -8.72
CA GLY D 461 -35.44 8.78 -7.47
C GLY D 461 -34.82 7.92 -6.38
N TRP D 462 -34.61 6.64 -6.65
CA TRP D 462 -33.91 5.79 -5.71
C TRP D 462 -32.45 6.12 -5.60
N CYS D 463 -31.82 6.49 -6.72
CA CYS D 463 -30.40 6.74 -6.71
C CYS D 463 -30.05 8.00 -5.95
N ASN D 464 -31.04 8.83 -5.62
CA ASN D 464 -30.77 10.01 -4.85
C ASN D 464 -31.04 9.81 -3.37
N VAL D 465 -31.44 8.61 -2.95
CA VAL D 465 -31.52 8.41 -1.51
C VAL D 465 -30.14 8.22 -0.91
N MET D 466 -29.14 7.93 -1.75
CA MET D 466 -27.79 7.77 -1.25
C MET D 466 -27.17 9.11 -0.91
N ALA D 467 -27.82 10.21 -1.30
CA ALA D 467 -27.42 11.50 -0.77
C ALA D 467 -27.59 11.54 0.75
N PHE D 468 -28.57 10.83 1.27
CA PHE D 468 -28.83 10.81 2.70
C PHE D 468 -27.96 9.81 3.42
N ALA D 469 -27.05 9.14 2.70
CA ALA D 469 -26.13 8.22 3.35
C ALA D 469 -25.14 8.94 4.23
N ARG D 470 -24.89 10.21 3.97
CA ARG D 470 -23.99 11.00 4.80
C ARG D 470 -24.56 11.20 6.19
N GLY D 471 -25.88 11.16 6.36
CA GLY D 471 -26.47 11.49 7.63
C GLY D 471 -26.37 10.36 8.61
N PHE D 472 -26.85 9.20 8.20
CA PHE D 472 -26.65 7.98 8.98
C PHE D 472 -25.15 7.71 9.01
N GLN D 473 -24.65 7.36 10.20
CA GLN D 473 -23.21 7.34 10.42
C GLN D 473 -22.57 6.18 9.68
N MET D 474 -21.27 6.32 9.43
CA MET D 474 -20.34 5.35 8.83
C MET D 474 -20.70 4.93 7.40
N LEU D 475 -21.81 5.40 6.87
CA LEU D 475 -22.32 5.00 5.57
C LEU D 475 -21.98 6.01 4.49
N GLY D 476 -21.94 7.28 4.87
CA GLY D 476 -21.43 8.36 4.06
C GLY D 476 -20.16 8.19 3.24
N PRO D 477 -19.02 7.81 3.84
CA PRO D 477 -17.74 8.06 3.16
C PRO D 477 -17.54 7.26 1.90
N PHE D 478 -18.16 6.09 1.79
CA PHE D 478 -18.12 5.38 0.53
C PHE D 478 -18.98 6.09 -0.50
N THR D 479 -20.09 6.67 -0.07
CA THR D 479 -20.93 7.40 -1.00
C THR D 479 -20.24 8.70 -1.41
N ILE D 480 -19.43 9.27 -0.52
CA ILE D 480 -18.47 10.27 -0.92
C ILE D 480 -17.47 9.68 -1.91
N MET D 481 -16.99 8.47 -1.64
CA MET D 481 -16.02 7.89 -2.56
C MET D 481 -16.72 7.38 -3.81
N ILE D 482 -18.03 7.12 -3.74
CA ILE D 482 -18.81 6.91 -4.95
C ILE D 482 -18.71 8.12 -5.85
N GLN D 483 -18.93 9.31 -5.28
CA GLN D 483 -18.90 10.55 -6.03
C GLN D 483 -17.54 10.80 -6.67
N LYS D 484 -16.46 10.68 -5.90
CA LYS D 484 -15.16 11.04 -6.43
C LYS D 484 -14.58 10.00 -7.38
N MET D 485 -15.18 8.82 -7.47
CA MET D 485 -14.71 7.90 -8.49
C MET D 485 -15.47 8.07 -9.79
N ILE D 486 -16.75 8.43 -9.73
CA ILE D 486 -17.53 8.47 -10.96
C ILE D 486 -17.22 9.72 -11.76
N PHE D 487 -17.19 10.89 -11.13
CA PHE D 487 -17.10 12.11 -11.90
C PHE D 487 -15.69 12.49 -12.29
N GLY D 488 -14.67 11.78 -11.82
CA GLY D 488 -13.32 12.14 -12.15
C GLY D 488 -12.54 11.00 -12.76
N ASP D 489 -12.98 9.77 -12.51
CA ASP D 489 -12.24 8.60 -12.92
C ASP D 489 -13.01 7.68 -13.86
N LEU D 490 -14.26 7.34 -13.53
CA LEU D 490 -14.96 6.39 -14.38
C LEU D 490 -15.45 7.03 -15.66
N MET D 491 -15.93 8.27 -15.60
CA MET D 491 -16.23 8.98 -16.85
C MET D 491 -14.97 9.30 -17.61
N ARG D 492 -13.85 9.48 -16.91
CA ARG D 492 -12.58 9.51 -17.60
C ARG D 492 -12.24 8.14 -18.16
N PHE D 493 -12.61 7.07 -17.47
CA PHE D 493 -12.44 5.74 -18.03
C PHE D 493 -13.39 5.52 -19.19
N CYS D 494 -14.61 6.05 -19.08
CA CYS D 494 -15.62 5.77 -20.09
C CYS D 494 -15.33 6.52 -21.39
N TRP D 495 -14.50 7.56 -21.35
CA TRP D 495 -13.89 8.03 -22.58
C TRP D 495 -13.08 6.91 -23.24
N LEU D 496 -12.20 6.30 -22.46
CA LEU D 496 -11.29 5.32 -23.01
C LEU D 496 -12.03 4.04 -23.35
N MET D 497 -13.08 3.73 -22.62
CA MET D 497 -13.70 2.44 -22.85
C MET D 497 -14.64 2.50 -24.02
N ALA D 498 -15.22 3.66 -24.29
CA ALA D 498 -16.21 3.74 -25.35
C ALA D 498 -15.60 3.73 -26.74
N VAL D 499 -14.29 3.58 -26.86
CA VAL D 499 -13.71 3.51 -28.19
C VAL D 499 -13.09 2.15 -28.43
N VAL D 500 -12.66 1.48 -27.36
CA VAL D 500 -12.13 0.15 -27.53
C VAL D 500 -13.26 -0.84 -27.79
N ILE D 501 -14.48 -0.45 -27.44
CA ILE D 501 -15.61 -1.27 -27.80
C ILE D 501 -15.91 -1.19 -29.29
N LEU D 502 -15.92 0.02 -29.85
CA LEU D 502 -16.49 0.27 -31.17
C LEU D 502 -15.73 -0.42 -32.27
N GLY D 503 -14.46 -0.72 -32.04
CA GLY D 503 -13.71 -1.55 -32.95
C GLY D 503 -14.33 -2.91 -33.02
N PHE D 504 -14.21 -3.66 -31.91
CA PHE D 504 -14.66 -5.04 -31.85
C PHE D 504 -16.14 -5.15 -32.14
N ALA D 505 -16.91 -4.18 -31.66
CA ALA D 505 -18.36 -4.22 -31.84
C ALA D 505 -18.72 -4.11 -33.30
N SER D 506 -18.12 -3.16 -34.00
CA SER D 506 -18.37 -3.10 -35.42
C SER D 506 -17.66 -4.23 -36.15
N ALA D 507 -16.52 -4.68 -35.62
CA ALA D 507 -15.84 -5.83 -36.20
C ALA D 507 -16.67 -7.08 -36.02
N PHE D 508 -17.34 -7.20 -34.88
CA PHE D 508 -18.32 -8.27 -34.76
C PHE D 508 -19.49 -8.03 -35.69
N TYR D 509 -19.83 -6.77 -35.92
CA TYR D 509 -21.01 -6.48 -36.73
C TYR D 509 -20.78 -6.83 -38.19
N ILE D 510 -19.58 -6.60 -38.70
CA ILE D 510 -19.37 -6.94 -40.09
C ILE D 510 -19.12 -8.42 -40.25
N ILE D 511 -18.60 -9.06 -39.21
CA ILE D 511 -18.20 -10.45 -39.35
C ILE D 511 -19.40 -11.36 -39.22
N PHE D 512 -20.50 -10.82 -38.74
CA PHE D 512 -21.72 -11.57 -38.62
C PHE D 512 -22.84 -11.02 -39.47
N GLN D 513 -22.55 -10.00 -40.28
CA GLN D 513 -23.38 -9.74 -41.43
C GLN D 513 -23.39 -10.94 -42.36
N THR D 514 -22.27 -11.63 -42.47
CA THR D 514 -22.17 -12.82 -43.30
C THR D 514 -23.11 -13.91 -42.81
N GLU D 515 -23.28 -14.01 -41.51
CA GLU D 515 -23.97 -15.15 -40.93
C GLU D 515 -25.44 -14.85 -40.72
N ASP D 516 -26.23 -15.93 -40.73
CA ASP D 516 -27.66 -15.86 -40.46
C ASP D 516 -27.88 -15.41 -39.03
N PRO D 517 -28.70 -14.38 -38.80
CA PRO D 517 -29.08 -14.02 -37.44
C PRO D 517 -30.22 -14.83 -36.88
N GLU D 518 -30.60 -15.95 -37.48
CA GLU D 518 -31.62 -16.78 -36.87
C GLU D 518 -31.08 -17.49 -35.63
N GLU D 519 -30.10 -18.36 -35.80
CA GLU D 519 -29.26 -18.77 -34.69
C GLU D 519 -28.13 -17.76 -34.62
N LEU D 520 -27.51 -17.66 -33.44
CA LEU D 520 -26.41 -16.72 -33.15
C LEU D 520 -26.85 -15.30 -33.49
N GLY D 521 -27.87 -14.84 -32.81
CA GLY D 521 -28.52 -13.64 -33.27
C GLY D 521 -28.20 -12.44 -32.43
N HIS D 522 -27.02 -12.37 -31.84
CA HIS D 522 -26.68 -11.23 -31.03
C HIS D 522 -26.47 -9.98 -31.85
N PHE D 523 -26.13 -10.12 -33.13
CA PHE D 523 -25.55 -9.03 -33.88
C PHE D 523 -26.29 -8.85 -35.19
N TYR D 524 -27.63 -8.88 -35.15
CA TYR D 524 -28.39 -8.79 -36.38
C TYR D 524 -28.39 -7.39 -36.97
N ASP D 525 -28.15 -6.38 -36.16
CA ASP D 525 -27.99 -5.04 -36.67
C ASP D 525 -27.02 -4.28 -35.77
N TYR D 526 -26.52 -3.20 -36.30
CA TYR D 526 -25.51 -2.36 -35.67
C TYR D 526 -25.87 -1.74 -34.32
N PRO D 527 -27.09 -1.20 -34.08
CA PRO D 527 -27.32 -0.57 -32.76
C PRO D 527 -27.31 -1.54 -31.62
N MET D 528 -27.83 -2.75 -31.81
CA MET D 528 -27.76 -3.70 -30.72
C MET D 528 -26.39 -4.33 -30.66
N ALA D 529 -25.64 -4.25 -31.75
CA ALA D 529 -24.30 -4.80 -31.79
C ALA D 529 -23.36 -4.07 -30.87
N LEU D 530 -23.54 -2.77 -30.71
CA LEU D 530 -22.80 -2.04 -29.69
C LEU D 530 -23.18 -2.50 -28.30
N PHE D 531 -24.48 -2.50 -28.00
CA PHE D 531 -24.97 -2.85 -26.67
C PHE D 531 -24.62 -4.26 -26.28
N SER D 532 -24.76 -5.20 -27.21
CA SER D 532 -24.42 -6.57 -26.92
C SER D 532 -22.93 -6.75 -26.73
N THR D 533 -22.13 -5.94 -27.40
CA THR D 533 -20.71 -5.95 -27.11
C THR D 533 -20.43 -5.30 -25.77
N PHE D 534 -21.18 -4.25 -25.45
CA PHE D 534 -20.97 -3.50 -24.22
C PHE D 534 -21.20 -4.35 -22.99
N GLU D 535 -22.29 -5.07 -22.97
CA GLU D 535 -22.55 -5.97 -21.86
C GLU D 535 -21.68 -7.21 -21.94
N LEU D 536 -21.16 -7.54 -23.11
CA LEU D 536 -20.13 -8.55 -23.19
C LEU D 536 -18.83 -8.04 -22.60
N PHE D 537 -18.59 -6.75 -22.70
CA PHE D 537 -17.36 -6.18 -22.19
C PHE D 537 -17.24 -6.33 -20.69
N LEU D 538 -18.33 -6.17 -19.96
CA LEU D 538 -18.29 -6.39 -18.51
C LEU D 538 -18.49 -7.84 -18.14
N THR D 539 -18.31 -8.76 -19.11
CA THR D 539 -18.33 -10.21 -18.93
C THR D 539 -19.66 -10.68 -18.33
N ILE D 540 -20.71 -9.97 -18.69
CA ILE D 540 -22.03 -10.27 -18.18
C ILE D 540 -22.75 -11.28 -19.07
N ILE D 541 -22.90 -10.52 -20.41
CA ILE D 541 -23.51 -11.52 -21.28
C ILE D 541 -22.55 -12.69 -21.43
N ASP D 542 -23.09 -13.82 -21.87
CA ASP D 542 -22.40 -15.10 -21.86
C ASP D 542 -21.24 -15.15 -22.83
N GLY D 543 -21.19 -14.25 -23.80
CA GLY D 543 -20.21 -14.37 -24.85
C GLY D 543 -20.83 -15.23 -25.92
N PRO D 544 -21.08 -14.66 -27.08
CA PRO D 544 -21.93 -15.32 -28.08
C PRO D 544 -21.29 -16.55 -28.71
N ALA D 545 -21.89 -18.16 -28.75
CA ALA D 545 -21.31 -19.36 -29.31
C ALA D 545 -22.43 -20.37 -29.49
N ASN D 546 -22.71 -20.74 -30.73
CA ASN D 546 -23.79 -21.70 -30.95
C ASN D 546 -23.39 -23.10 -30.56
N TYR D 547 -22.21 -23.53 -31.03
CA TYR D 547 -21.68 -24.88 -30.88
C TYR D 547 -22.56 -25.93 -31.51
N ASN D 548 -23.43 -25.52 -32.42
CA ASN D 548 -24.29 -26.40 -33.18
C ASN D 548 -23.96 -26.31 -34.66
N VAL D 549 -23.51 -25.14 -35.08
CA VAL D 549 -23.07 -24.91 -36.44
C VAL D 549 -21.61 -24.49 -36.37
N ASP D 550 -21.03 -24.21 -37.53
CA ASP D 550 -19.71 -23.61 -37.56
C ASP D 550 -19.83 -22.09 -37.47
N LEU D 551 -18.83 -21.46 -36.89
CA LEU D 551 -18.63 -20.03 -36.79
C LEU D 551 -17.53 -19.59 -37.74
N PRO D 552 -17.60 -18.37 -38.27
CA PRO D 552 -16.56 -17.91 -39.19
C PRO D 552 -15.24 -17.69 -38.50
N PHE D 553 -14.18 -17.66 -39.30
CA PHE D 553 -12.87 -18.02 -38.79
C PHE D 553 -12.28 -16.89 -37.95
N MET D 554 -12.42 -15.65 -38.41
CA MET D 554 -11.88 -14.55 -37.62
C MET D 554 -12.73 -14.22 -36.41
N TYR D 555 -13.92 -14.81 -36.27
CA TYR D 555 -14.63 -14.66 -35.00
C TYR D 555 -13.84 -15.25 -33.87
N SER D 556 -13.24 -16.41 -34.11
CA SER D 556 -12.64 -17.21 -33.06
C SER D 556 -11.41 -16.56 -32.47
N ILE D 557 -10.77 -15.65 -33.20
CA ILE D 557 -9.62 -14.97 -32.61
C ILE D 557 -9.99 -13.58 -32.15
N THR D 558 -10.90 -12.91 -32.85
CA THR D 558 -11.15 -11.52 -32.53
C THR D 558 -11.92 -11.40 -31.23
N TYR D 559 -12.82 -12.33 -31.00
CA TYR D 559 -13.44 -12.46 -29.70
C TYR D 559 -12.42 -12.77 -28.63
N ALA D 560 -11.44 -13.62 -28.95
CA ALA D 560 -10.33 -13.82 -28.03
C ALA D 560 -9.50 -12.57 -27.92
N ALA D 561 -9.32 -11.86 -29.03
CA ALA D 561 -8.63 -10.58 -28.98
C ALA D 561 -9.43 -9.53 -28.24
N PHE D 562 -10.74 -9.74 -28.11
CA PHE D 562 -11.48 -8.91 -27.18
C PHE D 562 -11.29 -9.39 -25.75
N ALA D 563 -11.05 -10.68 -25.59
CA ALA D 563 -11.00 -11.22 -24.23
C ALA D 563 -9.77 -10.77 -23.47
N ILE D 564 -8.60 -10.75 -24.11
CA ILE D 564 -7.39 -10.36 -23.40
C ILE D 564 -7.39 -8.86 -23.18
N ILE D 565 -8.18 -8.13 -23.95
CA ILE D 565 -8.42 -6.75 -23.55
C ILE D 565 -9.43 -6.70 -22.41
N ALA D 566 -10.43 -7.58 -22.42
CA ALA D 566 -11.44 -7.57 -21.37
C ALA D 566 -10.87 -7.97 -20.03
N THR D 567 -9.85 -8.81 -20.03
CA THR D 567 -9.16 -9.06 -18.77
C THR D 567 -8.09 -8.04 -18.49
N LEU D 568 -7.86 -7.09 -19.37
CA LEU D 568 -6.83 -6.11 -19.05
C LEU D 568 -7.42 -4.85 -18.46
N LEU D 569 -8.24 -4.13 -19.22
CA LEU D 569 -8.41 -2.74 -18.82
C LEU D 569 -9.46 -2.58 -17.73
N MET D 570 -10.42 -3.50 -17.62
CA MET D 570 -11.30 -3.40 -16.47
C MET D 570 -10.57 -3.90 -15.23
N LEU D 571 -9.59 -4.79 -15.44
CA LEU D 571 -8.67 -5.07 -14.36
C LEU D 571 -7.75 -3.88 -14.10
N ASN D 572 -7.41 -3.15 -15.15
CA ASN D 572 -6.66 -1.92 -14.93
C ASN D 572 -7.56 -0.86 -14.31
N LEU D 573 -8.85 -0.87 -14.67
CA LEU D 573 -9.81 0.02 -14.03
C LEU D 573 -9.98 -0.32 -12.57
N LEU D 574 -9.86 -1.60 -12.22
CA LEU D 574 -9.85 -2.01 -10.83
C LEU D 574 -8.70 -1.36 -10.07
N ILE D 575 -7.58 -1.18 -10.73
CA ILE D 575 -6.45 -0.62 -10.02
C ILE D 575 -6.34 0.87 -10.32
N ALA D 576 -7.12 1.37 -11.27
CA ALA D 576 -7.33 2.81 -11.39
C ALA D 576 -7.97 3.37 -10.14
N MET D 577 -8.79 2.56 -9.48
CA MET D 577 -9.38 2.91 -8.21
C MET D 577 -8.30 3.08 -7.14
N MET D 578 -7.24 2.27 -7.20
CA MET D 578 -6.32 2.15 -6.08
C MET D 578 -5.36 3.33 -6.02
N GLY D 579 -4.90 3.81 -7.18
CA GLY D 579 -4.02 4.97 -7.21
C GLY D 579 -4.66 6.22 -6.69
N ASP D 580 -5.98 6.30 -6.73
CA ASP D 580 -6.70 7.30 -5.96
C ASP D 580 -6.92 6.87 -4.52
N THR D 581 -7.09 5.57 -4.26
CA THR D 581 -7.45 5.11 -2.93
C THR D 581 -6.29 5.21 -1.93
N HIS D 582 -5.05 5.11 -2.39
CA HIS D 582 -3.94 5.44 -1.51
C HIS D 582 -3.87 6.93 -1.22
N TRP D 583 -4.38 7.75 -2.14
CA TRP D 583 -4.50 9.18 -1.87
C TRP D 583 -5.72 9.49 -1.02
N ARG D 584 -6.65 8.53 -0.92
CA ARG D 584 -7.83 8.54 -0.07
C ARG D 584 -7.50 8.18 1.37
N VAL D 585 -8.43 7.47 2.02
CA VAL D 585 -8.69 7.26 3.44
C VAL D 585 -7.49 7.32 4.38
N ALA D 586 -6.33 6.83 3.94
CA ALA D 586 -5.09 6.97 4.69
C ALA D 586 -4.73 8.45 4.87
N HIS D 587 -5.15 9.31 3.94
CA HIS D 587 -4.85 10.73 4.10
C HIS D 587 -6.06 11.66 4.11
N GLU D 588 -6.91 11.69 3.07
CA GLU D 588 -7.86 12.80 3.02
C GLU D 588 -9.27 12.53 2.53
N ARG D 589 -9.88 11.39 2.81
CA ARG D 589 -11.34 11.35 2.61
C ARG D 589 -12.07 11.75 3.87
N ASP D 590 -11.47 11.49 5.04
CA ASP D 590 -12.14 11.76 6.32
C ASP D 590 -12.41 13.23 6.53
N GLU D 591 -11.52 14.09 6.04
CA GLU D 591 -11.83 15.51 6.05
C GLU D 591 -12.91 15.84 5.04
N LEU D 592 -12.90 15.17 3.89
CA LEU D 592 -13.89 15.46 2.86
C LEU D 592 -15.28 15.01 3.30
N TRP D 593 -15.33 14.04 4.20
CA TRP D 593 -16.61 13.65 4.79
C TRP D 593 -17.18 14.77 5.64
N ARG D 594 -16.39 15.28 6.58
CA ARG D 594 -16.92 16.36 7.41
C ARG D 594 -16.90 17.70 6.69
N ALA D 595 -16.14 17.81 5.61
CA ALA D 595 -16.36 18.96 4.74
C ALA D 595 -17.69 18.84 4.04
N GLN D 596 -18.10 17.62 3.74
CA GLN D 596 -19.41 17.44 3.11
C GLN D 596 -20.52 17.65 4.13
N ILE D 597 -20.26 17.35 5.39
CA ILE D 597 -21.33 17.42 6.38
C ILE D 597 -21.67 18.86 6.70
N VAL D 598 -20.76 19.81 6.44
CA VAL D 598 -21.10 21.17 6.77
C VAL D 598 -21.67 21.86 5.56
N ALA D 599 -21.39 21.35 4.36
CA ALA D 599 -22.11 21.78 3.18
C ALA D 599 -23.57 21.42 3.27
N THR D 600 -23.88 20.31 3.95
CA THR D 600 -25.24 20.07 4.36
C THR D 600 -25.70 21.12 5.34
N THR D 601 -24.83 21.47 6.30
CA THR D 601 -25.25 22.14 7.51
C THR D 601 -25.76 23.54 7.25
N VAL D 602 -25.01 24.35 6.50
CA VAL D 602 -25.47 25.70 6.23
C VAL D 602 -26.62 25.68 5.24
N MET D 603 -26.71 24.62 4.43
CA MET D 603 -27.74 24.65 3.41
C MET D 603 -29.11 24.27 3.96
N LEU D 604 -29.18 23.33 4.90
CA LEU D 604 -30.49 23.13 5.48
C LEU D 604 -30.77 24.19 6.54
N GLU D 605 -29.72 24.83 7.05
CA GLU D 605 -29.92 26.04 7.85
C GLU D 605 -30.59 27.13 7.03
N ARG D 606 -30.18 27.25 5.76
CA ARG D 606 -30.72 28.28 4.92
C ARG D 606 -32.14 27.93 4.46
N LYS D 607 -32.31 26.72 3.92
CA LYS D 607 -33.57 26.39 3.27
C LYS D 607 -34.68 26.15 4.28
N LEU D 608 -34.37 25.52 5.41
CA LEU D 608 -35.36 25.44 6.48
C LEU D 608 -35.39 26.78 7.19
N PRO D 609 -36.55 27.43 7.31
CA PRO D 609 -36.63 28.70 8.00
C PRO D 609 -36.55 28.54 9.51
N ARG D 610 -36.85 29.63 10.21
CA ARG D 610 -36.68 29.67 11.65
C ARG D 610 -37.78 28.95 12.40
N CYS D 611 -37.85 29.19 13.71
CA CYS D 611 -38.82 28.68 14.69
C CYS D 611 -38.80 27.16 14.81
N LEU D 612 -37.78 26.52 14.25
CA LEU D 612 -37.44 25.15 14.61
C LEU D 612 -35.95 24.98 14.83
N TRP D 613 -35.11 25.76 14.17
CA TRP D 613 -33.68 25.76 14.48
C TRP D 613 -33.48 26.90 15.46
N PRO D 614 -32.93 26.65 16.65
CA PRO D 614 -32.34 27.73 17.41
C PRO D 614 -30.87 27.87 17.06
N ARG D 615 -30.46 29.10 16.75
CA ARG D 615 -29.12 29.31 16.23
C ARG D 615 -28.07 29.00 17.29
N SER D 616 -26.90 28.61 16.81
CA SER D 616 -25.98 27.84 17.62
C SER D 616 -25.28 28.70 18.65
N GLY D 617 -24.78 28.05 19.69
CA GLY D 617 -24.05 28.73 20.73
C GLY D 617 -24.97 29.45 21.71
N ILE D 618 -24.37 29.93 22.78
CA ILE D 618 -25.14 30.66 23.76
C ILE D 618 -25.28 32.11 23.32
N CYS D 619 -26.46 32.65 23.52
CA CYS D 619 -26.70 34.07 23.32
C CYS D 619 -26.02 34.89 24.40
N GLY D 620 -25.60 36.10 24.03
CA GLY D 620 -25.09 37.05 24.99
C GLY D 620 -26.20 37.82 25.65
N ARG D 621 -25.99 39.13 25.85
CA ARG D 621 -27.01 40.15 26.11
C ARG D 621 -27.61 40.04 27.52
N GLU D 622 -27.30 38.96 28.23
CA GLU D 622 -27.69 38.83 29.61
C GLU D 622 -26.50 38.79 30.54
N TYR D 623 -25.30 38.87 29.99
CA TYR D 623 -24.10 38.55 30.75
C TYR D 623 -23.01 39.57 30.48
N GLY D 624 -23.38 40.83 30.27
CA GLY D 624 -22.40 41.85 29.99
C GLY D 624 -21.74 41.73 28.64
N LEU D 625 -22.40 41.05 27.70
CA LEU D 625 -21.79 40.75 26.42
C LEU D 625 -22.50 41.40 25.24
N GLY D 626 -23.81 41.56 25.33
CA GLY D 626 -24.54 42.24 24.28
C GLY D 626 -25.00 41.32 23.17
N ASP D 627 -25.12 41.87 21.97
CA ASP D 627 -25.73 41.16 20.85
C ASP D 627 -24.88 40.00 20.35
N ARG D 628 -23.59 39.97 20.68
CA ARG D 628 -22.75 38.87 20.26
C ARG D 628 -23.14 37.60 20.99
N TRP D 629 -23.35 36.54 20.22
CA TRP D 629 -23.59 35.22 20.79
C TRP D 629 -22.28 34.48 20.86
N PHE D 630 -22.16 33.56 21.81
CA PHE D 630 -20.86 32.98 22.07
C PHE D 630 -20.94 31.46 22.12
N LEU D 631 -19.76 30.86 22.24
CA LEU D 631 -19.61 29.41 22.37
C LEU D 631 -18.30 29.13 23.10
N ARG D 632 -18.37 28.22 24.06
CA ARG D 632 -17.23 27.84 24.87
C ARG D 632 -16.87 26.38 24.64
N VAL D 633 -15.70 26.01 25.15
CA VAL D 633 -15.25 24.62 25.12
C VAL D 633 -14.27 24.44 26.26
N GLU D 634 -14.20 23.22 26.77
CA GLU D 634 -13.14 22.85 27.69
C GLU D 634 -11.99 22.28 26.89
N ASP D 635 -10.92 21.93 27.58
CA ASP D 635 -9.78 21.29 26.94
C ASP D 635 -8.99 20.51 27.98
N ARG D 636 -7.79 20.11 27.60
CA ARG D 636 -6.77 19.71 28.56
C ARG D 636 -5.40 19.92 27.95
N GLN D 637 -4.59 20.72 28.62
CA GLN D 637 -3.20 20.95 28.23
C GLN D 637 -2.29 19.86 28.79
N ASP D 638 -0.99 20.12 28.78
CA ASP D 638 0.03 19.20 29.28
C ASP D 638 -0.13 18.82 30.76
#